data_7C72
#
_entry.id   7C72
#
_cell.length_a   183.950
_cell.length_b   183.950
_cell.length_c   146.310
_cell.angle_alpha   90.000
_cell.angle_beta   90.000
_cell.angle_gamma   120.000
#
_symmetry.space_group_name_H-M   'P 63'
#
loop_
_entity.id
_entity.type
_entity.pdbx_description
1 polymer 'Prolyl oligopeptidase'
2 non-polymer GLYCEROL
3 non-polymer D-MALATE
#
_entity_poly.entity_id   1
_entity_poly.type   'polypeptide(L)'
_entity_poly.pdbx_seq_one_letter_code
;MGSSHHHHHHSSGLVPAGSHMTARATLPYGSWPSPISAADVARARLRLSFPTVAGDDVWWQETRPEEDGRTTVIHLRGGH
RTELLQAPWDARTRVHEYGGRSYLPIRTAEGWSVVFSNYDDQRLHRLDEGDPKPYPLTPLPAVPAGLRYADYVLSPDGTE
VWCVCEGHIAAPPEPPPAEGEEGAPASEEPAVTGIRRAIVAIPLDGRAAEDAGAIRELVAGAQFYASPAPSPGGGHLAWV
QWNHPRMPWDGTEVRVAAVEDGRTVAPRTVKGGLKESALAPLWRDEESLYVISDWPGWWNIYQVGLHGESPQALYPAEEE
FAGPLWQLGGMPYALLGDGRLAVLHGEGDLRLGVYDPETLDLVDLEVPYEHWATQLSADGTTVVGIGGGPDLPASVVRVD
TTTGRVEGLRRELAELPNVAYLSRPRAERLDGPFGRPVHAYVFPPTNPEAAAPEGELPPYVVFVHGGPTGRVSTVLDLER
VYFTSRGIGVIDVNYGGSTGYGRAYRERLRRQWGVVDVEDAIAAAQALVDGGIADPARLAIRGGSAGGWTTLAAITQTDV
FKAATSYFGISDLQSFAEATHDFESQYLFGLIGPLPGFERAYEERSPLRHADRTACPVLLLQGLNDPVVPPDQSERFALA
LADKKMPYAYLTFEGESHGFRKAGTVVRSLEAELAFYGQTLGFEPRGVEPINLTVG
;
_entity_poly.pdbx_strand_id   A,B
#
# COMPACT_ATOMS: atom_id res chain seq x y z
N ARG A 24 12.63 -15.78 -26.75
CA ARG A 24 13.90 -15.55 -26.05
C ARG A 24 15.13 -15.74 -26.90
N ALA A 25 16.29 -15.56 -26.26
CA ALA A 25 17.56 -16.00 -26.79
C ALA A 25 18.23 -16.89 -25.77
N THR A 26 19.35 -17.49 -26.17
CA THR A 26 20.12 -18.42 -25.33
C THR A 26 21.58 -18.01 -25.39
N LEU A 27 22.09 -17.54 -24.27
CA LEU A 27 23.48 -17.17 -24.08
C LEU A 27 23.99 -17.91 -22.87
N PRO A 28 25.29 -18.09 -22.75
CA PRO A 28 25.82 -18.74 -21.55
C PRO A 28 25.66 -17.81 -20.36
N TYR A 29 25.35 -18.39 -19.20
CA TYR A 29 25.18 -17.58 -17.99
C TYR A 29 26.36 -16.63 -17.82
N GLY A 30 26.07 -15.45 -17.28
CA GLY A 30 27.07 -14.42 -17.10
C GLY A 30 27.22 -13.46 -18.26
N SER A 31 26.98 -13.92 -19.47
CA SER A 31 27.09 -13.09 -20.66
C SER A 31 25.82 -12.32 -20.98
N TRP A 32 24.75 -12.49 -20.19
CA TRP A 32 23.48 -11.88 -20.52
C TRP A 32 23.57 -10.36 -20.63
N PRO A 33 22.72 -9.75 -21.50
CA PRO A 33 22.63 -8.28 -21.57
C PRO A 33 21.51 -7.74 -20.70
N SER A 34 21.81 -6.70 -19.93
CA SER A 34 20.90 -6.23 -18.91
C SER A 34 20.78 -4.72 -18.95
N PRO A 35 19.56 -4.20 -18.70
CA PRO A 35 19.36 -2.74 -18.68
C PRO A 35 19.86 -2.05 -17.43
N ILE A 36 19.99 -2.75 -16.30
CA ILE A 36 20.51 -2.14 -15.08
C ILE A 36 22.01 -1.93 -15.24
N SER A 37 22.44 -0.68 -15.19
CA SER A 37 23.85 -0.35 -15.36
C SER A 37 24.44 -0.01 -14.02
N ALA A 38 25.76 -0.16 -13.92
CA ALA A 38 26.41 0.21 -12.67
C ALA A 38 26.00 1.62 -12.27
N ALA A 39 25.89 2.53 -13.25
CA ALA A 39 25.48 3.90 -12.97
C ALA A 39 24.06 3.94 -12.41
N ASP A 40 23.17 3.07 -12.91
CA ASP A 40 21.82 3.03 -12.38
C ASP A 40 21.83 2.67 -10.90
N VAL A 41 22.65 1.69 -10.53
CA VAL A 41 22.80 1.31 -9.13
C VAL A 41 23.38 2.47 -8.32
N ALA A 42 24.39 3.17 -8.85
CA ALA A 42 25.01 4.28 -8.13
C ALA A 42 24.04 5.41 -7.88
N ARG A 43 23.25 5.76 -8.90
CA ARG A 43 22.32 6.87 -8.77
C ARG A 43 21.21 6.56 -7.77
N ALA A 44 20.94 5.28 -7.48
CA ALA A 44 19.84 4.89 -6.61
C ALA A 44 20.24 4.75 -5.16
N ARG A 45 21.45 5.17 -4.81
CA ARG A 45 21.99 5.03 -3.45
C ARG A 45 21.75 6.33 -2.69
N LEU A 46 20.45 6.61 -2.53
CA LEU A 46 19.95 7.81 -1.86
C LEU A 46 19.95 7.73 -0.34
N ARG A 47 19.80 6.54 0.23
CA ARG A 47 19.94 6.40 1.68
C ARG A 47 18.80 7.10 2.42
N LEU A 48 17.56 6.90 1.94
CA LEU A 48 16.42 7.52 2.59
C LEU A 48 16.33 7.07 4.05
N SER A 49 16.32 8.05 4.96
CA SER A 49 16.47 7.75 6.36
C SER A 49 15.87 8.86 7.22
N PHE A 50 15.35 8.45 8.40
CA PHE A 50 14.91 9.27 9.53
C PHE A 50 13.83 10.28 9.18
N PRO A 51 12.66 9.82 8.75
CA PRO A 51 11.55 10.76 8.52
C PRO A 51 11.04 11.36 9.82
N THR A 52 10.52 12.57 9.71
CA THR A 52 9.85 13.26 10.81
C THR A 52 8.50 13.73 10.29
N VAL A 53 7.49 13.77 11.16
CA VAL A 53 6.15 14.20 10.77
C VAL A 53 5.57 15.09 11.85
N ALA A 54 5.11 16.27 11.48
CA ALA A 54 4.38 17.18 12.37
C ALA A 54 3.21 17.74 11.58
N GLY A 55 2.01 17.30 11.93
CA GLY A 55 0.83 17.72 11.19
C GLY A 55 0.92 17.29 9.73
N ASP A 56 0.78 18.25 8.82
CA ASP A 56 0.91 17.97 7.40
C ASP A 56 2.32 18.24 6.85
N ASP A 57 3.30 18.47 7.73
CA ASP A 57 4.69 18.67 7.34
C ASP A 57 5.47 17.37 7.52
N VAL A 58 6.19 16.96 6.49
CA VAL A 58 7.09 15.81 6.61
C VAL A 58 8.51 16.24 6.29
N TRP A 59 9.47 15.57 6.92
CA TRP A 59 10.88 15.85 6.72
C TRP A 59 11.56 14.50 6.55
N TRP A 60 12.66 14.46 5.79
CA TRP A 60 13.47 13.24 5.79
C TRP A 60 14.87 13.59 5.32
N GLN A 61 15.74 12.59 5.32
CA GLN A 61 17.15 12.80 5.07
C GLN A 61 17.48 12.05 3.78
N GLU A 62 18.11 12.74 2.82
CA GLU A 62 18.49 12.11 1.55
C GLU A 62 19.94 12.40 1.23
N THR A 63 20.66 11.36 0.84
CA THR A 63 22.03 11.52 0.34
C THR A 63 22.02 11.56 -1.17
N ARG A 64 22.74 12.53 -1.73
CA ARG A 64 22.78 12.82 -3.16
C ARG A 64 24.05 12.21 -3.73
N PRO A 65 23.99 11.03 -4.33
CA PRO A 65 25.22 10.36 -4.77
C PRO A 65 25.98 11.08 -5.87
N GLU A 66 25.32 11.87 -6.72
CA GLU A 66 26.04 12.57 -7.78
C GLU A 66 26.46 13.98 -7.39
N GLU A 67 26.43 14.31 -6.10
CA GLU A 67 26.96 15.56 -5.55
C GLU A 67 28.00 15.28 -4.48
N ASP A 68 28.87 14.29 -4.70
CA ASP A 68 29.90 13.88 -3.75
C ASP A 68 29.30 13.23 -2.51
N GLY A 69 28.17 12.56 -2.67
CA GLY A 69 27.60 11.86 -1.54
C GLY A 69 27.22 12.71 -0.36
N ARG A 70 26.99 14.01 -0.56
CA ARG A 70 26.55 14.84 0.54
C ARG A 70 25.09 14.55 0.91
N THR A 71 24.78 14.69 2.19
CA THR A 71 23.45 14.45 2.72
C THR A 71 22.73 15.78 2.97
N THR A 72 21.46 15.84 2.60
CA THR A 72 20.63 17.02 2.75
C THR A 72 19.32 16.63 3.42
N VAL A 73 18.60 17.64 3.93
CA VAL A 73 17.31 17.41 4.57
C VAL A 73 16.23 17.95 3.64
N ILE A 74 15.16 17.19 3.49
CA ILE A 74 14.06 17.53 2.59
C ILE A 74 12.79 17.74 3.39
N HIS A 75 12.07 18.79 3.00
CA HIS A 75 10.80 19.15 3.58
C HIS A 75 9.71 18.93 2.54
N LEU A 76 8.60 18.36 2.97
CA LEU A 76 7.48 18.01 2.12
C LEU A 76 6.20 18.59 2.72
N ARG A 77 5.48 19.38 1.94
CA ARG A 77 4.15 19.80 2.34
C ARG A 77 3.28 19.90 1.09
N GLY A 78 2.09 19.32 1.16
CA GLY A 78 1.17 19.37 0.03
C GLY A 78 1.75 19.00 -1.32
N GLY A 79 2.68 18.06 -1.35
CA GLY A 79 3.27 17.59 -2.58
C GLY A 79 4.48 18.36 -3.04
N HIS A 80 4.65 19.60 -2.58
CA HIS A 80 5.86 20.36 -2.85
C HIS A 80 6.95 19.90 -1.89
N ARG A 81 8.07 19.44 -2.42
CA ARG A 81 9.21 18.92 -1.64
C ARG A 81 10.47 19.71 -1.96
N THR A 82 10.96 20.46 -0.97
CA THR A 82 12.04 21.43 -1.11
C THR A 82 13.27 21.03 -0.29
N GLU A 83 14.43 21.34 -0.86
CA GLU A 83 15.76 20.97 -0.37
C GLU A 83 16.30 22.10 0.50
N LEU A 84 16.48 21.84 1.79
CA LEU A 84 16.89 22.89 2.73
C LEU A 84 18.38 23.24 2.67
N LEU A 85 19.25 22.26 2.50
CA LEU A 85 20.71 22.44 2.59
C LEU A 85 21.32 22.42 1.19
N GLN A 86 21.75 23.59 0.71
CA GLN A 86 22.35 23.69 -0.61
C GLN A 86 23.79 23.13 -0.59
N ALA A 87 24.52 23.25 -1.70
CA ALA A 87 25.70 22.42 -1.92
C ALA A 87 26.77 22.44 -0.84
N PRO A 88 27.18 23.58 -0.27
CA PRO A 88 28.28 23.55 0.72
C PRO A 88 28.03 22.68 1.96
N TRP A 89 26.79 22.45 2.36
CA TRP A 89 26.48 21.84 3.64
C TRP A 89 26.17 20.35 3.49
N ASP A 90 26.21 19.67 4.62
CA ASP A 90 26.16 18.20 4.61
C ASP A 90 25.68 17.78 5.99
N ALA A 91 24.43 17.32 6.10
CA ALA A 91 23.84 17.03 7.40
C ALA A 91 24.20 15.60 7.76
N ARG A 92 25.22 15.46 8.60
CA ARG A 92 25.82 14.15 8.84
C ARG A 92 26.66 14.21 10.10
N THR A 93 26.19 13.56 11.16
CA THR A 93 26.97 13.60 12.37
C THR A 93 27.95 12.45 12.36
N ARG A 94 28.96 12.55 13.21
CA ARG A 94 29.96 11.51 13.27
C ARG A 94 30.09 10.86 14.65
N VAL A 95 29.10 11.03 15.51
CA VAL A 95 29.03 10.23 16.72
C VAL A 95 29.09 8.77 16.33
N HIS A 96 29.89 8.00 17.05
CA HIS A 96 30.11 6.58 16.78
C HIS A 96 30.57 6.32 15.35
N GLU A 97 30.97 7.36 14.63
CA GLU A 97 31.45 7.33 13.25
C GLU A 97 30.37 6.91 12.27
N TYR A 98 29.25 6.42 12.77
CA TYR A 98 28.15 6.00 11.92
C TYR A 98 26.99 6.98 11.97
N GLY A 99 26.91 7.79 13.03
CA GLY A 99 25.99 8.91 13.03
C GLY A 99 24.55 8.46 13.10
N GLY A 100 23.75 8.95 12.15
CA GLY A 100 22.31 8.72 12.12
C GLY A 100 21.54 9.98 11.78
N ARG A 101 20.45 10.20 12.51
CA ARG A 101 19.64 11.40 12.33
C ARG A 101 20.52 12.62 12.55
N SER A 102 20.65 13.47 11.52
CA SER A 102 21.49 14.66 11.59
C SER A 102 20.69 15.96 11.59
N TYR A 103 19.41 15.91 11.93
CA TYR A 103 18.64 17.13 11.90
C TYR A 103 17.48 16.99 12.89
N LEU A 104 16.98 18.14 13.32
CA LEU A 104 15.87 18.22 14.25
C LEU A 104 15.04 19.44 13.91
N PRO A 105 13.79 19.23 13.55
CA PRO A 105 12.93 20.36 13.17
C PRO A 105 12.29 20.95 14.41
N ILE A 106 12.47 22.25 14.57
CA ILE A 106 12.03 23.00 15.73
C ILE A 106 10.93 23.96 15.28
N ARG A 107 9.81 23.95 16.00
CA ARG A 107 8.67 24.78 15.64
C ARG A 107 8.86 26.15 16.27
N THR A 108 8.92 27.18 15.44
CA THR A 108 9.10 28.53 15.94
C THR A 108 7.91 29.36 15.50
N ALA A 109 7.71 30.49 16.17
CA ALA A 109 6.58 31.36 15.88
C ALA A 109 6.61 31.76 14.42
N GLU A 110 5.56 31.34 13.69
CA GLU A 110 5.48 31.48 12.24
C GLU A 110 6.75 30.95 11.55
N GLY A 111 6.93 29.63 11.70
CA GLY A 111 7.71 28.86 10.76
C GLY A 111 8.36 27.67 11.43
N TRP A 112 9.24 27.02 10.66
CA TRP A 112 10.02 25.86 11.09
C TRP A 112 11.53 26.11 11.00
N SER A 113 12.19 26.26 12.14
CA SER A 113 13.65 26.21 12.15
C SER A 113 14.11 24.76 12.17
N VAL A 114 15.38 24.54 11.81
CA VAL A 114 15.96 23.21 11.76
C VAL A 114 17.42 23.25 12.21
N VAL A 115 17.80 22.39 13.17
CA VAL A 115 19.19 22.26 13.57
C VAL A 115 19.75 21.01 12.90
N PHE A 116 21.05 21.04 12.59
CA PHE A 116 21.68 19.89 11.93
C PHE A 116 23.17 19.83 12.25
N SER A 117 23.79 18.71 11.93
CA SER A 117 25.21 18.52 12.15
C SER A 117 25.89 18.63 10.80
N ASN A 118 26.82 19.58 10.68
CA ASN A 118 27.54 19.77 9.43
C ASN A 118 28.73 18.82 9.40
N TYR A 119 28.86 18.07 8.31
CA TYR A 119 29.88 17.03 8.27
C TYR A 119 31.27 17.60 8.56
N ASP A 120 31.72 18.57 7.73
CA ASP A 120 33.14 18.96 7.67
C ASP A 120 33.69 19.45 9.02
N ASP A 121 32.89 20.16 9.82
CA ASP A 121 33.37 20.70 11.09
C ASP A 121 32.67 20.08 12.30
N GLN A 122 31.63 19.30 12.09
CA GLN A 122 30.85 18.59 13.07
C GLN A 122 30.06 19.51 13.99
N ARG A 123 30.21 20.85 13.85
CA ARG A 123 29.43 21.79 14.63
C ARG A 123 27.94 21.66 14.33
N LEU A 124 27.13 21.94 15.35
CA LEU A 124 25.69 21.95 15.18
C LEU A 124 25.25 23.34 14.70
N HIS A 125 24.67 23.40 13.51
CA HIS A 125 24.20 24.64 12.90
C HIS A 125 22.68 24.72 12.91
N ARG A 126 22.17 25.96 12.88
CA ARG A 126 20.73 26.25 12.85
C ARG A 126 20.34 26.98 11.57
N LEU A 127 19.12 26.70 11.09
CA LEU A 127 18.61 27.20 9.82
C LEU A 127 17.15 27.60 9.95
N ASP A 128 16.82 28.83 9.56
CA ASP A 128 15.48 29.37 9.75
C ASP A 128 14.79 29.56 8.41
N GLU A 129 13.60 28.98 8.25
CA GLU A 129 12.84 29.22 7.03
C GLU A 129 12.57 30.71 6.93
N GLY A 130 13.13 31.33 5.88
CA GLY A 130 13.16 32.77 5.77
C GLY A 130 14.57 33.33 5.72
N ASP A 131 15.57 32.48 5.94
CA ASP A 131 16.99 32.80 5.94
C ASP A 131 17.71 31.61 5.33
N PRO A 132 18.42 31.80 4.22
CA PRO A 132 19.13 30.68 3.57
C PRO A 132 20.48 30.35 4.17
N LYS A 133 20.96 31.13 5.13
CA LYS A 133 22.31 30.93 5.67
C LYS A 133 22.23 30.31 7.05
N PRO A 134 22.68 29.08 7.23
CA PRO A 134 22.72 28.48 8.57
C PRO A 134 23.90 29.00 9.37
N TYR A 135 23.74 29.03 10.68
CA TYR A 135 24.72 29.56 11.61
C TYR A 135 24.99 28.62 12.76
N PRO A 136 26.16 28.71 13.37
CA PRO A 136 26.55 27.77 14.43
C PRO A 136 25.91 28.04 15.77
N LEU A 137 25.81 26.97 16.57
CA LEU A 137 25.37 27.04 17.94
C LEU A 137 26.39 26.49 18.93
N THR A 138 27.35 25.69 18.46
CA THR A 138 28.44 25.10 19.25
C THR A 138 29.78 25.71 18.86
N PRO A 139 30.77 25.61 19.74
CA PRO A 139 32.09 26.21 19.46
C PRO A 139 32.86 25.44 18.39
N LEU A 140 33.97 26.03 17.94
CA LEU A 140 34.94 25.27 17.15
C LEU A 140 35.71 24.29 18.01
N PRO A 141 35.87 23.05 17.57
CA PRO A 141 36.54 22.05 18.38
C PRO A 141 38.03 22.31 18.47
N ALA A 142 38.65 21.68 19.46
CA ALA A 142 40.10 21.78 19.65
C ALA A 142 40.83 21.05 18.54
N VAL A 143 40.48 19.79 18.32
CA VAL A 143 40.93 19.01 17.16
C VAL A 143 39.81 19.13 16.12
N PRO A 144 40.08 18.86 14.83
CA PRO A 144 39.12 19.18 13.76
C PRO A 144 37.65 18.81 13.96
N ALA A 145 37.30 17.55 14.20
CA ALA A 145 35.88 17.23 14.41
C ALA A 145 35.64 16.74 15.83
N GLY A 146 36.42 17.27 16.79
CA GLY A 146 36.49 16.75 18.16
C GLY A 146 35.27 17.00 19.03
N LEU A 147 34.28 17.74 18.55
CA LEU A 147 32.98 17.85 19.19
C LEU A 147 31.93 17.41 18.19
N ARG A 148 31.06 16.47 18.60
CA ARG A 148 30.07 15.89 17.70
C ARG A 148 28.75 15.72 18.45
N TYR A 149 27.64 15.83 17.72
CA TYR A 149 26.32 15.86 18.36
C TYR A 149 25.38 14.91 17.64
N ALA A 150 24.44 14.32 18.40
CA ALA A 150 23.53 13.34 17.82
C ALA A 150 22.32 13.10 18.71
N ASP A 151 21.30 12.48 18.12
CA ASP A 151 20.09 12.03 18.83
C ASP A 151 19.36 13.21 19.51
N TYR A 152 19.24 14.33 18.78
CA TYR A 152 18.79 15.63 19.30
C TYR A 152 17.34 15.60 19.83
N VAL A 153 17.08 16.27 20.94
CA VAL A 153 15.70 16.42 21.40
C VAL A 153 15.49 17.84 21.89
N LEU A 154 14.26 18.31 21.77
CA LEU A 154 13.93 19.67 22.16
C LEU A 154 13.59 19.61 23.62
N SER A 155 14.15 20.52 24.40
CA SER A 155 13.97 20.48 25.83
C SER A 155 12.52 20.79 26.20
N PRO A 156 12.08 20.37 27.37
CA PRO A 156 10.66 20.55 27.73
C PRO A 156 10.16 22.00 27.67
N ASP A 157 11.04 23.02 27.67
CA ASP A 157 10.60 24.41 27.56
C ASP A 157 11.17 25.10 26.32
N GLY A 158 11.46 24.37 25.26
CA GLY A 158 12.21 25.01 24.18
C GLY A 158 13.58 25.43 24.69
N THR A 159 14.14 26.44 24.04
CA THR A 159 15.32 27.16 24.51
C THR A 159 16.51 26.28 24.81
N GLU A 160 16.49 25.02 24.37
CA GLU A 160 17.64 24.14 24.42
C GLU A 160 17.39 22.87 23.62
N VAL A 161 18.43 22.40 22.95
CA VAL A 161 18.45 21.09 22.33
C VAL A 161 19.22 20.17 23.26
N TRP A 162 18.61 19.08 23.68
CA TRP A 162 19.34 18.10 24.47
C TRP A 162 19.81 17.04 23.52
N CYS A 163 21.06 16.64 23.65
CA CYS A 163 21.59 15.72 22.66
C CYS A 163 22.79 15.00 23.25
N VAL A 164 23.20 13.93 22.56
CA VAL A 164 24.42 13.22 22.91
C VAL A 164 25.59 13.95 22.31
N CYS A 165 26.64 14.14 23.10
CA CYS A 165 27.84 14.84 22.70
C CYS A 165 29.02 13.89 22.84
N GLU A 166 29.86 13.88 21.79
CA GLU A 166 31.04 13.05 21.75
C GLU A 166 32.21 14.01 21.62
N GLY A 167 33.21 13.87 22.51
CA GLY A 167 34.33 14.79 22.58
C GLY A 167 35.66 14.07 22.41
N HIS A 168 36.46 14.51 21.43
CA HIS A 168 37.78 13.97 21.17
C HIS A 168 38.82 14.80 21.91
N ILE A 169 39.54 14.16 22.82
CA ILE A 169 40.43 14.86 23.75
C ILE A 169 41.78 15.06 23.08
N ALA A 170 42.27 16.30 23.07
CA ALA A 170 43.52 16.58 22.39
C ALA A 170 44.74 16.37 23.30
N ALA A 171 45.77 15.77 22.74
CA ALA A 171 47.01 15.60 23.48
C ALA A 171 47.55 16.98 23.88
N PRO A 172 48.27 17.07 24.98
CA PRO A 172 48.78 18.36 25.44
C PRO A 172 49.90 18.86 24.56
N PRO A 173 50.15 20.19 24.59
CA PRO A 173 51.24 20.97 23.97
C PRO A 173 52.65 20.58 24.44
N GLU A 189 48.33 20.36 14.64
CA GLU A 189 47.86 19.02 14.31
C GLU A 189 47.67 18.21 15.59
N PRO A 190 46.75 18.63 16.46
CA PRO A 190 46.61 17.97 17.77
C PRO A 190 46.24 16.50 17.65
N ALA A 191 47.09 15.64 18.20
CA ALA A 191 46.76 14.22 18.32
C ALA A 191 45.58 14.01 19.28
N VAL A 192 44.92 12.86 19.17
CA VAL A 192 43.79 12.53 20.02
C VAL A 192 44.13 11.34 20.91
N THR A 193 43.90 11.50 22.21
CA THR A 193 44.30 10.51 23.19
C THR A 193 43.14 9.91 23.95
N GLY A 194 41.91 10.39 23.77
CA GLY A 194 40.76 9.81 24.47
C GLY A 194 39.46 10.36 23.96
N ILE A 195 38.36 9.76 24.45
CA ILE A 195 36.99 10.17 24.13
C ILE A 195 36.20 10.42 25.41
N ARG A 196 35.46 11.52 25.45
CA ARG A 196 34.57 11.89 26.55
C ARG A 196 33.16 12.08 25.99
N ARG A 197 32.19 11.30 26.48
CA ARG A 197 30.80 11.48 26.03
C ARG A 197 29.90 11.96 27.16
N ALA A 198 28.79 12.60 26.77
CA ALA A 198 27.83 13.13 27.73
C ALA A 198 26.49 13.44 27.08
N ILE A 199 25.43 13.49 27.88
CA ILE A 199 24.18 14.09 27.41
C ILE A 199 24.21 15.55 27.80
N VAL A 200 23.94 16.42 26.84
CA VAL A 200 24.31 17.82 26.95
C VAL A 200 23.18 18.70 26.46
N ALA A 201 23.18 19.94 26.95
CA ALA A 201 22.15 20.92 26.65
C ALA A 201 22.78 22.09 25.91
N ILE A 202 22.28 22.36 24.69
CA ILE A 202 22.81 23.41 23.83
C ILE A 202 21.76 24.50 23.72
N PRO A 203 22.08 25.75 24.05
CA PRO A 203 21.10 26.84 23.92
C PRO A 203 20.84 27.21 22.46
N LEU A 204 19.55 27.37 22.11
CA LEU A 204 19.14 27.60 20.72
C LEU A 204 19.48 28.99 20.16
N ASP A 205 20.12 29.87 20.93
CA ASP A 205 20.34 31.24 20.50
C ASP A 205 21.80 31.55 20.18
N GLY A 206 22.59 30.53 19.86
CA GLY A 206 24.00 30.69 19.55
C GLY A 206 24.87 31.31 20.61
N ARG A 207 24.49 31.23 21.89
CA ARG A 207 25.41 31.70 22.90
C ARG A 207 26.61 30.79 23.03
N ALA A 208 26.55 29.59 22.49
CA ALA A 208 27.67 28.68 22.56
C ALA A 208 28.50 28.65 21.29
N ALA A 209 28.15 29.44 20.28
CA ALA A 209 28.98 29.50 19.08
C ALA A 209 30.43 29.80 19.42
N GLU A 210 30.65 30.64 20.43
CA GLU A 210 32.00 31.00 20.86
C GLU A 210 32.13 30.94 22.39
N ASP A 211 31.48 29.95 23.03
CA ASP A 211 31.66 29.74 24.46
C ASP A 211 31.22 28.33 24.80
N ALA A 212 32.18 27.44 25.07
CA ALA A 212 31.82 26.09 25.50
C ALA A 212 31.23 26.10 26.91
N GLY A 213 31.41 27.19 27.66
CA GLY A 213 30.82 27.29 28.97
C GLY A 213 29.33 27.52 28.96
N ALA A 214 28.73 27.61 27.77
CA ALA A 214 27.28 27.73 27.64
C ALA A 214 26.64 26.38 27.43
N ILE A 215 27.44 25.40 27.06
CA ILE A 215 26.97 24.03 26.94
C ILE A 215 27.04 23.42 28.33
N ARG A 216 25.97 22.71 28.72
CA ARG A 216 25.83 22.20 30.08
C ARG A 216 25.80 20.68 30.04
N GLU A 217 26.62 20.04 30.87
CA GLU A 217 26.57 18.59 30.99
C GLU A 217 25.40 18.17 31.87
N LEU A 218 24.40 17.48 31.28
CA LEU A 218 23.24 17.13 32.07
C LEU A 218 23.43 15.76 32.70
N VAL A 219 23.87 14.81 31.88
CA VAL A 219 24.18 13.44 32.27
C VAL A 219 25.61 13.16 31.83
N ALA A 220 26.46 12.70 32.73
CA ALA A 220 27.79 12.30 32.31
C ALA A 220 28.33 11.27 33.28
N GLY A 221 29.23 10.42 32.79
CA GLY A 221 29.82 9.44 33.67
C GLY A 221 29.94 8.05 33.09
N ALA A 222 29.24 7.82 31.98
CA ALA A 222 29.39 6.58 31.27
C ALA A 222 30.04 6.88 29.92
N GLN A 223 30.47 5.80 29.28
CA GLN A 223 31.16 5.89 28.01
C GLN A 223 30.22 6.02 26.82
N PHE A 224 29.02 5.47 26.89
CA PHE A 224 28.10 5.57 25.75
C PHE A 224 26.73 5.98 26.23
N TYR A 225 26.14 6.96 25.55
CA TYR A 225 24.79 7.44 25.85
C TYR A 225 23.95 7.38 24.58
N ALA A 226 22.63 7.32 24.75
CA ALA A 226 21.73 7.30 23.61
C ALA A 226 20.30 7.55 24.07
N SER A 227 19.46 7.94 23.12
CA SER A 227 18.01 8.10 23.31
C SER A 227 17.62 8.90 24.56
N PRO A 228 18.03 10.18 24.65
CA PRO A 228 17.58 11.01 25.78
C PRO A 228 16.13 11.42 25.57
N ALA A 229 15.33 11.29 26.63
CA ALA A 229 13.88 11.45 26.52
C ALA A 229 13.31 12.27 27.67
N PRO A 230 13.02 13.56 27.45
CA PRO A 230 12.33 14.33 28.49
C PRO A 230 10.95 13.75 28.68
N SER A 231 10.47 13.79 29.90
CA SER A 231 9.15 13.25 30.18
C SER A 231 8.12 14.32 29.92
N PRO A 232 6.84 13.93 29.87
CA PRO A 232 5.74 14.89 29.65
C PRO A 232 5.76 16.14 30.51
N GLY A 233 5.71 15.98 31.84
CA GLY A 233 5.72 17.18 32.66
C GLY A 233 7.04 17.91 32.65
N GLY A 234 8.11 17.26 32.20
CA GLY A 234 9.44 17.81 32.34
C GLY A 234 10.10 17.48 33.66
N GLY A 235 9.41 16.77 34.55
CA GLY A 235 9.95 16.44 35.84
C GLY A 235 10.86 15.24 35.87
N HIS A 236 11.05 14.61 34.73
CA HIS A 236 11.94 13.48 34.64
C HIS A 236 12.68 13.54 33.32
N LEU A 237 13.75 12.77 33.26
CA LEU A 237 14.61 12.61 32.09
C LEU A 237 15.06 11.17 32.06
N ALA A 238 14.96 10.55 30.90
CA ALA A 238 15.35 9.17 30.70
C ALA A 238 16.34 9.05 29.56
N TRP A 239 17.20 8.06 29.65
CA TRP A 239 18.21 7.82 28.63
C TRP A 239 18.63 6.35 28.66
N VAL A 240 19.53 6.01 27.74
CA VAL A 240 20.16 4.70 27.68
C VAL A 240 21.66 4.91 27.82
N GLN A 241 22.30 4.15 28.70
CA GLN A 241 23.75 4.26 28.84
C GLN A 241 24.34 2.85 28.86
N TRP A 242 25.60 2.75 28.45
CA TRP A 242 26.33 1.49 28.58
C TRP A 242 27.82 1.77 28.55
N ASN A 243 28.60 0.73 28.90
CA ASN A 243 30.04 0.82 29.08
C ASN A 243 30.81 -0.30 28.36
N HIS A 244 32.16 -0.17 28.33
CA HIS A 244 32.84 -0.43 27.07
C HIS A 244 32.89 -1.89 26.67
N PRO A 245 33.24 -2.81 27.52
CA PRO A 245 33.46 -4.20 27.07
C PRO A 245 32.23 -4.71 26.32
N ARG A 246 31.10 -4.01 26.48
CA ARG A 246 29.82 -4.39 25.91
C ARG A 246 29.48 -3.49 24.73
N MET A 247 28.57 -3.99 23.91
CA MET A 247 27.89 -3.27 22.88
C MET A 247 26.43 -3.07 23.29
N PRO A 248 25.74 -2.10 22.69
CA PRO A 248 24.39 -1.79 23.15
C PRO A 248 23.41 -2.96 23.00
N TRP A 249 23.70 -3.93 22.11
CA TRP A 249 22.90 -5.13 21.97
C TRP A 249 23.34 -6.26 22.88
N ASP A 250 24.42 -6.07 23.63
CA ASP A 250 24.84 -7.04 24.64
C ASP A 250 24.09 -6.78 25.93
N GLY A 251 24.24 -5.56 26.46
CA GLY A 251 23.58 -5.15 27.67
C GLY A 251 23.59 -3.64 27.82
N THR A 252 22.46 -3.05 28.19
CA THR A 252 22.34 -1.62 28.36
C THR A 252 21.55 -1.31 29.64
N GLU A 253 21.51 -0.04 29.99
CA GLU A 253 20.67 0.40 31.10
C GLU A 253 19.82 1.58 30.64
N VAL A 254 18.52 1.48 30.90
CA VAL A 254 17.60 2.60 30.74
C VAL A 254 17.50 3.26 32.11
N ARG A 255 18.10 4.44 32.23
CA ARG A 255 18.08 5.18 33.48
C ARG A 255 17.06 6.30 33.37
N VAL A 256 16.32 6.55 34.45
CA VAL A 256 15.48 7.74 34.52
C VAL A 256 15.79 8.45 35.84
N ALA A 257 15.86 9.76 35.78
CA ALA A 257 16.08 10.56 36.97
C ALA A 257 15.09 11.73 36.99
N ALA A 258 14.85 12.22 38.20
CA ALA A 258 14.04 13.41 38.34
C ALA A 258 14.86 14.63 37.94
N VAL A 259 14.18 15.69 37.58
CA VAL A 259 14.84 16.94 37.26
C VAL A 259 14.41 17.95 38.31
N GLU A 260 15.36 18.42 39.12
CA GLU A 260 15.07 19.46 40.11
C GLU A 260 16.10 20.57 39.97
N ASP A 261 15.62 21.81 40.02
CA ASP A 261 16.48 22.99 39.88
C ASP A 261 17.39 22.82 38.67
N GLY A 262 16.89 22.12 37.64
CA GLY A 262 17.53 22.03 36.35
C GLY A 262 18.64 21.03 36.24
N ARG A 263 18.89 20.28 37.30
CA ARG A 263 19.88 19.21 37.30
C ARG A 263 19.17 17.89 37.53
N THR A 264 19.95 16.81 37.45
CA THR A 264 19.42 15.48 37.60
C THR A 264 19.49 15.05 39.07
N VAL A 265 18.52 14.24 39.50
CA VAL A 265 18.47 13.82 40.90
C VAL A 265 17.87 12.43 40.95
N ALA A 266 18.33 11.64 41.92
CA ALA A 266 17.75 10.33 42.22
C ALA A 266 17.66 9.47 40.96
N PRO A 267 18.77 9.22 40.30
CA PRO A 267 18.74 8.36 39.12
C PRO A 267 18.55 6.91 39.52
N ARG A 268 18.05 6.14 38.57
CA ARG A 268 17.58 4.80 38.86
C ARG A 268 17.56 4.00 37.56
N THR A 269 17.81 2.70 37.67
CA THR A 269 17.63 1.85 36.50
C THR A 269 16.20 1.33 36.48
N VAL A 270 15.51 1.53 35.36
CA VAL A 270 14.17 0.98 35.26
C VAL A 270 14.20 -0.34 34.53
N LYS A 271 15.21 -0.58 33.70
CA LYS A 271 15.24 -1.79 32.90
C LYS A 271 16.63 -1.96 32.28
N GLY A 272 17.08 -3.22 32.19
CA GLY A 272 18.30 -3.61 31.51
C GLY A 272 19.41 -4.01 32.49
N GLY A 273 20.49 -4.52 31.89
CA GLY A 273 21.64 -4.95 32.66
C GLY A 273 22.78 -5.46 31.78
N LEU A 274 23.74 -6.16 32.39
CA LEU A 274 24.95 -6.56 31.67
C LEU A 274 24.62 -7.56 30.57
N LYS A 275 23.81 -8.57 30.87
CA LYS A 275 23.40 -9.54 29.88
C LYS A 275 22.01 -9.23 29.33
N GLU A 276 21.59 -7.95 29.34
CA GLU A 276 20.23 -7.54 28.97
C GLU A 276 20.23 -6.22 28.23
N SER A 277 19.73 -6.23 27.01
CA SER A 277 19.73 -5.05 26.17
C SER A 277 18.37 -4.41 26.23
N ALA A 278 18.30 -3.21 26.82
CA ALA A 278 17.04 -2.49 26.98
C ALA A 278 17.25 -1.06 26.50
N LEU A 279 16.40 -0.61 25.59
CA LEU A 279 16.65 0.60 24.84
C LEU A 279 15.31 1.24 24.45
N ALA A 280 15.39 2.43 23.82
CA ALA A 280 14.23 3.25 23.40
C ALA A 280 13.22 3.63 24.48
N PRO A 281 13.59 4.48 25.44
CA PRO A 281 12.61 4.94 26.44
C PRO A 281 11.57 5.82 25.79
N LEU A 282 10.29 5.49 25.99
CA LEU A 282 9.16 6.21 25.39
C LEU A 282 8.10 6.46 26.45
N TRP A 283 8.00 7.70 26.91
CA TRP A 283 7.10 7.98 28.03
C TRP A 283 5.65 7.72 27.63
N ARG A 284 4.87 7.18 28.58
CA ARG A 284 3.44 6.99 28.40
C ARG A 284 2.65 8.05 29.12
N ASP A 285 3.18 8.58 30.19
CA ASP A 285 2.58 9.68 30.93
C ASP A 285 3.60 10.11 31.97
N GLU A 286 3.23 11.04 32.81
CA GLU A 286 4.10 11.33 33.92
C GLU A 286 4.11 10.03 34.72
N GLU A 287 5.24 9.66 35.27
CA GLU A 287 5.28 8.50 36.16
C GLU A 287 5.13 7.15 35.45
N SER A 288 5.37 7.01 34.13
CA SER A 288 5.34 5.69 33.52
C SER A 288 5.84 5.69 32.07
N LEU A 289 6.56 4.64 31.66
CA LEU A 289 7.12 4.65 30.31
C LEU A 289 7.20 3.25 29.71
N TYR A 290 7.47 3.23 28.41
CA TYR A 290 7.63 2.04 27.62
C TYR A 290 9.12 1.88 27.38
N VAL A 291 9.57 0.62 27.34
CA VAL A 291 10.94 0.28 27.01
C VAL A 291 10.88 -0.97 26.16
N ILE A 292 11.95 -1.19 25.39
CA ILE A 292 12.15 -2.45 24.69
C ILE A 292 13.33 -3.15 25.34
N SER A 293 13.11 -4.38 25.78
CA SER A 293 14.16 -5.16 26.42
C SER A 293 14.06 -6.60 25.95
N ASP A 294 15.21 -7.27 25.88
CA ASP A 294 15.25 -8.68 25.51
C ASP A 294 15.29 -9.60 26.73
N TRP A 295 14.69 -9.17 27.86
CA TRP A 295 14.64 -10.02 29.05
C TRP A 295 14.25 -11.47 28.71
N PRO A 296 13.26 -11.73 27.85
CA PRO A 296 12.88 -13.12 27.53
C PRO A 296 13.62 -13.77 26.37
N GLY A 297 14.68 -13.16 25.84
CA GLY A 297 15.39 -13.71 24.70
C GLY A 297 15.00 -13.10 23.37
N TRP A 298 14.03 -12.19 23.36
CA TRP A 298 13.64 -11.43 22.18
C TRP A 298 13.35 -10.01 22.63
N TRP A 299 13.65 -9.04 21.76
CA TRP A 299 13.29 -7.66 22.07
C TRP A 299 11.76 -7.53 22.17
N ASN A 300 11.23 -7.29 23.37
CA ASN A 300 9.80 -7.15 23.62
C ASN A 300 9.53 -5.79 24.28
N ILE A 301 8.24 -5.46 24.39
CA ILE A 301 7.83 -4.18 24.94
C ILE A 301 7.41 -4.35 26.39
N TYR A 302 8.00 -3.55 27.26
CA TYR A 302 7.63 -3.54 28.66
C TYR A 302 7.15 -2.15 29.06
N GLN A 303 6.15 -2.11 29.92
CA GLN A 303 5.73 -0.88 30.57
C GLN A 303 6.25 -0.89 32.00
N VAL A 304 7.00 0.15 32.36
CA VAL A 304 7.65 0.23 33.66
C VAL A 304 7.31 1.56 34.32
N GLY A 305 7.24 1.52 35.64
CA GLY A 305 7.03 2.71 36.44
C GLY A 305 8.32 3.35 36.89
N LEU A 306 8.21 4.16 37.93
CA LEU A 306 9.39 4.86 38.40
C LEU A 306 9.84 4.41 39.77
N HIS A 307 9.01 3.63 40.49
CA HIS A 307 9.44 2.99 41.73
C HIS A 307 9.27 1.48 41.69
N GLY A 308 8.05 1.00 41.43
CA GLY A 308 7.71 -0.38 41.73
C GLY A 308 8.38 -1.37 40.80
N GLU A 309 9.25 -2.21 41.34
CA GLU A 309 10.00 -3.12 40.49
C GLU A 309 9.13 -4.25 39.96
N SER A 310 8.11 -3.93 39.17
CA SER A 310 7.21 -4.94 38.62
C SER A 310 6.83 -4.58 37.20
N PRO A 311 7.75 -4.72 36.25
CA PRO A 311 7.42 -4.40 34.85
C PRO A 311 6.33 -5.31 34.31
N GLN A 312 5.43 -4.72 33.52
CA GLN A 312 4.42 -5.51 32.83
C GLN A 312 4.88 -5.73 31.40
N ALA A 313 4.94 -7.00 31.00
CA ALA A 313 5.20 -7.36 29.63
C ALA A 313 3.92 -7.14 28.83
N LEU A 314 3.95 -6.20 27.91
CA LEU A 314 2.82 -6.06 27.02
C LEU A 314 3.14 -6.99 25.86
N TYR A 315 2.16 -7.70 25.41
CA TYR A 315 2.26 -8.54 24.21
C TYR A 315 3.60 -9.26 24.03
N PRO A 316 3.91 -10.29 24.82
CA PRO A 316 5.15 -11.05 24.66
C PRO A 316 5.09 -12.01 23.49
N ALA A 317 6.02 -11.86 22.55
CA ALA A 317 6.08 -12.74 21.40
C ALA A 317 7.52 -13.15 21.10
N GLU A 318 7.68 -14.30 20.44
CA GLU A 318 8.98 -14.74 19.94
C GLU A 318 9.29 -14.03 18.64
N GLU A 319 9.33 -12.70 18.75
CA GLU A 319 9.57 -11.82 17.60
C GLU A 319 10.33 -10.60 18.08
N GLU A 320 11.32 -10.16 17.30
CA GLU A 320 12.09 -8.97 17.67
C GLU A 320 11.22 -7.72 17.50
N PHE A 321 11.20 -6.84 18.51
CA PHE A 321 10.52 -5.55 18.39
C PHE A 321 11.46 -4.36 18.25
N ALA A 322 12.74 -4.60 17.96
CA ALA A 322 13.71 -3.53 17.72
C ALA A 322 14.91 -4.12 16.97
N GLY A 323 15.96 -3.30 16.80
CA GLY A 323 17.15 -3.73 16.10
C GLY A 323 18.44 -3.48 16.87
N PRO A 324 19.57 -3.82 16.25
CA PRO A 324 20.87 -3.45 16.85
C PRO A 324 21.11 -1.96 16.69
N LEU A 325 21.65 -1.33 17.74
CA LEU A 325 21.79 0.13 17.78
C LEU A 325 23.14 0.55 17.18
N TRP A 326 23.18 0.54 15.84
CA TRP A 326 24.33 1.05 15.10
C TRP A 326 24.27 2.55 14.84
N GLN A 327 23.08 3.10 14.57
CA GLN A 327 22.91 4.53 14.37
C GLN A 327 21.96 5.14 15.40
N LEU A 328 22.28 6.36 15.83
CA LEU A 328 21.44 7.05 16.78
C LEU A 328 20.41 7.90 16.07
N GLY A 329 19.30 8.17 16.78
CA GLY A 329 18.25 9.04 16.28
C GLY A 329 16.98 8.35 15.81
N GLY A 330 16.93 7.01 15.84
CA GLY A 330 15.79 6.24 15.38
C GLY A 330 15.03 5.59 16.54
N MET A 331 13.70 5.50 16.39
CA MET A 331 12.79 4.81 17.31
C MET A 331 12.10 3.67 16.57
N PRO A 332 11.92 2.50 17.20
CA PRO A 332 11.12 1.47 16.53
C PRO A 332 9.64 1.56 16.80
N TYR A 333 9.21 2.39 17.76
CA TYR A 333 7.80 2.54 18.11
C TYR A 333 7.47 4.02 18.24
N ALA A 334 6.20 4.34 18.02
CA ALA A 334 5.72 5.70 18.14
C ALA A 334 4.38 5.73 18.85
N LEU A 335 4.10 6.85 19.50
CA LEU A 335 2.79 7.08 20.09
C LEU A 335 1.87 7.81 19.13
N LEU A 336 0.64 7.35 19.09
CA LEU A 336 -0.42 7.99 18.36
C LEU A 336 -1.17 8.92 19.29
N GLY A 337 -1.92 9.85 18.71
CA GLY A 337 -2.63 10.83 19.51
C GLY A 337 -3.59 10.22 20.51
N ASP A 338 -4.03 8.99 20.29
CA ASP A 338 -5.05 8.36 21.11
C ASP A 338 -4.49 7.39 22.15
N GLY A 339 -3.18 7.16 22.16
CA GLY A 339 -2.58 6.29 23.13
C GLY A 339 -2.18 4.91 22.61
N ARG A 340 -2.68 4.51 21.45
CA ARG A 340 -2.20 3.30 20.82
C ARG A 340 -0.74 3.46 20.39
N LEU A 341 -0.06 2.33 20.20
CA LEU A 341 1.34 2.32 19.80
C LEU A 341 1.50 1.83 18.36
N ALA A 342 2.29 2.56 17.57
CA ALA A 342 2.72 2.10 16.25
C ALA A 342 4.04 1.37 16.42
N VAL A 343 4.07 0.09 16.08
CA VAL A 343 5.17 -0.78 16.46
C VAL A 343 5.70 -1.55 15.27
N LEU A 344 6.96 -1.94 15.35
CA LEU A 344 7.60 -2.78 14.37
C LEU A 344 7.90 -4.12 15.00
N HIS A 345 7.66 -5.20 14.28
CA HIS A 345 7.84 -6.48 14.93
C HIS A 345 7.98 -7.59 13.90
N GLY A 346 8.71 -8.63 14.29
CA GLY A 346 8.83 -9.83 13.48
C GLY A 346 10.12 -10.59 13.70
N GLU A 347 10.07 -11.88 13.38
CA GLU A 347 11.24 -12.75 13.24
C GLU A 347 11.69 -12.71 11.78
N GLY A 348 12.74 -11.93 11.52
CA GLY A 348 13.18 -11.67 10.16
C GLY A 348 12.91 -10.22 9.78
N ASP A 349 12.13 -10.00 8.71
CA ASP A 349 11.70 -8.66 8.33
C ASP A 349 10.81 -8.04 9.40
N LEU A 350 10.95 -6.74 9.60
CA LEU A 350 10.10 -6.03 10.56
C LEU A 350 8.85 -5.50 9.87
N ARG A 351 7.67 -5.88 10.35
CA ARG A 351 6.43 -5.38 9.77
C ARG A 351 5.68 -4.52 10.78
N LEU A 352 4.83 -3.64 10.24
CA LEU A 352 4.22 -2.53 10.97
C LEU A 352 2.84 -2.90 11.50
N GLY A 353 2.65 -2.75 12.81
CA GLY A 353 1.36 -2.98 13.43
C GLY A 353 1.02 -1.89 14.42
N VAL A 354 -0.15 -2.05 15.04
CA VAL A 354 -0.65 -1.12 16.06
C VAL A 354 -1.16 -1.90 17.26
N TYR A 355 -0.66 -1.53 18.43
CA TYR A 355 -1.06 -2.09 19.72
C TYR A 355 -2.09 -1.18 20.36
N ASP A 356 -3.15 -1.78 20.89
CA ASP A 356 -4.24 -1.03 21.52
C ASP A 356 -4.25 -1.34 23.01
N PRO A 357 -3.60 -0.52 23.85
CA PRO A 357 -3.54 -0.84 25.29
C PRO A 357 -4.89 -0.98 25.96
N GLU A 358 -5.97 -0.53 25.32
CA GLU A 358 -7.31 -0.69 25.87
C GLU A 358 -7.85 -2.09 25.63
N THR A 359 -7.35 -2.79 24.61
CA THR A 359 -7.82 -4.12 24.27
C THR A 359 -6.71 -5.16 24.27
N LEU A 360 -5.46 -4.76 24.50
CA LEU A 360 -4.31 -5.66 24.55
C LEU A 360 -4.05 -6.40 23.25
N ASP A 361 -4.64 -5.97 22.15
CA ASP A 361 -4.40 -6.60 20.86
C ASP A 361 -3.29 -5.89 20.10
N LEU A 362 -2.59 -6.66 19.27
CA LEU A 362 -1.62 -6.14 18.29
C LEU A 362 -2.09 -6.52 16.90
N VAL A 363 -2.45 -5.52 16.10
CA VAL A 363 -3.08 -5.70 14.79
C VAL A 363 -2.17 -5.14 13.71
N ASP A 364 -1.80 -5.99 12.75
CA ASP A 364 -0.93 -5.53 11.68
C ASP A 364 -1.73 -4.68 10.72
N LEU A 365 -1.12 -3.62 10.21
CA LEU A 365 -1.78 -2.76 9.24
C LEU A 365 -1.68 -3.37 7.85
N GLU A 366 -2.82 -3.50 7.17
CA GLU A 366 -2.81 -4.05 5.82
C GLU A 366 -2.01 -3.13 4.93
N VAL A 367 -0.81 -3.56 4.54
CA VAL A 367 0.15 -2.71 3.84
C VAL A 367 0.98 -3.53 2.87
N PRO A 368 1.42 -2.94 1.76
CA PRO A 368 2.25 -3.67 0.79
C PRO A 368 3.71 -3.78 1.18
N TYR A 369 4.10 -3.20 2.30
CA TYR A 369 5.50 -3.17 2.71
C TYR A 369 5.81 -4.28 3.69
N GLU A 370 6.84 -5.07 3.36
CA GLU A 370 7.19 -6.23 4.17
C GLU A 370 8.30 -5.94 5.17
N HIS A 371 9.13 -4.93 4.94
CA HIS A 371 10.18 -4.66 5.91
C HIS A 371 10.36 -3.17 6.10
N TRP A 372 10.35 -2.75 7.36
CA TRP A 372 10.50 -1.36 7.75
C TRP A 372 11.79 -1.17 8.52
N ALA A 373 12.35 0.02 8.41
CA ALA A 373 13.49 0.37 9.23
C ALA A 373 13.01 0.83 10.60
N THR A 374 13.89 0.73 11.60
CA THR A 374 13.50 1.17 12.94
C THR A 374 13.60 2.69 13.07
N GLN A 375 12.93 3.37 12.16
CA GLN A 375 12.89 4.81 12.10
C GLN A 375 11.43 5.18 11.86
N LEU A 376 10.67 5.25 12.94
CA LEU A 376 9.29 5.69 12.84
C LEU A 376 9.15 7.08 13.40
N SER A 377 8.12 7.76 12.94
CA SER A 377 7.69 9.05 13.48
C SER A 377 6.18 9.04 13.42
N ALA A 378 5.52 9.77 14.31
CA ALA A 378 4.07 9.72 14.29
C ALA A 378 3.49 10.95 14.95
N ASP A 379 2.43 11.48 14.34
CA ASP A 379 1.65 12.55 14.94
C ASP A 379 0.18 12.31 14.68
N GLY A 380 -0.60 12.26 15.77
CA GLY A 380 -2.03 12.03 15.68
C GLY A 380 -2.34 10.62 15.24
N THR A 381 -2.90 10.50 14.05
CA THR A 381 -3.17 9.21 13.43
C THR A 381 -2.20 8.91 12.31
N THR A 382 -1.25 9.79 12.04
CA THR A 382 -0.36 9.63 10.90
C THR A 382 0.97 9.07 11.37
N VAL A 383 1.39 7.96 10.77
CA VAL A 383 2.71 7.38 11.01
C VAL A 383 3.53 7.53 9.74
N VAL A 384 4.84 7.68 9.90
CA VAL A 384 5.76 7.88 8.78
C VAL A 384 7.00 7.02 9.02
N GLY A 385 7.50 6.42 7.94
CA GLY A 385 8.68 5.58 8.07
C GLY A 385 9.34 5.26 6.73
N ILE A 386 10.28 4.34 6.78
CA ILE A 386 10.99 3.85 5.61
C ILE A 386 10.58 2.42 5.40
N GLY A 387 9.91 2.15 4.29
CA GLY A 387 9.36 0.84 4.03
C GLY A 387 9.84 0.28 2.70
N GLY A 388 9.72 -1.03 2.57
CA GLY A 388 10.18 -1.69 1.37
C GLY A 388 9.79 -3.15 1.44
N GLY A 389 10.21 -3.88 0.42
CA GLY A 389 9.87 -5.27 0.33
C GLY A 389 10.47 -5.89 -0.89
N PRO A 390 10.10 -7.15 -1.15
CA PRO A 390 10.70 -7.89 -2.27
C PRO A 390 10.68 -7.17 -3.60
N ASP A 391 9.59 -6.51 -3.96
CA ASP A 391 9.54 -5.79 -5.24
C ASP A 391 9.42 -4.30 -5.05
N LEU A 392 9.53 -3.80 -3.82
CA LEU A 392 9.50 -2.38 -3.56
C LEU A 392 10.83 -1.97 -2.95
N PRO A 393 11.52 -1.01 -3.55
CA PRO A 393 12.74 -0.48 -2.94
C PRO A 393 12.39 0.37 -1.75
N ALA A 394 13.39 0.64 -0.92
CA ALA A 394 13.17 1.50 0.24
C ALA A 394 12.58 2.84 -0.19
N SER A 395 11.58 3.31 0.55
CA SER A 395 10.95 4.57 0.23
C SER A 395 10.24 5.14 1.45
N VAL A 396 10.12 6.47 1.49
CA VAL A 396 9.37 7.14 2.56
C VAL A 396 7.88 6.88 2.39
N VAL A 397 7.26 6.35 3.44
CA VAL A 397 5.85 5.98 3.42
C VAL A 397 5.10 6.70 4.53
N ARG A 398 3.87 7.09 4.21
CA ARG A 398 2.94 7.72 5.15
C ARG A 398 1.69 6.88 5.28
N VAL A 399 1.39 6.43 6.50
CA VAL A 399 0.21 5.62 6.79
C VAL A 399 -0.70 6.41 7.73
N ASP A 400 -1.98 6.07 7.69
CA ASP A 400 -3.02 6.69 8.51
C ASP A 400 -3.78 5.58 9.23
N THR A 401 -3.66 5.57 10.55
CA THR A 401 -4.13 4.48 11.40
C THR A 401 -5.64 4.39 11.54
N THR A 402 -6.41 5.36 11.07
CA THR A 402 -7.85 5.17 11.13
C THR A 402 -8.39 4.66 9.79
N THR A 403 -8.02 5.28 8.68
CA THR A 403 -8.57 4.86 7.39
C THR A 403 -7.78 3.69 6.81
N GLY A 404 -6.50 3.62 7.13
CA GLY A 404 -5.58 2.69 6.52
C GLY A 404 -4.86 3.22 5.30
N ARG A 405 -5.12 4.46 4.90
CA ARG A 405 -4.56 4.98 3.66
C ARG A 405 -3.04 5.01 3.73
N VAL A 406 -2.39 4.44 2.70
CA VAL A 406 -0.94 4.40 2.57
C VAL A 406 -0.52 5.25 1.37
N GLU A 407 0.56 6.01 1.53
CA GLU A 407 1.04 6.93 0.50
C GLU A 407 2.55 6.78 0.35
N GLY A 408 3.03 6.80 -0.90
CA GLY A 408 4.45 6.72 -1.15
C GLY A 408 5.06 8.05 -1.55
N LEU A 409 5.80 8.67 -0.61
CA LEU A 409 6.26 10.05 -0.79
C LEU A 409 7.52 10.17 -1.65
N ARG A 410 8.54 9.36 -1.40
CA ARG A 410 9.79 9.37 -2.14
C ARG A 410 10.31 7.93 -2.23
N ARG A 411 10.94 7.56 -3.36
CA ARG A 411 11.59 6.26 -3.48
C ARG A 411 13.06 6.42 -3.86
N GLU A 412 13.86 5.41 -3.52
CA GLU A 412 15.28 5.45 -3.84
C GLU A 412 15.58 5.42 -5.33
N LEU A 413 14.63 5.02 -6.16
CA LEU A 413 14.88 5.04 -7.60
C LEU A 413 13.58 5.33 -8.36
N ALA A 414 13.65 6.30 -9.28
CA ALA A 414 12.53 6.61 -10.16
C ALA A 414 12.49 5.71 -11.40
N GLU A 415 13.64 5.34 -11.97
CA GLU A 415 13.58 4.45 -13.11
C GLU A 415 13.11 3.10 -12.60
N LEU A 416 11.78 2.94 -12.55
CA LEU A 416 11.11 1.74 -12.09
C LEU A 416 11.44 0.62 -13.09
N PRO A 417 12.35 -0.29 -12.77
CA PRO A 417 12.79 -1.25 -13.80
C PRO A 417 11.72 -2.27 -14.12
N ASN A 418 11.87 -2.92 -15.26
CA ASN A 418 10.85 -3.86 -15.66
C ASN A 418 10.87 -5.07 -14.73
N VAL A 419 9.71 -5.38 -14.16
CA VAL A 419 9.54 -6.41 -13.15
C VAL A 419 10.16 -7.75 -13.59
N ALA A 420 10.30 -7.95 -14.90
CA ALA A 420 10.86 -9.20 -15.41
C ALA A 420 12.31 -9.37 -14.99
N TYR A 421 13.07 -8.26 -14.97
CA TYR A 421 14.48 -8.28 -14.63
C TYR A 421 14.75 -8.36 -13.12
N LEU A 422 13.75 -8.07 -12.29
CA LEU A 422 13.89 -8.21 -10.84
C LEU A 422 13.78 -9.67 -10.43
N SER A 423 14.81 -10.18 -9.76
CA SER A 423 14.79 -11.55 -9.24
C SER A 423 14.05 -11.59 -7.91
N ARG A 424 13.23 -12.63 -7.73
CA ARG A 424 12.37 -12.75 -6.54
C ARG A 424 13.06 -13.58 -5.47
N PRO A 425 13.25 -13.05 -4.27
CA PRO A 425 14.06 -13.76 -3.26
C PRO A 425 13.31 -14.94 -2.66
N ARG A 426 14.00 -16.07 -2.61
CA ARG A 426 13.49 -17.33 -2.07
C ARG A 426 14.19 -17.61 -0.74
N ALA A 427 13.41 -17.73 0.34
CA ALA A 427 14.01 -17.90 1.65
C ALA A 427 14.29 -19.37 1.93
N GLU A 428 15.48 -19.68 2.44
CA GLU A 428 15.83 -21.06 2.75
C GLU A 428 16.50 -21.11 4.11
N ARG A 429 16.32 -22.25 4.78
CA ARG A 429 16.95 -22.58 6.07
C ARG A 429 18.04 -23.61 5.80
N LEU A 430 19.25 -23.14 5.55
CA LEU A 430 20.36 -24.05 5.34
C LEU A 430 20.57 -24.83 6.63
N ASP A 431 20.94 -26.10 6.51
CA ASP A 431 21.24 -26.92 7.68
C ASP A 431 22.71 -26.74 8.06
N GLY A 432 22.96 -26.16 9.24
CA GLY A 432 24.32 -25.90 9.66
C GLY A 432 24.96 -27.06 10.41
N PRO A 433 26.15 -26.81 10.98
CA PRO A 433 26.97 -27.88 11.55
C PRO A 433 26.32 -28.79 12.60
N PHE A 434 25.88 -28.27 13.74
CA PHE A 434 25.28 -29.15 14.74
C PHE A 434 23.78 -29.25 14.56
N GLY A 435 23.33 -29.50 13.32
CA GLY A 435 21.92 -29.35 13.08
C GLY A 435 21.38 -27.94 13.23
N ARG A 436 22.24 -26.93 13.35
CA ARG A 436 21.74 -25.60 13.64
C ARG A 436 21.25 -24.93 12.36
N PRO A 437 20.06 -24.31 12.38
CA PRO A 437 19.56 -23.62 11.18
C PRO A 437 20.34 -22.36 10.87
N VAL A 438 20.54 -22.11 9.58
CA VAL A 438 21.21 -20.91 9.11
C VAL A 438 20.36 -20.29 8.01
N HIS A 439 19.83 -19.11 8.27
CA HIS A 439 18.87 -18.50 7.38
C HIS A 439 19.56 -17.83 6.18
N ALA A 440 18.95 -17.97 5.00
CA ALA A 440 19.52 -17.35 3.80
C ALA A 440 18.40 -16.94 2.84
N TYR A 441 18.75 -16.05 1.91
CA TYR A 441 17.89 -15.64 0.80
C TYR A 441 18.60 -15.95 -0.52
N VAL A 442 17.90 -16.60 -1.45
CA VAL A 442 18.45 -17.01 -2.74
C VAL A 442 17.79 -16.18 -3.83
N PHE A 443 18.62 -15.48 -4.62
CA PHE A 443 18.11 -14.73 -5.76
C PHE A 443 18.59 -15.43 -7.01
N PRO A 444 17.71 -16.10 -7.74
CA PRO A 444 18.12 -16.82 -8.92
C PRO A 444 18.47 -15.85 -10.02
N PRO A 445 19.26 -16.28 -11.00
CA PRO A 445 19.47 -15.45 -12.21
C PRO A 445 18.17 -15.28 -12.97
N THR A 446 17.74 -14.03 -13.12
CA THR A 446 16.44 -13.72 -13.72
C THR A 446 16.62 -12.72 -14.84
N ASN A 447 16.11 -13.07 -16.04
CA ASN A 447 16.10 -12.20 -17.20
C ASN A 447 15.10 -12.75 -18.22
N PRO A 448 14.14 -11.94 -18.67
CA PRO A 448 13.09 -12.45 -19.57
C PRO A 448 13.50 -12.62 -21.03
N GLU A 449 14.69 -12.21 -21.43
CA GLU A 449 15.08 -12.27 -22.85
C GLU A 449 16.41 -13.02 -23.04
N ALA A 450 16.65 -14.06 -22.24
CA ALA A 450 17.84 -14.90 -22.37
C ALA A 450 17.73 -16.11 -21.45
N ALA A 451 18.43 -17.17 -21.83
CA ALA A 451 18.48 -18.40 -21.03
C ALA A 451 19.78 -19.14 -21.35
N ALA A 452 20.09 -20.15 -20.53
CA ALA A 452 21.38 -20.77 -20.72
C ALA A 452 21.28 -22.02 -21.58
N PRO A 453 22.39 -22.45 -22.18
CA PRO A 453 22.41 -23.70 -22.95
C PRO A 453 22.08 -24.98 -22.20
N GLU A 454 22.07 -26.09 -22.95
CA GLU A 454 21.58 -27.38 -22.47
C GLU A 454 22.09 -27.70 -21.07
N GLY A 455 23.40 -27.80 -20.93
CA GLY A 455 24.01 -28.42 -19.77
C GLY A 455 24.85 -27.50 -18.90
N GLU A 456 24.45 -26.23 -18.79
CA GLU A 456 25.20 -25.25 -18.03
C GLU A 456 24.48 -24.95 -16.72
N LEU A 457 25.25 -24.72 -15.70
CA LEU A 457 24.85 -24.24 -14.40
C LEU A 457 25.37 -22.83 -14.20
N PRO A 458 24.64 -21.98 -13.48
CA PRO A 458 25.02 -20.57 -13.37
C PRO A 458 26.10 -20.35 -12.32
N PRO A 459 26.92 -19.33 -12.51
CA PRO A 459 27.84 -18.96 -11.44
C PRO A 459 27.05 -18.30 -10.32
N TYR A 460 27.45 -18.56 -9.08
CA TYR A 460 26.82 -17.89 -7.95
C TYR A 460 27.85 -17.16 -7.10
N VAL A 461 27.36 -16.13 -6.43
CA VAL A 461 28.14 -15.34 -5.51
C VAL A 461 27.43 -15.41 -4.17
N VAL A 462 28.18 -15.73 -3.13
CA VAL A 462 27.67 -15.62 -1.76
C VAL A 462 27.99 -14.22 -1.26
N PHE A 463 26.94 -13.50 -0.89
CA PHE A 463 27.04 -12.22 -0.21
C PHE A 463 27.09 -12.42 1.30
N VAL A 464 28.08 -11.82 1.93
CA VAL A 464 28.19 -11.86 3.37
C VAL A 464 27.82 -10.47 3.87
N HIS A 465 26.68 -10.35 4.57
CA HIS A 465 26.27 -9.00 4.96
C HIS A 465 27.28 -8.43 5.96
N GLY A 466 27.49 -7.14 5.90
CA GLY A 466 28.67 -6.66 6.55
C GLY A 466 28.72 -6.56 8.05
N GLY A 467 27.97 -5.67 8.66
CA GLY A 467 27.97 -5.57 10.10
C GLY A 467 27.74 -6.89 10.76
N PRO A 468 28.71 -7.35 11.58
CA PRO A 468 28.60 -8.75 12.08
C PRO A 468 27.21 -8.92 12.66
N THR A 469 26.81 -7.99 13.54
CA THR A 469 25.54 -8.00 14.27
C THR A 469 24.49 -7.20 13.48
N GLY A 470 24.14 -7.70 12.31
CA GLY A 470 23.06 -7.11 11.56
C GLY A 470 22.37 -8.15 10.70
N ARG A 471 21.56 -7.73 9.73
CA ARG A 471 21.02 -8.69 8.77
C ARG A 471 20.70 -8.00 7.45
N VAL A 472 20.50 -8.84 6.43
CA VAL A 472 20.00 -8.39 5.13
C VAL A 472 18.51 -8.70 5.04
N SER A 473 17.77 -7.81 4.38
CA SER A 473 16.33 -7.98 4.27
C SER A 473 15.94 -8.29 2.84
N THR A 474 14.66 -8.51 2.65
CA THR A 474 14.16 -8.79 1.32
C THR A 474 14.04 -7.55 0.47
N VAL A 475 14.26 -6.37 1.05
CA VAL A 475 14.03 -5.13 0.33
C VAL A 475 14.87 -5.05 -0.93
N LEU A 476 14.24 -4.61 -2.02
CA LEU A 476 14.84 -4.69 -3.35
C LEU A 476 16.13 -3.91 -3.41
N ASP A 477 17.20 -4.58 -3.81
CA ASP A 477 18.53 -3.99 -3.85
C ASP A 477 19.07 -4.09 -5.25
N LEU A 478 19.13 -2.94 -5.94
CA LEU A 478 19.65 -2.94 -7.30
C LEU A 478 21.03 -3.55 -7.39
N GLU A 479 21.78 -3.60 -6.28
CA GLU A 479 23.12 -4.19 -6.36
C GLU A 479 23.05 -5.68 -6.64
N ARG A 480 22.02 -6.38 -6.15
CA ARG A 480 21.83 -7.78 -6.48
C ARG A 480 21.27 -7.96 -7.88
N VAL A 481 20.29 -7.12 -8.25
CA VAL A 481 19.71 -7.16 -9.59
C VAL A 481 20.80 -6.98 -10.65
N TYR A 482 21.77 -6.11 -10.37
CA TYR A 482 22.86 -5.90 -11.30
C TYR A 482 23.55 -7.21 -11.68
N PHE A 483 23.60 -8.16 -10.76
CA PHE A 483 24.17 -9.46 -11.09
C PHE A 483 23.13 -10.46 -11.61
N THR A 484 21.96 -10.55 -10.96
CA THR A 484 20.97 -11.55 -11.37
C THR A 484 20.51 -11.31 -12.80
N SER A 485 20.25 -10.05 -13.16
CA SER A 485 19.84 -9.74 -14.52
C SER A 485 20.87 -10.19 -15.56
N ARG A 486 22.15 -10.23 -15.19
CA ARG A 486 23.24 -10.62 -16.10
C ARG A 486 23.54 -12.11 -16.11
N GLY A 487 22.74 -12.93 -15.43
CA GLY A 487 22.94 -14.36 -15.39
C GLY A 487 23.77 -14.89 -14.25
N ILE A 488 23.99 -14.10 -13.20
CA ILE A 488 24.80 -14.50 -12.05
C ILE A 488 23.88 -14.58 -10.85
N GLY A 489 23.75 -15.77 -10.25
CA GLY A 489 22.87 -15.93 -9.10
C GLY A 489 23.53 -15.42 -7.82
N VAL A 490 22.69 -15.03 -6.86
CA VAL A 490 23.17 -14.45 -5.61
C VAL A 490 22.54 -15.18 -4.43
N ILE A 491 23.29 -15.34 -3.36
CA ILE A 491 22.76 -15.90 -2.11
C ILE A 491 23.25 -15.05 -0.94
N ASP A 492 22.32 -14.39 -0.27
CA ASP A 492 22.65 -13.46 0.81
C ASP A 492 22.37 -14.20 2.12
N VAL A 493 23.41 -14.41 2.93
CA VAL A 493 23.37 -15.34 4.05
C VAL A 493 23.28 -14.53 5.35
N ASN A 494 22.21 -14.75 6.14
CA ASN A 494 22.13 -14.19 7.49
C ASN A 494 22.75 -15.17 8.49
N TYR A 495 24.07 -15.25 8.45
CA TYR A 495 24.80 -16.26 9.19
C TYR A 495 24.64 -16.06 10.70
N GLY A 496 25.15 -17.06 11.46
CA GLY A 496 25.16 -16.97 12.91
C GLY A 496 25.74 -15.67 13.43
N GLY A 497 25.10 -15.10 14.44
CA GLY A 497 25.40 -13.75 14.83
C GLY A 497 24.50 -12.70 14.20
N SER A 498 23.83 -13.03 13.09
CA SER A 498 22.89 -12.08 12.50
C SER A 498 21.85 -11.68 13.53
N THR A 499 21.35 -10.48 13.39
CA THR A 499 20.32 -10.07 14.31
C THR A 499 18.95 -10.38 13.72
N GLY A 500 17.92 -10.20 14.52
CA GLY A 500 16.58 -10.39 14.02
C GLY A 500 16.01 -11.77 14.18
N TYR A 501 16.77 -12.74 14.67
CA TYR A 501 16.22 -14.09 14.78
C TYR A 501 16.27 -14.65 16.21
N GLY A 502 16.35 -13.77 17.19
CA GLY A 502 16.42 -14.09 18.60
C GLY A 502 17.83 -13.85 19.17
N ARG A 503 17.89 -13.73 20.50
CA ARG A 503 19.16 -13.45 21.16
C ARG A 503 20.11 -14.63 21.03
N ALA A 504 19.58 -15.83 21.16
CA ALA A 504 20.43 -17.01 21.00
C ALA A 504 21.13 -16.96 19.65
N TYR A 505 20.36 -16.70 18.60
CA TYR A 505 20.94 -16.69 17.25
C TYR A 505 22.08 -15.69 17.20
N ARG A 506 21.92 -14.59 17.90
CA ARG A 506 22.93 -13.54 17.88
C ARG A 506 24.16 -13.97 18.65
N GLU A 507 23.96 -14.71 19.73
CA GLU A 507 25.07 -15.14 20.55
C GLU A 507 25.79 -16.35 19.97
N ARG A 508 25.24 -16.94 18.91
CA ARG A 508 25.92 -18.06 18.28
C ARG A 508 27.30 -17.64 17.74
N LEU A 509 27.59 -16.34 17.69
CA LEU A 509 28.78 -15.85 17.02
C LEU A 509 29.85 -15.47 18.03
N ARG A 510 29.51 -15.57 19.31
CA ARG A 510 30.41 -15.11 20.35
C ARG A 510 31.67 -15.96 20.40
N ARG A 511 32.82 -15.29 20.41
CA ARG A 511 34.13 -15.94 20.48
C ARG A 511 34.36 -16.91 19.34
N GLN A 512 33.52 -16.83 18.31
CA GLN A 512 33.59 -17.73 17.18
C GLN A 512 33.76 -16.98 15.86
N TRP A 513 34.21 -15.72 15.90
CA TRP A 513 34.35 -14.95 14.68
C TRP A 513 35.51 -15.49 13.86
N GLY A 514 35.29 -15.64 12.55
CA GLY A 514 36.19 -16.36 11.69
C GLY A 514 35.98 -17.85 11.72
N VAL A 515 34.95 -18.33 12.43
CA VAL A 515 34.61 -19.75 12.49
C VAL A 515 33.15 -19.97 12.12
N VAL A 516 32.24 -19.38 12.90
CA VAL A 516 30.80 -19.59 12.67
C VAL A 516 30.35 -18.89 11.38
N ASP A 517 30.79 -17.65 11.16
CA ASP A 517 30.48 -17.00 9.89
C ASP A 517 31.08 -17.75 8.70
N VAL A 518 32.35 -18.19 8.79
CA VAL A 518 32.95 -18.92 7.68
C VAL A 518 32.19 -20.21 7.41
N GLU A 519 31.92 -20.98 8.47
CA GLU A 519 31.18 -22.21 8.31
C GLU A 519 29.81 -21.98 7.69
N ASP A 520 29.08 -20.95 8.12
CA ASP A 520 27.74 -20.74 7.57
C ASP A 520 27.80 -20.29 6.11
N ALA A 521 28.78 -19.46 5.76
CA ALA A 521 28.93 -19.08 4.35
C ALA A 521 29.25 -20.29 3.47
N ILE A 522 30.26 -21.08 3.88
CA ILE A 522 30.61 -22.30 3.17
C ILE A 522 29.41 -23.23 3.09
N ALA A 523 28.59 -23.30 4.15
CA ALA A 523 27.42 -24.16 4.12
C ALA A 523 26.45 -23.70 3.05
N ALA A 524 26.27 -22.38 2.91
CA ALA A 524 25.39 -21.87 1.88
C ALA A 524 25.87 -22.28 0.49
N ALA A 525 27.15 -22.03 0.22
CA ALA A 525 27.67 -22.40 -1.10
C ALA A 525 27.56 -23.90 -1.34
N GLN A 526 27.90 -24.71 -0.33
CA GLN A 526 27.88 -26.15 -0.54
C GLN A 526 26.45 -26.66 -0.69
N ALA A 527 25.48 -26.00 -0.06
CA ALA A 527 24.08 -26.39 -0.25
C ALA A 527 23.62 -26.06 -1.66
N LEU A 528 24.01 -24.89 -2.18
CA LEU A 528 23.62 -24.58 -3.56
C LEU A 528 24.26 -25.57 -4.54
N VAL A 529 25.47 -26.02 -4.26
CA VAL A 529 26.09 -26.97 -5.17
C VAL A 529 25.41 -28.33 -5.07
N ASP A 530 25.22 -28.83 -3.83
CA ASP A 530 24.64 -30.14 -3.64
C ASP A 530 23.25 -30.26 -4.26
N GLY A 531 22.51 -29.15 -4.34
CA GLY A 531 21.18 -29.05 -4.89
C GLY A 531 21.11 -28.86 -6.39
N GLY A 532 22.21 -29.06 -7.11
CA GLY A 532 22.24 -28.95 -8.56
C GLY A 532 22.01 -27.55 -9.10
N ILE A 533 21.94 -26.55 -8.22
CA ILE A 533 21.61 -25.19 -8.60
C ILE A 533 22.83 -24.45 -9.13
N ALA A 534 23.98 -24.58 -8.48
CA ALA A 534 25.12 -23.74 -8.78
C ALA A 534 26.21 -24.50 -9.50
N ASP A 535 26.99 -23.77 -10.29
CA ASP A 535 28.19 -24.33 -10.88
C ASP A 535 29.26 -24.44 -9.80
N PRO A 536 29.66 -25.64 -9.41
CA PRO A 536 30.62 -25.77 -8.30
C PRO A 536 32.01 -25.22 -8.60
N ALA A 537 32.38 -25.12 -9.87
CA ALA A 537 33.68 -24.59 -10.27
C ALA A 537 33.66 -23.09 -10.51
N ARG A 538 32.48 -22.44 -10.40
CA ARG A 538 32.37 -20.98 -10.51
C ARG A 538 31.53 -20.46 -9.34
N LEU A 539 32.17 -20.25 -8.20
CA LEU A 539 31.54 -19.63 -7.04
C LEU A 539 32.43 -18.53 -6.52
N ALA A 540 31.82 -17.44 -6.09
CA ALA A 540 32.59 -16.35 -5.55
C ALA A 540 32.01 -15.98 -4.20
N ILE A 541 32.79 -15.25 -3.42
CA ILE A 541 32.29 -14.68 -2.19
C ILE A 541 32.62 -13.19 -2.24
N ARG A 542 31.75 -12.38 -1.65
CA ARG A 542 32.04 -10.95 -1.53
C ARG A 542 31.35 -10.40 -0.29
N GLY A 543 31.92 -9.32 0.25
CA GLY A 543 31.34 -8.75 1.44
C GLY A 543 31.88 -7.36 1.72
N GLY A 544 31.15 -6.66 2.60
CA GLY A 544 31.54 -5.36 3.12
C GLY A 544 32.37 -5.46 4.39
N SER A 545 32.19 -4.55 5.33
CA SER A 545 33.19 -4.36 6.37
C SER A 545 33.54 -5.66 7.10
N ALA A 546 32.61 -6.26 7.86
CA ALA A 546 32.94 -7.58 8.38
C ALA A 546 32.80 -8.65 7.31
N GLY A 547 32.01 -8.39 6.27
CA GLY A 547 31.93 -9.34 5.16
C GLY A 547 33.25 -9.53 4.45
N GLY A 548 34.10 -8.50 4.43
CA GLY A 548 35.45 -8.68 3.91
C GLY A 548 36.29 -9.54 4.82
N TRP A 549 36.16 -9.33 6.13
CA TRP A 549 36.78 -10.27 7.07
C TRP A 549 36.33 -11.69 6.76
N THR A 550 35.04 -11.90 6.59
CA THR A 550 34.53 -13.24 6.34
C THR A 550 35.04 -13.80 5.01
N THR A 551 35.08 -13.00 3.95
CA THR A 551 35.61 -13.53 2.70
C THR A 551 37.07 -13.89 2.83
N LEU A 552 37.86 -13.03 3.51
CA LEU A 552 39.29 -13.33 3.63
C LEU A 552 39.52 -14.55 4.54
N ALA A 553 38.72 -14.69 5.60
CA ALA A 553 38.74 -15.90 6.42
C ALA A 553 38.39 -17.14 5.61
N ALA A 554 37.30 -17.07 4.83
CA ALA A 554 36.92 -18.20 3.98
C ALA A 554 38.02 -18.54 2.97
N ILE A 555 38.49 -17.56 2.19
CA ILE A 555 39.57 -17.83 1.23
C ILE A 555 40.74 -18.55 1.91
N THR A 556 41.16 -18.05 3.06
CA THR A 556 42.36 -18.62 3.64
C THR A 556 42.08 -19.90 4.42
N GLN A 557 40.81 -20.34 4.54
CA GLN A 557 40.49 -21.59 5.22
C GLN A 557 39.86 -22.66 4.31
N THR A 558 39.49 -22.34 3.07
CA THR A 558 38.81 -23.30 2.20
C THR A 558 39.11 -22.95 0.75
N ASP A 559 38.64 -23.83 -0.14
CA ASP A 559 38.89 -23.67 -1.57
C ASP A 559 37.60 -23.79 -2.38
N VAL A 560 36.44 -23.69 -1.74
CA VAL A 560 35.18 -23.76 -2.48
C VAL A 560 35.01 -22.56 -3.40
N PHE A 561 35.50 -21.38 -2.99
CA PHE A 561 35.30 -20.18 -3.77
C PHE A 561 36.47 -19.94 -4.71
N LYS A 562 36.15 -19.56 -5.95
CA LYS A 562 37.16 -19.36 -7.00
C LYS A 562 37.40 -17.88 -7.29
N ALA A 563 36.77 -16.98 -6.54
CA ALA A 563 36.97 -15.55 -6.70
C ALA A 563 36.42 -14.85 -5.49
N ALA A 564 37.01 -13.72 -5.16
CA ALA A 564 36.61 -13.06 -3.93
C ALA A 564 36.81 -11.56 -4.03
N THR A 565 35.86 -10.83 -3.46
CA THR A 565 35.88 -9.39 -3.40
C THR A 565 35.74 -8.98 -1.95
N SER A 566 36.66 -8.17 -1.46
CA SER A 566 36.59 -7.61 -0.12
C SER A 566 36.46 -6.08 -0.21
N TYR A 567 35.28 -5.57 0.14
CA TYR A 567 35.11 -4.12 0.26
C TYR A 567 35.58 -3.70 1.64
N PHE A 568 36.76 -3.10 1.72
CA PHE A 568 37.32 -2.55 2.98
C PHE A 568 37.07 -3.47 4.17
N GLY A 569 37.62 -4.68 4.06
CA GLY A 569 37.57 -5.66 5.12
C GLY A 569 38.74 -5.56 6.06
N ILE A 570 38.69 -6.36 7.14
CA ILE A 570 39.79 -6.52 8.09
C ILE A 570 40.65 -7.73 7.72
N SER A 571 41.97 -7.60 7.88
CA SER A 571 42.88 -8.70 7.59
C SER A 571 43.77 -9.08 8.77
N ASP A 572 44.09 -8.14 9.66
CA ASP A 572 44.82 -8.37 10.90
C ASP A 572 44.02 -7.79 12.05
N LEU A 573 43.68 -8.63 13.02
CA LEU A 573 42.74 -8.27 14.08
C LEU A 573 43.37 -7.38 15.16
N GLN A 574 44.62 -7.63 15.56
CA GLN A 574 45.19 -6.80 16.61
C GLN A 574 45.35 -5.36 16.16
N SER A 575 46.01 -5.15 15.02
CA SER A 575 46.13 -3.79 14.52
C SER A 575 44.78 -3.14 14.29
N PHE A 576 43.74 -3.93 13.96
CA PHE A 576 42.42 -3.33 13.84
C PHE A 576 41.91 -2.85 15.17
N ALA A 577 42.02 -3.68 16.20
CA ALA A 577 41.51 -3.27 17.51
C ALA A 577 42.24 -2.04 18.02
N GLU A 578 43.54 -1.96 17.76
CA GLU A 578 44.35 -0.86 18.23
C GLU A 578 44.18 0.40 17.40
N ALA A 579 43.71 0.28 16.16
CA ALA A 579 43.57 1.44 15.28
C ALA A 579 42.15 1.92 15.04
N THR A 580 41.15 1.10 15.33
CA THR A 580 39.78 1.41 14.94
C THR A 580 39.20 2.48 15.84
N HIS A 581 37.99 2.90 15.49
CA HIS A 581 37.41 3.99 16.23
C HIS A 581 36.83 3.45 17.53
N ASP A 582 36.35 4.35 18.37
CA ASP A 582 36.11 3.97 19.76
C ASP A 582 34.95 2.99 19.88
N PHE A 583 33.81 3.32 19.26
CA PHE A 583 32.58 2.52 19.42
C PHE A 583 32.80 1.03 19.18
N GLU A 584 33.79 0.67 18.38
CA GLU A 584 34.08 -0.72 18.03
C GLU A 584 35.42 -1.20 18.55
N SER A 585 36.01 -0.47 19.49
CA SER A 585 37.37 -0.76 19.91
C SER A 585 37.51 -1.94 20.86
N GLN A 586 36.41 -2.47 21.44
CA GLN A 586 36.46 -3.71 22.22
C GLN A 586 35.43 -4.72 21.75
N TYR A 587 34.89 -4.49 20.55
CA TYR A 587 34.01 -5.45 19.91
C TYR A 587 34.68 -6.81 19.76
N LEU A 588 35.96 -6.84 19.38
CA LEU A 588 36.59 -8.16 19.24
C LEU A 588 36.62 -8.94 20.56
N PHE A 589 36.55 -8.28 21.71
CA PHE A 589 36.53 -9.04 22.96
C PHE A 589 35.34 -9.99 23.04
N GLY A 590 34.29 -9.75 22.27
CA GLY A 590 33.19 -10.68 22.26
C GLY A 590 33.20 -11.54 21.03
N LEU A 591 33.80 -11.03 19.96
CA LEU A 591 33.81 -11.81 18.72
C LEU A 591 34.90 -12.86 18.76
N ILE A 592 36.05 -12.52 19.34
CA ILE A 592 37.18 -13.42 19.47
C ILE A 592 37.51 -13.69 20.93
N GLY A 593 37.64 -12.63 21.72
CA GLY A 593 37.87 -12.77 23.13
C GLY A 593 38.62 -11.62 23.79
N PRO A 594 38.53 -11.56 25.12
CA PRO A 594 39.16 -10.46 25.87
C PRO A 594 40.65 -10.35 25.59
N LEU A 595 41.14 -9.10 25.55
CA LEU A 595 42.38 -8.95 24.81
C LEU A 595 43.59 -9.29 25.68
N PRO A 596 43.72 -8.73 26.86
CA PRO A 596 44.78 -9.21 27.75
C PRO A 596 44.57 -10.70 27.96
N GLY A 597 44.97 -11.52 26.97
CA GLY A 597 44.73 -12.95 26.99
C GLY A 597 44.46 -13.72 25.71
N PHE A 598 43.86 -13.15 24.67
CA PHE A 598 43.62 -13.96 23.49
C PHE A 598 44.50 -13.54 22.31
N GLU A 599 45.66 -12.93 22.56
CA GLU A 599 46.59 -12.59 21.49
C GLU A 599 46.76 -13.74 20.50
N ARG A 600 47.08 -14.93 21.00
CA ARG A 600 47.36 -16.04 20.11
C ARG A 600 46.19 -16.33 19.18
N ALA A 601 44.96 -16.12 19.65
CA ALA A 601 43.81 -16.28 18.76
C ALA A 601 43.71 -15.15 17.75
N TYR A 602 43.93 -13.90 18.18
CA TYR A 602 43.93 -12.81 17.20
C TYR A 602 44.96 -13.09 16.11
N GLU A 603 46.11 -13.65 16.47
CA GLU A 603 47.11 -13.95 15.47
C GLU A 603 46.68 -15.11 14.58
N GLU A 604 46.21 -16.21 15.19
CA GLU A 604 45.94 -17.39 14.38
C GLU A 604 44.77 -17.18 13.44
N ARG A 605 43.76 -16.40 13.86
CA ARG A 605 42.61 -16.25 12.98
C ARG A 605 42.81 -15.21 11.88
N SER A 606 43.80 -14.32 11.99
CA SER A 606 43.98 -13.25 10.99
C SER A 606 44.42 -13.76 9.63
N PRO A 607 43.69 -13.46 8.55
CA PRO A 607 44.14 -13.91 7.21
C PRO A 607 45.49 -13.36 6.81
N LEU A 608 45.86 -12.15 7.25
CA LEU A 608 47.13 -11.55 6.84
C LEU A 608 48.30 -12.45 7.15
N ARG A 609 48.22 -13.19 8.26
CA ARG A 609 49.28 -14.09 8.66
C ARG A 609 49.34 -15.35 7.79
N HIS A 610 48.27 -15.64 7.05
CA HIS A 610 48.17 -16.83 6.21
C HIS A 610 48.05 -16.49 4.73
N ALA A 611 48.56 -15.34 4.27
CA ALA A 611 48.27 -14.96 2.89
C ALA A 611 48.53 -16.10 1.91
N ASP A 612 49.52 -16.96 2.18
CA ASP A 612 49.87 -18.01 1.23
C ASP A 612 48.79 -19.08 1.14
N ARG A 613 47.92 -19.19 2.14
CA ARG A 613 46.80 -20.12 2.08
C ARG A 613 45.65 -19.59 1.22
N THR A 614 45.78 -18.38 0.67
CA THR A 614 44.73 -17.79 -0.16
C THR A 614 44.45 -18.67 -1.38
N ALA A 615 43.17 -18.98 -1.60
CA ALA A 615 42.80 -20.01 -2.54
C ALA A 615 42.52 -19.49 -3.94
N CYS A 616 42.21 -18.21 -4.08
CA CYS A 616 41.69 -17.68 -5.33
C CYS A 616 42.18 -16.26 -5.52
N PRO A 617 42.05 -15.72 -6.73
CA PRO A 617 42.39 -14.31 -6.94
C PRO A 617 41.53 -13.43 -6.04
N VAL A 618 42.08 -12.29 -5.64
CA VAL A 618 41.39 -11.43 -4.70
C VAL A 618 41.30 -10.02 -5.25
N LEU A 619 40.15 -9.38 -5.01
CA LEU A 619 39.88 -8.01 -5.42
C LEU A 619 39.59 -7.19 -4.17
N LEU A 620 40.49 -6.27 -3.85
CA LEU A 620 40.39 -5.42 -2.66
C LEU A 620 39.92 -4.02 -3.03
N LEU A 621 38.95 -3.48 -2.28
CA LEU A 621 38.45 -2.15 -2.53
C LEU A 621 38.51 -1.33 -1.24
N GLN A 622 39.09 -0.13 -1.30
CA GLN A 622 39.31 0.61 -0.06
C GLN A 622 39.07 2.10 -0.21
N GLY A 623 38.29 2.68 0.70
CA GLY A 623 38.19 4.13 0.80
C GLY A 623 39.37 4.68 1.60
N LEU A 624 40.00 5.73 1.09
CA LEU A 624 41.20 6.27 1.71
C LEU A 624 40.99 7.17 2.94
N ASN A 625 39.75 7.57 3.25
CA ASN A 625 39.48 8.35 4.46
C ASN A 625 38.63 7.56 5.45
N ASP A 626 38.84 6.25 5.50
CA ASP A 626 38.03 5.37 6.32
C ASP A 626 38.44 5.41 7.78
N PRO A 627 37.59 5.89 8.70
CA PRO A 627 37.92 5.89 10.14
C PRO A 627 37.62 4.58 10.85
N VAL A 628 36.95 3.64 10.22
CA VAL A 628 36.62 2.37 10.86
C VAL A 628 37.67 1.30 10.57
N VAL A 629 37.85 0.96 9.31
CA VAL A 629 38.87 -0.02 8.90
C VAL A 629 40.02 0.77 8.28
N PRO A 630 41.09 1.09 9.02
CA PRO A 630 42.17 1.88 8.41
C PRO A 630 42.68 1.18 7.17
N PRO A 631 42.99 1.94 6.11
CA PRO A 631 43.45 1.31 4.86
C PRO A 631 44.72 0.47 5.02
N ASP A 632 45.38 0.48 6.18
CA ASP A 632 46.51 -0.42 6.41
C ASP A 632 46.11 -1.87 6.18
N GLN A 633 44.92 -2.27 6.63
CA GLN A 633 44.45 -3.65 6.47
C GLN A 633 44.50 -4.12 5.01
N SER A 634 43.87 -3.35 4.11
CA SER A 634 43.89 -3.74 2.69
C SER A 634 45.29 -3.67 2.08
N GLU A 635 46.04 -2.59 2.33
CA GLU A 635 47.34 -2.48 1.68
C GLU A 635 48.32 -3.55 2.16
N ARG A 636 48.37 -3.81 3.47
CA ARG A 636 49.23 -4.87 3.98
C ARG A 636 48.84 -6.22 3.39
N PHE A 637 47.55 -6.54 3.34
CA PHE A 637 47.17 -7.79 2.70
C PHE A 637 47.60 -7.83 1.24
N ALA A 638 47.47 -6.70 0.53
CA ALA A 638 47.89 -6.65 -0.86
C ALA A 638 49.39 -6.91 -0.99
N LEU A 639 50.19 -6.33 -0.11
CA LEU A 639 51.62 -6.57 -0.21
C LEU A 639 51.94 -8.02 0.11
N ALA A 640 51.15 -8.64 0.99
CA ALA A 640 51.32 -10.05 1.32
C ALA A 640 50.93 -10.97 0.17
N LEU A 641 49.91 -10.60 -0.61
CA LEU A 641 49.55 -11.42 -1.76
C LEU A 641 50.60 -11.31 -2.87
N ALA A 642 51.24 -10.15 -3.01
CA ALA A 642 52.58 -10.16 -3.56
C ALA A 642 53.50 -10.71 -2.49
N ASP A 643 54.75 -10.94 -2.84
CA ASP A 643 55.64 -11.64 -1.91
C ASP A 643 55.25 -13.12 -1.85
N LYS A 644 54.09 -13.43 -2.41
CA LYS A 644 53.63 -14.81 -2.52
C LYS A 644 53.18 -15.05 -3.95
N LYS A 645 53.46 -14.11 -4.85
CA LYS A 645 53.19 -14.28 -6.27
C LYS A 645 51.74 -14.74 -6.48
N MET A 646 50.80 -14.26 -5.55
CA MET A 646 49.36 -14.53 -5.64
C MET A 646 48.66 -13.40 -6.40
N PRO A 647 47.77 -13.71 -7.33
CA PRO A 647 47.14 -12.67 -8.18
C PRO A 647 46.04 -11.91 -7.46
N TYR A 648 46.25 -10.60 -7.30
CA TYR A 648 45.32 -9.69 -6.64
C TYR A 648 45.13 -8.43 -7.50
N ALA A 649 44.16 -7.61 -7.09
CA ALA A 649 43.97 -6.25 -7.63
C ALA A 649 43.39 -5.37 -6.53
N TYR A 650 44.02 -4.21 -6.26
CA TYR A 650 43.69 -3.34 -5.13
C TYR A 650 43.37 -1.92 -5.58
N LEU A 651 42.10 -1.52 -5.45
CA LEU A 651 41.64 -0.20 -5.91
C LEU A 651 41.32 0.70 -4.72
N THR A 652 41.90 1.90 -4.73
CA THR A 652 41.71 2.89 -3.68
C THR A 652 40.97 4.10 -4.20
N PHE A 653 40.12 4.65 -3.35
CA PHE A 653 39.30 5.78 -3.73
C PHE A 653 39.50 6.94 -2.75
N GLU A 654 39.82 8.11 -3.28
CA GLU A 654 40.05 9.31 -2.47
C GLU A 654 38.71 9.96 -2.10
N GLY A 655 38.68 10.56 -0.92
CA GLY A 655 37.49 11.28 -0.52
C GLY A 655 36.30 10.40 -0.21
N GLU A 656 36.56 9.14 0.12
CA GLU A 656 35.53 8.17 0.41
C GLU A 656 35.84 7.62 1.80
N SER A 657 34.83 7.58 2.66
CA SER A 657 34.95 7.08 4.03
C SER A 657 34.60 5.59 4.06
N HIS A 658 34.26 5.06 5.24
CA HIS A 658 33.78 3.69 5.39
C HIS A 658 32.45 3.49 4.69
N GLY A 659 32.47 2.79 3.56
CA GLY A 659 31.24 2.68 2.80
C GLY A 659 31.12 3.73 1.71
N PHE A 660 30.81 3.27 0.51
CA PHE A 660 30.91 4.10 -0.68
C PHE A 660 29.62 4.90 -0.87
N ARG A 661 29.80 6.22 -1.01
CA ARG A 661 28.80 7.28 -1.05
C ARG A 661 28.72 7.99 -2.39
N LYS A 662 29.84 8.04 -3.11
CA LYS A 662 29.96 8.77 -4.37
C LYS A 662 29.59 7.88 -5.54
N ALA A 663 28.74 8.40 -6.43
CA ALA A 663 28.29 7.60 -7.57
C ALA A 663 29.45 7.10 -8.43
N GLY A 664 30.46 7.93 -8.67
CA GLY A 664 31.57 7.49 -9.48
C GLY A 664 32.32 6.31 -8.87
N THR A 665 32.52 6.35 -7.56
CA THR A 665 33.17 5.24 -6.85
C THR A 665 32.40 3.94 -7.01
N VAL A 666 31.07 3.97 -6.79
CA VAL A 666 30.25 2.78 -6.99
C VAL A 666 30.34 2.29 -8.43
N VAL A 667 30.33 3.21 -9.41
CA VAL A 667 30.44 2.78 -10.79
C VAL A 667 31.75 2.02 -11.02
N ARG A 668 32.87 2.66 -10.67
CA ARG A 668 34.18 2.06 -10.90
C ARG A 668 34.28 0.68 -10.24
N SER A 669 33.92 0.58 -8.97
CA SER A 669 34.10 -0.69 -8.27
C SER A 669 33.14 -1.77 -8.76
N LEU A 670 31.90 -1.40 -9.07
CA LEU A 670 30.94 -2.42 -9.48
C LEU A 670 31.26 -2.97 -10.87
N GLU A 671 31.63 -2.09 -11.81
CA GLU A 671 32.09 -2.57 -13.10
C GLU A 671 33.37 -3.41 -12.96
N ALA A 672 34.27 -3.01 -12.05
CA ALA A 672 35.47 -3.82 -11.77
C ALA A 672 35.11 -5.20 -11.26
N GLU A 673 34.18 -5.29 -10.30
CA GLU A 673 33.83 -6.57 -9.72
C GLU A 673 33.18 -7.50 -10.75
N LEU A 674 32.28 -6.98 -11.60
CA LEU A 674 31.69 -7.84 -12.63
C LEU A 674 32.76 -8.35 -13.57
N ALA A 675 33.61 -7.45 -14.07
CA ALA A 675 34.66 -7.89 -14.99
C ALA A 675 35.61 -8.89 -14.32
N PHE A 676 35.88 -8.67 -13.02
CA PHE A 676 36.75 -9.55 -12.26
C PHE A 676 36.18 -10.96 -12.17
N TYR A 677 34.89 -11.08 -11.82
CA TYR A 677 34.27 -12.41 -11.84
C TYR A 677 34.33 -13.02 -13.22
N GLY A 678 34.20 -12.19 -14.26
CA GLY A 678 34.33 -12.71 -15.62
C GLY A 678 35.66 -13.40 -15.83
N GLN A 679 36.75 -12.73 -15.46
CA GLN A 679 38.07 -13.29 -15.74
C GLN A 679 38.43 -14.42 -14.79
N THR A 680 38.05 -14.34 -13.52
CA THR A 680 38.45 -15.39 -12.59
C THR A 680 37.59 -16.64 -12.75
N LEU A 681 36.26 -16.49 -12.87
CA LEU A 681 35.38 -17.65 -12.91
C LEU A 681 35.12 -18.21 -14.30
N GLY A 682 35.21 -17.40 -15.36
CA GLY A 682 34.93 -18.01 -16.64
C GLY A 682 33.87 -17.52 -17.61
N PHE A 683 33.61 -16.22 -17.71
CA PHE A 683 32.66 -15.80 -18.72
C PHE A 683 33.07 -14.43 -19.25
N GLU A 684 32.33 -13.96 -20.27
CA GLU A 684 32.56 -12.66 -20.90
C GLU A 684 31.36 -11.76 -20.65
N PRO A 685 31.43 -10.86 -19.67
CA PRO A 685 30.25 -10.08 -19.31
C PRO A 685 30.12 -8.88 -20.22
N ARG A 686 28.93 -8.68 -20.75
CA ARG A 686 28.71 -7.58 -21.66
C ARG A 686 29.00 -6.26 -20.95
N GLY A 687 29.75 -5.39 -21.65
CA GLY A 687 29.88 -4.00 -21.28
C GLY A 687 30.95 -3.63 -20.28
N VAL A 688 31.95 -4.49 -20.06
CA VAL A 688 33.07 -4.17 -19.18
C VAL A 688 34.28 -4.96 -19.64
N GLU A 689 35.41 -4.30 -19.65
CA GLU A 689 36.63 -5.03 -20.01
C GLU A 689 37.39 -5.43 -18.75
N PRO A 690 38.15 -6.52 -18.78
CA PRO A 690 38.77 -7.02 -17.55
C PRO A 690 39.94 -6.15 -17.08
N ILE A 691 40.25 -6.32 -15.78
CA ILE A 691 41.26 -5.53 -15.07
C ILE A 691 42.53 -6.34 -14.90
N ASN A 692 43.63 -5.62 -14.63
CA ASN A 692 44.94 -6.24 -14.42
C ASN A 692 45.03 -6.89 -13.06
N LEU A 693 45.45 -8.15 -13.02
CA LEU A 693 45.80 -8.81 -11.78
C LEU A 693 47.31 -8.85 -11.68
N THR A 694 47.83 -8.67 -10.46
CA THR A 694 49.24 -8.44 -10.20
C THR A 694 49.93 -9.65 -9.61
N VAL A 695 51.25 -9.69 -9.80
CA VAL A 695 52.11 -10.73 -9.24
C VAL A 695 53.54 -10.19 -8.96
N ARG B 24 8.48 24.35 -9.32
CA ARG B 24 7.92 23.40 -10.27
C ARG B 24 8.71 23.31 -11.57
N ALA B 25 7.95 23.10 -12.64
CA ALA B 25 8.40 23.22 -14.02
C ALA B 25 7.18 23.61 -14.84
N THR B 26 7.37 23.87 -16.12
CA THR B 26 6.28 24.33 -16.98
C THR B 26 6.24 23.49 -18.24
N LEU B 27 5.18 22.70 -18.39
CA LEU B 27 4.94 21.88 -19.57
C LEU B 27 3.54 22.14 -20.12
N PRO B 28 3.32 21.86 -21.39
CA PRO B 28 1.98 22.02 -21.96
C PRO B 28 1.06 20.93 -21.44
N TYR B 29 -0.20 21.29 -21.22
CA TYR B 29 -1.18 20.32 -20.74
C TYR B 29 -1.13 19.07 -21.59
N GLY B 30 -1.39 17.93 -20.95
CA GLY B 30 -1.35 16.62 -21.56
C GLY B 30 0.00 15.93 -21.55
N SER B 31 1.10 16.67 -21.61
CA SER B 31 2.43 16.08 -21.63
C SER B 31 3.01 15.83 -20.24
N TRP B 32 2.30 16.22 -19.18
CA TRP B 32 2.85 16.13 -17.84
C TRP B 32 3.27 14.70 -17.53
N PRO B 33 4.24 14.53 -16.63
CA PRO B 33 4.63 13.20 -16.12
C PRO B 33 3.91 12.81 -14.85
N SER B 34 3.44 11.56 -14.81
CA SER B 34 2.56 11.14 -13.72
C SER B 34 2.98 9.79 -13.16
N PRO B 35 2.87 9.62 -11.83
CA PRO B 35 3.17 8.33 -11.23
C PRO B 35 2.09 7.28 -11.43
N ILE B 36 0.84 7.69 -11.66
CA ILE B 36 -0.22 6.72 -11.90
C ILE B 36 -0.05 6.15 -13.30
N SER B 37 0.21 4.84 -13.38
CA SER B 37 0.42 4.13 -14.63
C SER B 37 -0.80 3.29 -14.96
N ALA B 38 -0.95 3.00 -16.26
CA ALA B 38 -2.05 2.15 -16.69
C ALA B 38 -2.11 0.86 -15.86
N ALA B 39 -0.93 0.32 -15.53
CA ALA B 39 -0.88 -0.89 -14.72
C ALA B 39 -1.53 -0.68 -13.37
N ASP B 40 -1.32 0.49 -12.77
CA ASP B 40 -1.90 0.77 -11.47
C ASP B 40 -3.42 0.72 -11.53
N VAL B 41 -4.00 1.32 -12.58
CA VAL B 41 -5.44 1.29 -12.72
C VAL B 41 -5.93 -0.15 -12.87
N ALA B 42 -5.20 -0.95 -13.65
CA ALA B 42 -5.64 -2.34 -13.86
C ALA B 42 -5.60 -3.16 -12.56
N ARG B 43 -4.55 -3.01 -11.77
CA ARG B 43 -4.42 -3.82 -10.54
C ARG B 43 -5.44 -3.46 -9.46
N ALA B 44 -6.05 -2.29 -9.55
CA ALA B 44 -6.90 -1.78 -8.48
C ALA B 44 -8.35 -2.25 -8.59
N ARG B 45 -8.62 -3.29 -9.38
CA ARG B 45 -10.02 -3.67 -9.60
C ARG B 45 -10.54 -4.72 -8.62
N LEU B 46 -10.51 -4.38 -7.33
CA LEU B 46 -11.21 -5.20 -6.35
C LEU B 46 -12.66 -4.75 -6.25
N ARG B 47 -13.49 -5.63 -5.67
CA ARG B 47 -14.82 -5.22 -5.19
C ARG B 47 -14.95 -5.66 -3.74
N LEU B 48 -14.70 -4.74 -2.81
CA LEU B 48 -15.22 -4.91 -1.46
C LEU B 48 -16.73 -4.69 -1.50
N SER B 49 -17.50 -5.68 -1.02
CA SER B 49 -18.94 -5.63 -1.19
C SER B 49 -19.64 -6.43 -0.12
N PHE B 50 -20.84 -5.97 0.25
CA PHE B 50 -21.78 -6.72 1.09
C PHE B 50 -21.20 -7.16 2.43
N PRO B 51 -20.83 -6.23 3.30
CA PRO B 51 -20.38 -6.59 4.65
C PRO B 51 -21.49 -7.12 5.53
N THR B 52 -21.11 -8.00 6.45
CA THR B 52 -22.00 -8.51 7.48
C THR B 52 -21.33 -8.33 8.84
N VAL B 53 -22.12 -8.07 9.87
CA VAL B 53 -21.58 -7.84 11.20
C VAL B 53 -22.46 -8.53 12.24
N ALA B 54 -21.84 -9.37 13.07
CA ALA B 54 -22.50 -9.96 14.23
C ALA B 54 -21.53 -9.93 15.41
N GLY B 55 -21.82 -9.10 16.40
CA GLY B 55 -20.90 -8.98 17.53
C GLY B 55 -19.53 -8.51 17.09
N ASP B 56 -18.50 -9.29 17.43
CA ASP B 56 -17.13 -8.99 17.03
C ASP B 56 -16.74 -9.68 15.73
N ASP B 57 -17.70 -10.28 15.03
CA ASP B 57 -17.47 -10.93 13.75
C ASP B 57 -17.83 -9.99 12.61
N VAL B 58 -16.92 -9.86 11.65
CA VAL B 58 -17.19 -9.14 10.42
C VAL B 58 -16.97 -10.09 9.26
N TRP B 59 -17.75 -9.90 8.21
CA TRP B 59 -17.66 -10.72 7.01
C TRP B 59 -17.73 -9.80 5.81
N TRP B 60 -17.09 -10.19 4.70
CA TRP B 60 -17.31 -9.42 3.47
C TRP B 60 -16.91 -10.22 2.23
N GLN B 61 -17.11 -9.60 1.05
CA GLN B 61 -16.85 -10.23 -0.25
C GLN B 61 -15.72 -9.53 -0.94
N GLU B 62 -14.79 -10.32 -1.44
CA GLU B 62 -13.73 -9.72 -2.22
C GLU B 62 -13.69 -10.45 -3.57
N THR B 63 -13.78 -9.66 -4.64
CA THR B 63 -13.58 -10.14 -6.00
C THR B 63 -12.16 -9.76 -6.46
N ARG B 64 -11.43 -10.75 -7.00
CA ARG B 64 -10.00 -10.70 -7.31
C ARG B 64 -9.68 -10.50 -8.80
N PRO B 65 -9.30 -9.29 -9.24
CA PRO B 65 -9.13 -9.08 -10.69
C PRO B 65 -8.04 -9.94 -11.29
N GLU B 66 -7.00 -10.26 -10.51
CA GLU B 66 -5.92 -11.09 -10.99
C GLU B 66 -6.11 -12.55 -10.62
N GLU B 67 -7.30 -12.94 -10.21
CA GLU B 67 -7.63 -14.35 -10.02
C GLU B 67 -8.82 -14.74 -10.86
N ASP B 68 -8.91 -14.16 -12.07
CA ASP B 68 -9.98 -14.46 -13.00
C ASP B 68 -11.33 -14.01 -12.46
N GLY B 69 -11.33 -12.96 -11.65
CA GLY B 69 -12.55 -12.41 -11.09
C GLY B 69 -13.36 -13.32 -10.20
N ARG B 70 -12.77 -14.36 -9.61
CA ARG B 70 -13.56 -15.16 -8.68
C ARG B 70 -13.76 -14.41 -7.37
N THR B 71 -14.91 -14.62 -6.74
CA THR B 71 -15.26 -13.96 -5.49
C THR B 71 -15.10 -14.91 -4.32
N THR B 72 -14.52 -14.42 -3.23
CA THR B 72 -14.29 -15.22 -2.04
C THR B 72 -14.85 -14.47 -0.84
N VAL B 73 -15.08 -15.18 0.28
CA VAL B 73 -15.63 -14.50 1.45
C VAL B 73 -14.53 -14.42 2.50
N ILE B 74 -14.49 -13.30 3.21
CA ILE B 74 -13.45 -13.06 4.19
C ILE B 74 -14.12 -12.94 5.56
N HIS B 75 -13.55 -13.60 6.58
CA HIS B 75 -14.05 -13.50 7.95
C HIS B 75 -12.98 -12.82 8.80
N LEU B 76 -13.41 -11.88 9.63
CA LEU B 76 -12.51 -11.09 10.46
C LEU B 76 -13.01 -11.13 11.89
N ARG B 77 -12.17 -11.61 12.80
CA ARG B 77 -12.50 -11.60 14.21
C ARG B 77 -11.23 -11.41 15.00
N GLY B 78 -11.25 -10.44 15.91
CA GLY B 78 -10.08 -10.20 16.75
C GLY B 78 -8.78 -10.12 15.99
N GLY B 79 -8.80 -9.56 14.78
CA GLY B 79 -7.61 -9.38 13.99
C GLY B 79 -7.22 -10.55 13.10
N HIS B 80 -7.69 -11.77 13.37
CA HIS B 80 -7.46 -12.83 12.41
C HIS B 80 -8.45 -12.63 11.27
N ARG B 81 -7.95 -12.46 10.05
CA ARG B 81 -8.82 -12.30 8.90
C ARG B 81 -8.43 -13.45 7.99
N THR B 82 -9.32 -14.44 7.88
CA THR B 82 -9.05 -15.66 7.15
C THR B 82 -10.04 -15.75 6.00
N GLU B 83 -9.58 -16.26 4.85
CA GLU B 83 -10.42 -16.25 3.66
C GLU B 83 -11.15 -17.58 3.54
N LEU B 84 -12.46 -17.54 3.73
CA LEU B 84 -13.28 -18.72 3.59
C LEU B 84 -13.50 -18.94 2.10
N LEU B 85 -13.46 -20.22 1.70
CA LEU B 85 -13.51 -20.60 0.31
C LEU B 85 -12.29 -20.20 -0.51
N GLN B 86 -11.31 -21.10 -0.57
CA GLN B 86 -10.13 -20.91 -1.40
C GLN B 86 -10.51 -21.20 -2.85
N ALA B 87 -9.51 -21.29 -3.73
CA ALA B 87 -9.73 -21.18 -5.17
C ALA B 87 -10.83 -22.05 -5.77
N PRO B 88 -11.06 -23.30 -5.34
CA PRO B 88 -12.07 -24.12 -6.07
C PRO B 88 -13.46 -23.50 -6.18
N TRP B 89 -13.89 -22.68 -5.23
CA TRP B 89 -15.25 -22.17 -5.18
C TRP B 89 -15.29 -20.71 -5.61
N ASP B 90 -16.50 -20.20 -5.87
CA ASP B 90 -16.68 -18.86 -6.45
C ASP B 90 -18.07 -18.35 -6.10
N ALA B 91 -18.14 -17.40 -5.17
CA ALA B 91 -19.41 -16.89 -4.64
C ALA B 91 -19.92 -15.72 -5.46
N ARG B 92 -20.62 -16.01 -6.56
CA ARG B 92 -21.42 -15.02 -7.28
C ARG B 92 -22.71 -15.71 -7.69
N THR B 93 -23.77 -15.47 -6.94
CA THR B 93 -25.10 -15.81 -7.43
C THR B 93 -25.40 -15.06 -8.70
N ARG B 94 -26.28 -15.62 -9.50
CA ARG B 94 -26.41 -15.09 -10.85
C ARG B 94 -27.87 -14.75 -11.14
N VAL B 95 -28.67 -14.62 -10.06
CA VAL B 95 -30.04 -14.09 -10.13
C VAL B 95 -30.02 -12.73 -10.81
N HIS B 96 -30.96 -12.53 -11.72
CA HIS B 96 -31.05 -11.33 -12.55
C HIS B 96 -29.75 -11.10 -13.32
N GLU B 97 -28.86 -12.10 -13.39
CA GLU B 97 -27.59 -12.06 -14.08
C GLU B 97 -26.58 -11.11 -13.43
N TYR B 98 -27.04 -10.29 -12.50
CA TYR B 98 -26.15 -9.37 -11.81
C TYR B 98 -25.88 -9.77 -10.37
N GLY B 99 -26.77 -10.55 -9.77
CA GLY B 99 -26.47 -11.17 -8.49
C GLY B 99 -26.40 -10.19 -7.33
N GLY B 100 -25.30 -10.27 -6.58
CA GLY B 100 -25.14 -9.50 -5.36
C GLY B 100 -24.57 -10.33 -4.21
N ARG B 101 -25.14 -10.13 -3.02
CA ARG B 101 -24.74 -10.87 -1.83
C ARG B 101 -24.83 -12.38 -2.07
N SER B 102 -23.69 -13.06 -1.97
CA SER B 102 -23.61 -14.49 -2.24
C SER B 102 -23.32 -15.31 -0.99
N TYR B 103 -23.64 -14.78 0.19
CA TYR B 103 -23.35 -15.49 1.43
C TYR B 103 -24.32 -15.01 2.50
N LEU B 104 -24.49 -15.86 3.52
CA LEU B 104 -25.35 -15.58 4.67
C LEU B 104 -24.73 -16.24 5.90
N PRO B 105 -24.37 -15.48 6.96
CA PRO B 105 -23.75 -16.14 8.12
C PRO B 105 -24.78 -16.69 9.10
N ILE B 106 -24.69 -18.00 9.35
CA ILE B 106 -25.62 -18.71 10.21
C ILE B 106 -24.83 -19.28 11.39
N ARG B 107 -25.29 -18.99 12.61
CA ARG B 107 -24.59 -19.44 13.79
C ARG B 107 -25.10 -20.82 14.21
N THR B 108 -24.21 -21.79 14.23
CA THR B 108 -24.45 -23.07 14.89
C THR B 108 -23.94 -22.98 16.33
N ALA B 109 -24.39 -23.91 17.17
CA ALA B 109 -24.00 -23.88 18.58
C ALA B 109 -22.49 -23.95 18.77
N GLU B 110 -21.74 -24.34 17.73
CA GLU B 110 -20.32 -24.64 17.81
C GLU B 110 -19.42 -23.58 17.17
N GLY B 111 -19.98 -22.70 16.35
CA GLY B 111 -19.17 -21.95 15.41
C GLY B 111 -20.07 -21.14 14.51
N TRP B 112 -19.48 -20.61 13.44
CA TRP B 112 -20.21 -19.84 12.45
C TRP B 112 -20.17 -20.59 11.13
N SER B 113 -21.31 -21.19 10.77
CA SER B 113 -21.50 -21.73 9.45
C SER B 113 -21.97 -20.62 8.52
N VAL B 114 -21.73 -20.79 7.23
CA VAL B 114 -22.14 -19.80 6.25
C VAL B 114 -22.49 -20.52 4.95
N VAL B 115 -23.66 -20.20 4.40
CA VAL B 115 -24.09 -20.72 3.11
C VAL B 115 -23.82 -19.66 2.04
N PHE B 116 -23.57 -20.13 0.82
CA PHE B 116 -23.24 -19.25 -0.30
C PHE B 116 -23.71 -19.87 -1.61
N SER B 117 -23.66 -19.08 -2.67
CA SER B 117 -24.05 -19.54 -4.00
C SER B 117 -22.79 -19.77 -4.83
N ASN B 118 -22.63 -20.98 -5.34
CA ASN B 118 -21.45 -21.30 -6.14
C ASN B 118 -21.74 -20.90 -7.59
N TYR B 119 -20.81 -20.15 -8.18
CA TYR B 119 -21.01 -19.58 -9.50
C TYR B 119 -21.34 -20.64 -10.55
N ASP B 120 -20.42 -21.59 -10.76
CA ASP B 120 -20.50 -22.43 -11.95
C ASP B 120 -21.81 -23.23 -12.01
N ASP B 121 -22.31 -23.68 -10.87
CA ASP B 121 -23.50 -24.50 -10.83
C ASP B 121 -24.69 -23.84 -10.15
N GLN B 122 -24.49 -22.71 -9.48
CA GLN B 122 -25.50 -21.90 -8.80
C GLN B 122 -26.12 -22.59 -7.60
N ARG B 123 -25.74 -23.83 -7.32
CA ARG B 123 -26.26 -24.51 -6.15
C ARG B 123 -25.85 -23.76 -4.89
N LEU B 124 -26.69 -23.84 -3.88
CA LEU B 124 -26.41 -23.24 -2.58
C LEU B 124 -25.60 -24.24 -1.75
N HIS B 125 -24.38 -23.85 -1.39
CA HIS B 125 -23.46 -24.70 -0.64
C HIS B 125 -23.33 -24.20 0.80
N ARG B 126 -22.98 -25.11 1.71
CA ARG B 126 -22.80 -24.81 3.12
C ARG B 126 -21.37 -25.09 3.57
N LEU B 127 -20.88 -24.30 4.52
CA LEU B 127 -19.50 -24.39 5.00
C LEU B 127 -19.48 -24.19 6.51
N ASP B 128 -18.83 -25.12 7.22
CA ASP B 128 -18.83 -25.19 8.68
C ASP B 128 -17.44 -24.85 9.24
N GLU B 129 -17.38 -23.88 10.15
CA GLU B 129 -16.11 -23.57 10.81
C GLU B 129 -15.58 -24.79 11.53
N GLY B 130 -14.43 -25.27 11.06
CA GLY B 130 -13.89 -26.55 11.48
C GLY B 130 -13.71 -27.54 10.37
N ASP B 131 -14.21 -27.24 9.17
CA ASP B 131 -14.05 -28.15 8.05
C ASP B 131 -13.86 -27.40 6.74
N PRO B 132 -12.73 -27.59 6.05
CA PRO B 132 -12.51 -26.95 4.76
C PRO B 132 -13.19 -27.73 3.64
N LYS B 133 -14.44 -28.09 3.86
CA LYS B 133 -15.25 -28.89 2.94
C LYS B 133 -16.64 -28.27 2.82
N PRO B 134 -16.99 -27.66 1.66
CA PRO B 134 -18.38 -27.26 1.44
C PRO B 134 -19.19 -28.29 0.66
N TYR B 135 -20.49 -28.36 0.95
CA TYR B 135 -21.42 -29.31 0.37
C TYR B 135 -22.69 -28.61 -0.07
N PRO B 136 -23.38 -29.15 -1.07
CA PRO B 136 -24.58 -28.49 -1.58
C PRO B 136 -25.79 -28.68 -0.68
N LEU B 137 -26.73 -27.72 -0.79
CA LEU B 137 -28.04 -27.79 -0.14
C LEU B 137 -29.22 -27.75 -1.11
N THR B 138 -29.02 -27.33 -2.36
CA THR B 138 -30.09 -27.33 -3.35
C THR B 138 -29.79 -28.40 -4.38
N PRO B 139 -30.78 -28.84 -5.13
CA PRO B 139 -30.55 -29.96 -6.04
C PRO B 139 -29.66 -29.58 -7.21
N LEU B 140 -28.95 -30.57 -7.70
CA LEU B 140 -28.15 -30.50 -8.91
C LEU B 140 -29.11 -30.05 -9.99
N PRO B 141 -29.07 -28.79 -10.43
CA PRO B 141 -30.20 -28.23 -11.18
C PRO B 141 -30.55 -29.08 -12.40
N ALA B 142 -31.77 -28.87 -12.89
CA ALA B 142 -32.24 -29.61 -14.05
C ALA B 142 -31.59 -29.11 -15.34
N VAL B 143 -31.73 -27.82 -15.63
CA VAL B 143 -31.01 -27.19 -16.72
C VAL B 143 -29.78 -26.46 -16.17
N PRO B 144 -28.74 -26.18 -16.99
CA PRO B 144 -27.52 -25.56 -16.45
C PRO B 144 -27.77 -24.33 -15.59
N ALA B 145 -27.42 -24.41 -14.31
CA ALA B 145 -27.59 -23.30 -13.36
C ALA B 145 -29.01 -22.76 -13.35
N GLY B 146 -29.97 -23.64 -13.64
CA GLY B 146 -31.37 -23.26 -13.81
C GLY B 146 -32.10 -22.95 -12.52
N LEU B 147 -31.46 -23.16 -11.37
CA LEU B 147 -31.97 -22.76 -10.08
C LEU B 147 -30.96 -21.79 -9.47
N ARG B 148 -31.45 -20.62 -9.07
CA ARG B 148 -30.56 -19.56 -8.61
C ARG B 148 -31.18 -18.92 -7.36
N TYR B 149 -30.30 -18.46 -6.46
CA TYR B 149 -30.72 -18.04 -5.13
C TYR B 149 -30.11 -16.70 -4.79
N ALA B 150 -30.83 -15.90 -4.02
CA ALA B 150 -30.33 -14.57 -3.67
C ALA B 150 -31.14 -14.00 -2.51
N ASP B 151 -30.56 -12.95 -1.89
CA ASP B 151 -31.20 -12.16 -0.84
C ASP B 151 -31.58 -13.05 0.35
N TYR B 152 -30.65 -13.96 0.70
CA TYR B 152 -30.90 -15.04 1.65
C TYR B 152 -31.22 -14.48 3.03
N VAL B 153 -32.18 -15.10 3.71
CA VAL B 153 -32.45 -14.79 5.11
C VAL B 153 -32.73 -16.08 5.86
N LEU B 154 -32.41 -16.09 7.15
CA LEU B 154 -32.59 -17.26 7.99
C LEU B 154 -34.01 -17.23 8.57
N SER B 155 -34.71 -18.37 8.47
CA SER B 155 -36.09 -18.41 8.94
C SER B 155 -36.12 -18.35 10.46
N PRO B 156 -37.24 -17.89 11.05
CA PRO B 156 -37.27 -17.74 12.50
C PRO B 156 -37.00 -19.06 13.24
N ASP B 157 -37.83 -20.07 13.03
CA ASP B 157 -37.65 -21.35 13.72
C ASP B 157 -37.93 -22.53 12.79
N GLY B 158 -37.53 -22.42 11.53
CA GLY B 158 -37.60 -23.56 10.65
C GLY B 158 -36.24 -24.19 10.44
N THR B 159 -35.19 -23.48 10.86
CA THR B 159 -33.81 -23.84 10.51
C THR B 159 -33.65 -23.96 9.01
N GLU B 160 -34.62 -23.41 8.27
CA GLU B 160 -34.59 -23.24 6.83
C GLU B 160 -34.11 -21.82 6.52
N VAL B 161 -33.39 -21.68 5.41
CA VAL B 161 -33.04 -20.37 4.89
C VAL B 161 -34.05 -20.02 3.81
N TRP B 162 -34.71 -18.88 3.99
CA TRP B 162 -35.68 -18.38 3.02
C TRP B 162 -34.96 -17.41 2.10
N CYS B 163 -35.22 -17.55 0.80
CA CYS B 163 -34.46 -16.77 -0.16
C CYS B 163 -35.27 -16.66 -1.45
N VAL B 164 -34.81 -15.75 -2.31
CA VAL B 164 -35.42 -15.59 -3.63
C VAL B 164 -34.85 -16.66 -4.54
N CYS B 165 -35.73 -17.30 -5.31
CA CYS B 165 -35.37 -18.36 -6.23
C CYS B 165 -35.78 -17.95 -7.65
N GLU B 166 -34.87 -18.14 -8.59
CA GLU B 166 -35.09 -17.80 -9.98
C GLU B 166 -35.01 -19.06 -10.82
N GLY B 194 -38.15 -18.50 -19.43
CA GLY B 194 -37.43 -18.04 -18.26
C GLY B 194 -38.01 -18.49 -16.93
N ILE B 195 -37.13 -18.97 -16.05
CA ILE B 195 -37.52 -19.51 -14.74
C ILE B 195 -38.42 -18.45 -14.10
N ARG B 196 -39.67 -18.81 -13.76
CA ARG B 196 -40.41 -17.90 -12.89
C ARG B 196 -39.71 -17.82 -11.54
N ARG B 197 -40.16 -16.88 -10.71
CA ARG B 197 -39.49 -16.62 -9.45
C ARG B 197 -40.45 -16.89 -8.29
N ALA B 198 -39.85 -17.17 -7.13
CA ALA B 198 -40.65 -17.43 -5.93
C ALA B 198 -39.73 -17.29 -4.73
N ILE B 199 -40.34 -16.98 -3.59
CA ILE B 199 -39.64 -17.03 -2.31
C ILE B 199 -39.79 -18.42 -1.71
N VAL B 200 -38.67 -19.01 -1.31
CA VAL B 200 -38.60 -20.44 -1.04
C VAL B 200 -37.81 -20.68 0.23
N ALA B 201 -38.05 -21.84 0.83
CA ALA B 201 -37.43 -22.23 2.09
C ALA B 201 -36.56 -23.45 1.80
N ILE B 202 -35.29 -23.34 2.12
CA ILE B 202 -34.29 -24.36 1.84
C ILE B 202 -33.87 -25.00 3.15
N PRO B 203 -33.94 -26.33 3.28
CA PRO B 203 -33.52 -26.97 4.54
C PRO B 203 -32.02 -26.88 4.74
N LEU B 204 -31.62 -26.47 5.95
CA LEU B 204 -30.21 -26.24 6.29
C LEU B 204 -29.41 -27.53 6.44
N ASP B 205 -30.03 -28.68 6.24
CA ASP B 205 -29.37 -29.96 6.49
C ASP B 205 -29.01 -30.71 5.22
N GLY B 206 -28.91 -30.00 4.09
CA GLY B 206 -28.58 -30.66 2.84
C GLY B 206 -29.51 -31.79 2.48
N ARG B 207 -30.74 -31.78 2.98
CA ARG B 207 -31.71 -32.79 2.58
C ARG B 207 -32.18 -32.61 1.15
N ALA B 208 -31.93 -31.45 0.54
CA ALA B 208 -32.30 -31.23 -0.85
C ALA B 208 -31.13 -31.38 -1.80
N ALA B 209 -29.94 -31.68 -1.28
CA ALA B 209 -28.81 -31.96 -2.16
C ALA B 209 -29.17 -33.03 -3.17
N GLU B 210 -29.96 -34.02 -2.74
CA GLU B 210 -30.43 -35.11 -3.56
C GLU B 210 -31.93 -35.32 -3.36
N ASP B 211 -32.67 -34.21 -3.20
CA ASP B 211 -34.14 -34.28 -3.14
C ASP B 211 -34.70 -32.89 -3.42
N ALA B 212 -35.28 -32.70 -4.61
CA ALA B 212 -35.93 -31.42 -4.91
C ALA B 212 -37.22 -31.22 -4.12
N GLY B 213 -37.77 -32.28 -3.53
CA GLY B 213 -38.97 -32.25 -2.71
C GLY B 213 -38.86 -31.69 -1.31
N ALA B 214 -37.68 -31.24 -0.86
CA ALA B 214 -37.58 -30.64 0.46
C ALA B 214 -37.65 -29.12 0.44
N ILE B 215 -37.46 -28.50 -0.72
CA ILE B 215 -37.61 -27.05 -0.87
C ILE B 215 -39.08 -26.73 -1.14
N ARG B 216 -39.57 -25.68 -0.50
CA ARG B 216 -40.98 -25.33 -0.51
C ARG B 216 -41.19 -23.96 -1.15
N GLU B 217 -42.13 -23.87 -2.12
CA GLU B 217 -42.49 -22.57 -2.68
C GLU B 217 -43.41 -21.86 -1.69
N LEU B 218 -42.93 -20.75 -1.15
CA LEU B 218 -43.56 -19.97 -0.09
C LEU B 218 -44.46 -18.86 -0.60
N VAL B 219 -44.09 -18.14 -1.67
CA VAL B 219 -44.89 -17.02 -2.13
C VAL B 219 -45.42 -17.24 -3.54
N ALA B 220 -46.53 -16.54 -3.84
CA ALA B 220 -47.37 -16.74 -5.01
C ALA B 220 -46.74 -16.15 -6.26
N GLY B 221 -47.51 -16.01 -7.33
CA GLY B 221 -46.89 -15.79 -8.62
C GLY B 221 -46.64 -14.36 -9.09
N ALA B 222 -45.43 -13.86 -8.86
CA ALA B 222 -44.99 -12.59 -9.41
C ALA B 222 -43.80 -12.83 -10.33
N GLN B 223 -43.49 -11.82 -11.16
CA GLN B 223 -42.35 -11.95 -12.06
C GLN B 223 -41.03 -11.58 -11.40
N PHE B 224 -41.05 -10.61 -10.47
CA PHE B 224 -39.83 -10.24 -9.77
C PHE B 224 -40.10 -10.10 -8.28
N TYR B 225 -39.25 -10.72 -7.46
CA TYR B 225 -39.30 -10.67 -6.01
C TYR B 225 -37.94 -10.22 -5.48
N ALA B 226 -37.95 -9.70 -4.25
CA ALA B 226 -36.74 -9.24 -3.59
C ALA B 226 -37.02 -9.00 -2.10
N SER B 227 -35.94 -8.92 -1.34
CA SER B 227 -35.96 -8.55 0.08
C SER B 227 -36.98 -9.35 0.92
N PRO B 228 -36.82 -10.67 1.01
CA PRO B 228 -37.70 -11.43 1.91
C PRO B 228 -37.29 -11.23 3.37
N ALA B 229 -38.26 -10.90 4.21
CA ALA B 229 -37.99 -10.47 5.59
C ALA B 229 -38.99 -11.08 6.59
N PRO B 230 -38.59 -12.14 7.31
CA PRO B 230 -39.44 -12.69 8.37
C PRO B 230 -39.63 -11.70 9.51
N SER B 231 -40.78 -11.80 10.18
CA SER B 231 -41.05 -10.90 11.28
C SER B 231 -40.44 -11.42 12.58
N PRO B 232 -40.36 -10.58 13.60
CA PRO B 232 -39.80 -10.99 14.89
C PRO B 232 -40.37 -12.29 15.44
N GLY B 233 -41.69 -12.31 15.64
CA GLY B 233 -42.36 -13.47 16.21
C GLY B 233 -42.39 -14.69 15.32
N GLY B 234 -42.08 -14.54 14.04
CA GLY B 234 -42.23 -15.61 13.09
C GLY B 234 -43.61 -15.71 12.49
N GLY B 235 -44.54 -14.86 12.92
CA GLY B 235 -45.89 -14.83 12.43
C GLY B 235 -46.11 -14.00 11.18
N HIS B 236 -45.08 -13.36 10.64
CA HIS B 236 -45.25 -12.55 9.45
C HIS B 236 -44.06 -12.71 8.52
N LEU B 237 -44.28 -12.32 7.26
CA LEU B 237 -43.22 -12.30 6.25
C LEU B 237 -43.50 -11.14 5.32
N ALA B 238 -42.49 -10.32 5.04
CA ALA B 238 -42.64 -9.17 4.17
C ALA B 238 -41.64 -9.26 3.02
N TRP B 239 -42.01 -8.71 1.87
CA TRP B 239 -41.14 -8.74 0.71
C TRP B 239 -41.48 -7.58 -0.21
N VAL B 240 -40.70 -7.45 -1.29
CA VAL B 240 -40.93 -6.49 -2.35
C VAL B 240 -41.14 -7.27 -3.65
N GLN B 241 -42.18 -6.93 -4.38
CA GLN B 241 -42.44 -7.56 -5.66
C GLN B 241 -42.73 -6.50 -6.71
N TRP B 242 -42.49 -6.87 -7.97
CA TRP B 242 -42.90 -6.02 -9.09
C TRP B 242 -43.04 -6.92 -10.31
N ASN B 243 -43.66 -6.38 -11.35
CA ASN B 243 -44.04 -7.17 -12.51
C ASN B 243 -43.51 -6.47 -13.75
N HIS B 244 -43.58 -7.18 -14.88
CA HIS B 244 -42.47 -7.11 -15.83
C HIS B 244 -42.33 -5.75 -16.48
N PRO B 245 -43.40 -5.10 -16.95
CA PRO B 245 -43.22 -3.86 -17.73
C PRO B 245 -42.41 -2.77 -17.01
N ARG B 246 -42.24 -2.91 -15.70
CA ARG B 246 -41.63 -1.91 -14.86
C ARG B 246 -40.23 -2.31 -14.43
N MET B 247 -39.47 -1.34 -13.98
CA MET B 247 -38.24 -1.66 -13.28
C MET B 247 -38.42 -1.35 -11.81
N PRO B 248 -37.59 -1.91 -10.94
CA PRO B 248 -37.84 -1.77 -9.50
C PRO B 248 -37.81 -0.32 -9.04
N TRP B 249 -37.17 0.57 -9.80
CA TRP B 249 -37.22 2.00 -9.51
C TRP B 249 -38.38 2.69 -10.20
N ASP B 250 -39.14 1.96 -11.00
CA ASP B 250 -40.36 2.49 -11.59
C ASP B 250 -41.54 2.31 -10.64
N GLY B 251 -41.82 1.06 -10.27
CA GLY B 251 -42.91 0.79 -9.35
C GLY B 251 -42.82 -0.58 -8.72
N THR B 252 -43.02 -0.63 -7.41
CA THR B 252 -42.93 -1.87 -6.64
C THR B 252 -44.08 -1.93 -5.64
N GLU B 253 -44.22 -3.09 -5.02
CA GLU B 253 -45.18 -3.31 -3.94
C GLU B 253 -44.46 -3.93 -2.76
N VAL B 254 -44.68 -3.38 -1.57
CA VAL B 254 -44.26 -4.02 -0.33
C VAL B 254 -45.44 -4.81 0.19
N ARG B 255 -45.36 -6.14 0.09
CA ARG B 255 -46.41 -7.05 0.53
C ARG B 255 -46.00 -7.72 1.83
N VAL B 256 -46.98 -7.91 2.73
CA VAL B 256 -46.77 -8.70 3.93
C VAL B 256 -47.86 -9.75 4.03
N ALA B 257 -47.48 -10.96 4.45
CA ALA B 257 -48.42 -12.04 4.64
C ALA B 257 -48.18 -12.73 5.98
N ALA B 258 -49.24 -13.33 6.51
CA ALA B 258 -49.16 -14.10 7.73
C ALA B 258 -48.53 -15.46 7.47
N VAL B 259 -47.99 -16.04 8.54
CA VAL B 259 -47.44 -17.38 8.51
C VAL B 259 -48.36 -18.21 9.40
N GLU B 260 -49.06 -19.14 8.80
CA GLU B 260 -49.96 -20.03 9.52
C GLU B 260 -49.67 -21.49 9.20
N ASP B 261 -49.41 -21.80 7.95
CA ASP B 261 -49.12 -23.14 7.47
C ASP B 261 -47.60 -23.21 7.27
N GLY B 262 -47.13 -24.29 6.64
CA GLY B 262 -45.74 -24.28 6.22
C GLY B 262 -45.43 -23.21 5.20
N ARG B 263 -46.45 -22.58 4.60
CA ARG B 263 -46.29 -21.58 3.55
C ARG B 263 -47.11 -20.31 3.84
N THR B 264 -47.16 -19.39 2.88
CA THR B 264 -47.74 -18.07 3.06
C THR B 264 -49.27 -18.09 3.00
N VAL B 265 -49.88 -17.16 3.73
CA VAL B 265 -51.34 -17.05 3.76
C VAL B 265 -51.71 -15.58 3.92
N ALA B 266 -52.82 -15.21 3.30
CA ALA B 266 -53.45 -13.90 3.45
C ALA B 266 -52.55 -12.67 3.23
N PRO B 267 -51.93 -12.54 2.06
CA PRO B 267 -51.13 -11.33 1.78
C PRO B 267 -52.02 -10.13 1.46
N ARG B 268 -51.44 -8.93 1.55
CA ARG B 268 -51.99 -7.70 0.99
C ARG B 268 -51.02 -6.54 1.21
N THR B 269 -51.16 -5.52 0.35
CA THR B 269 -50.13 -4.48 0.15
C THR B 269 -50.02 -3.50 1.31
N VAL B 270 -48.81 -3.29 1.81
CA VAL B 270 -48.57 -2.32 2.87
C VAL B 270 -48.09 -0.96 2.37
N LYS B 271 -47.45 -0.92 1.20
CA LYS B 271 -46.91 0.35 0.73
C LYS B 271 -46.51 0.18 -0.73
N GLY B 272 -46.66 1.23 -1.50
CA GLY B 272 -46.21 1.21 -2.88
C GLY B 272 -47.38 1.14 -3.85
N GLY B 273 -47.04 1.20 -5.13
CA GLY B 273 -48.05 1.14 -6.16
C GLY B 273 -47.43 1.10 -7.54
N LEU B 274 -48.24 1.40 -8.56
CA LEU B 274 -47.79 1.22 -9.94
C LEU B 274 -46.69 2.19 -10.33
N LYS B 275 -46.66 3.38 -9.73
CA LYS B 275 -45.59 4.33 -9.98
C LYS B 275 -44.90 4.77 -8.68
N GLU B 276 -45.12 4.05 -7.59
CA GLU B 276 -44.50 4.32 -6.30
C GLU B 276 -43.46 3.23 -6.04
N SER B 277 -42.21 3.64 -5.81
CA SER B 277 -41.10 2.72 -5.61
C SER B 277 -40.86 2.56 -4.10
N ALA B 278 -41.09 1.35 -3.59
CA ALA B 278 -40.98 1.00 -2.18
C ALA B 278 -40.14 -0.26 -2.05
N LEU B 279 -39.11 -0.24 -1.19
CA LEU B 279 -38.17 -1.33 -1.35
C LEU B 279 -37.37 -1.94 -0.19
N ALA B 280 -37.41 -1.41 1.02
CA ALA B 280 -36.55 -1.93 2.09
C ALA B 280 -37.35 -2.27 3.34
N PRO B 281 -38.14 -3.34 3.30
CA PRO B 281 -38.89 -3.71 4.51
C PRO B 281 -37.93 -4.13 5.61
N LEU B 282 -38.03 -3.43 6.73
CA LEU B 282 -37.20 -3.64 7.91
C LEU B 282 -38.12 -3.51 9.11
N TRP B 283 -38.45 -4.64 9.74
CA TRP B 283 -39.43 -4.66 10.83
C TRP B 283 -38.96 -3.84 12.03
N ARG B 284 -39.93 -3.20 12.70
CA ARG B 284 -39.70 -2.50 13.96
C ARG B 284 -40.12 -3.32 15.16
N ASP B 285 -41.12 -4.18 14.99
CA ASP B 285 -41.63 -5.14 15.98
C ASP B 285 -42.63 -6.02 15.24
N GLU B 286 -43.31 -6.91 15.96
CA GLU B 286 -44.35 -7.72 15.33
C GLU B 286 -45.55 -6.93 14.82
N GLU B 287 -45.65 -5.63 15.08
CA GLU B 287 -46.88 -4.89 14.77
C GLU B 287 -46.69 -3.71 13.82
N SER B 288 -45.49 -3.49 13.29
CA SER B 288 -45.21 -2.29 12.53
C SER B 288 -43.84 -2.45 11.89
N LEU B 289 -43.67 -1.86 10.71
CA LEU B 289 -42.42 -2.03 10.00
C LEU B 289 -42.08 -0.77 9.24
N TYR B 290 -40.85 -0.74 8.75
CA TYR B 290 -40.30 0.37 7.98
C TYR B 290 -40.23 -0.01 6.51
N VAL B 291 -40.46 0.99 5.67
CA VAL B 291 -40.27 0.86 4.23
C VAL B 291 -39.65 2.15 3.73
N ILE B 292 -38.99 2.06 2.58
CA ILE B 292 -38.51 3.25 1.88
C ILE B 292 -39.33 3.36 0.61
N SER B 293 -39.96 4.52 0.43
CA SER B 293 -40.78 4.75 -0.74
C SER B 293 -40.54 6.17 -1.23
N ASP B 294 -40.62 6.35 -2.56
CA ASP B 294 -40.45 7.67 -3.16
C ASP B 294 -41.78 8.35 -3.43
N TRP B 295 -42.80 8.04 -2.65
CA TRP B 295 -44.08 8.73 -2.77
C TRP B 295 -43.95 10.25 -2.83
N PRO B 296 -43.12 10.91 -2.02
CA PRO B 296 -43.04 12.38 -2.08
C PRO B 296 -42.07 12.92 -3.12
N GLY B 297 -41.56 12.08 -4.02
CA GLY B 297 -40.61 12.49 -5.03
C GLY B 297 -39.16 12.21 -4.69
N TRP B 298 -38.89 11.72 -3.49
CA TRP B 298 -37.59 11.26 -3.06
C TRP B 298 -37.76 10.00 -2.22
N TRP B 299 -36.80 9.10 -2.29
CA TRP B 299 -36.85 7.94 -1.42
C TRP B 299 -36.80 8.41 0.03
N ASN B 300 -37.90 8.24 0.75
CA ASN B 300 -38.00 8.64 2.13
C ASN B 300 -38.39 7.42 2.96
N ILE B 301 -38.35 7.60 4.28
CA ILE B 301 -38.62 6.54 5.24
C ILE B 301 -40.06 6.65 5.75
N TYR B 302 -40.80 5.54 5.66
CA TYR B 302 -42.16 5.45 6.16
C TYR B 302 -42.28 4.31 7.17
N GLN B 303 -43.08 4.54 8.21
CA GLN B 303 -43.51 3.52 9.16
C GLN B 303 -44.95 3.13 8.88
N VAL B 304 -45.19 1.83 8.70
CA VAL B 304 -46.50 1.32 8.33
C VAL B 304 -46.93 0.21 9.28
N GLY B 305 -48.25 0.11 9.49
CA GLY B 305 -48.83 -0.97 10.26
C GLY B 305 -49.22 -2.11 9.34
N LEU B 306 -50.12 -2.96 9.85
CA LEU B 306 -50.55 -4.12 9.07
C LEU B 306 -52.02 -4.10 8.67
N HIS B 307 -52.83 -3.21 9.24
CA HIS B 307 -54.19 -3.01 8.77
C HIS B 307 -54.46 -1.59 8.34
N GLY B 308 -54.19 -0.60 9.20
CA GLY B 308 -54.67 0.74 8.97
C GLY B 308 -53.93 1.41 7.83
N GLU B 309 -54.65 1.78 6.77
CA GLU B 309 -54.02 2.38 5.59
C GLU B 309 -53.57 3.79 5.95
N SER B 310 -52.58 3.89 6.84
CA SER B 310 -52.10 5.17 7.37
C SER B 310 -50.57 5.18 7.43
N PRO B 311 -49.91 5.33 6.28
CA PRO B 311 -48.44 5.37 6.27
C PRO B 311 -47.93 6.56 7.07
N GLN B 312 -47.04 6.26 8.03
CA GLN B 312 -46.44 7.27 8.92
C GLN B 312 -45.06 7.65 8.39
N ALA B 313 -44.88 8.95 8.09
CA ALA B 313 -43.71 9.43 7.39
C ALA B 313 -42.71 10.00 8.38
N LEU B 314 -41.56 9.34 8.52
CA LEU B 314 -40.45 9.83 9.32
C LEU B 314 -39.52 10.69 8.51
N TYR B 315 -39.10 11.81 9.10
CA TYR B 315 -38.05 12.70 8.58
C TYR B 315 -38.08 12.80 7.06
N PRO B 316 -39.09 13.48 6.49
CA PRO B 316 -39.14 13.68 5.04
C PRO B 316 -38.18 14.79 4.63
N ALA B 317 -37.24 14.48 3.74
CA ALA B 317 -36.28 15.45 3.26
C ALA B 317 -36.16 15.29 1.75
N GLU B 318 -35.67 16.34 1.09
CA GLU B 318 -35.37 16.29 -0.34
C GLU B 318 -34.02 15.61 -0.57
N GLU B 319 -33.93 14.36 -0.12
CA GLU B 319 -32.73 13.56 -0.23
C GLU B 319 -33.08 12.09 -0.39
N GLU B 320 -32.39 11.41 -1.29
CA GLU B 320 -32.63 10.00 -1.51
C GLU B 320 -32.10 9.23 -0.32
N PHE B 321 -32.92 8.31 0.20
CA PHE B 321 -32.49 7.42 1.28
C PHE B 321 -32.23 6.00 0.79
N ALA B 322 -32.14 5.79 -0.52
CA ALA B 322 -31.81 4.47 -1.05
C ALA B 322 -31.27 4.64 -2.47
N GLY B 323 -31.06 3.52 -3.16
CA GLY B 323 -30.57 3.56 -4.52
C GLY B 323 -31.39 2.70 -5.47
N PRO B 324 -31.00 2.66 -6.74
CA PRO B 324 -31.65 1.72 -7.67
C PRO B 324 -31.20 0.28 -7.45
N LEU B 325 -32.18 -0.64 -7.55
CA LEU B 325 -32.00 -2.05 -7.20
C LEU B 325 -31.54 -2.84 -8.42
N TRP B 326 -30.25 -2.73 -8.72
CA TRP B 326 -29.68 -3.56 -9.76
C TRP B 326 -29.26 -4.91 -9.21
N GLN B 327 -28.72 -4.94 -7.99
CA GLN B 327 -28.32 -6.15 -7.29
C GLN B 327 -29.12 -6.28 -5.99
N LEU B 328 -29.44 -7.53 -5.65
CA LEU B 328 -30.19 -7.82 -4.43
C LEU B 328 -29.24 -8.10 -3.28
N GLY B 329 -29.75 -7.92 -2.06
CA GLY B 329 -28.98 -8.24 -0.88
C GLY B 329 -28.44 -7.06 -0.11
N GLY B 330 -28.67 -5.84 -0.57
CA GLY B 330 -28.15 -4.65 0.10
C GLY B 330 -29.29 -3.94 0.80
N MET B 331 -29.00 -3.41 1.98
CA MET B 331 -29.99 -2.63 2.70
C MET B 331 -29.45 -1.22 2.96
N PRO B 332 -30.29 -0.20 2.81
CA PRO B 332 -29.92 1.17 3.19
C PRO B 332 -30.18 1.49 4.65
N TYR B 333 -30.74 0.52 5.38
CA TYR B 333 -31.18 0.65 6.75
C TYR B 333 -30.51 -0.35 7.66
N ALA B 334 -30.33 0.04 8.91
CA ALA B 334 -29.88 -0.89 9.92
C ALA B 334 -30.59 -0.59 11.23
N LEU B 335 -30.83 -1.63 12.01
CA LEU B 335 -31.29 -1.48 13.38
C LEU B 335 -30.14 -1.59 14.37
N LEU B 336 -30.14 -0.68 15.34
CA LEU B 336 -29.24 -0.72 16.46
C LEU B 336 -29.94 -1.40 17.63
N GLY B 337 -29.16 -1.84 18.61
CA GLY B 337 -29.73 -2.56 19.73
C GLY B 337 -30.76 -1.78 20.51
N ASP B 338 -30.73 -0.45 20.43
CA ASP B 338 -31.59 0.41 21.24
C ASP B 338 -32.81 0.97 20.51
N GLY B 339 -32.97 0.69 19.22
CA GLY B 339 -34.11 1.17 18.46
C GLY B 339 -33.79 2.30 17.50
N ARG B 340 -32.65 2.95 17.63
CA ARG B 340 -32.26 3.91 16.61
C ARG B 340 -32.00 3.19 15.29
N LEU B 341 -32.07 3.96 14.20
CA LEU B 341 -31.82 3.47 12.86
C LEU B 341 -30.52 4.05 12.35
N ALA B 342 -29.66 3.20 11.78
CA ALA B 342 -28.51 3.68 11.05
C ALA B 342 -28.90 3.78 9.58
N VAL B 343 -28.82 4.98 9.03
CA VAL B 343 -29.40 5.31 7.74
C VAL B 343 -28.37 5.97 6.84
N LEU B 344 -28.57 5.85 5.54
CA LEU B 344 -27.78 6.55 4.55
C LEU B 344 -28.68 7.55 3.84
N HIS B 345 -28.16 8.75 3.59
CA HIS B 345 -29.03 9.76 3.04
C HIS B 345 -28.21 10.85 2.36
N GLY B 346 -28.82 11.49 1.38
CA GLY B 346 -28.21 12.64 0.74
C GLY B 346 -28.68 12.83 -0.69
N GLU B 347 -28.55 14.07 -1.16
CA GLU B 347 -28.72 14.40 -2.58
C GLU B 347 -27.36 14.28 -3.24
N GLY B 348 -27.14 13.18 -3.94
CA GLY B 348 -25.85 12.91 -4.51
C GLY B 348 -25.23 11.75 -3.78
N ASP B 349 -24.06 11.97 -3.18
CA ASP B 349 -23.43 10.95 -2.35
C ASP B 349 -24.29 10.62 -1.13
N LEU B 350 -24.27 9.36 -0.74
CA LEU B 350 -24.99 8.91 0.45
C LEU B 350 -24.06 8.99 1.66
N ARG B 351 -24.48 9.73 2.68
CA ARG B 351 -23.68 9.85 3.88
C ARG B 351 -24.38 9.18 5.05
N LEU B 352 -23.57 8.77 6.05
CA LEU B 352 -24.00 7.86 7.10
C LEU B 352 -24.45 8.65 8.32
N GLY B 353 -25.71 8.44 8.75
CA GLY B 353 -26.24 9.07 9.94
C GLY B 353 -27.04 8.11 10.80
N VAL B 354 -27.58 8.64 11.90
CA VAL B 354 -28.39 7.86 12.83
C VAL B 354 -29.66 8.63 13.17
N TYR B 355 -30.81 7.96 13.00
CA TYR B 355 -32.13 8.49 13.34
C TYR B 355 -32.55 7.94 14.69
N ASP B 356 -33.04 8.83 15.54
CA ASP B 356 -33.38 8.50 16.91
C ASP B 356 -34.90 8.53 17.13
N PRO B 357 -35.59 7.40 17.04
CA PRO B 357 -37.06 7.42 17.18
C PRO B 357 -37.52 8.02 18.49
N GLU B 358 -36.63 8.22 19.46
CA GLU B 358 -36.99 8.87 20.71
C GLU B 358 -37.04 10.39 20.54
N THR B 359 -36.31 10.95 19.57
CA THR B 359 -36.27 12.39 19.35
C THR B 359 -36.61 12.85 17.94
N LEU B 360 -36.84 11.95 16.98
CA LEU B 360 -37.13 12.29 15.58
C LEU B 360 -35.97 13.04 14.91
N ASP B 361 -34.76 12.95 15.49
CA ASP B 361 -33.59 13.59 14.91
C ASP B 361 -32.84 12.63 13.99
N LEU B 362 -32.18 13.21 12.99
CA LEU B 362 -31.25 12.50 12.12
C LEU B 362 -29.91 13.19 12.31
N VAL B 363 -28.94 12.47 12.89
CA VAL B 363 -27.66 13.04 13.30
C VAL B 363 -26.55 12.33 12.53
N ASP B 364 -25.74 13.10 11.80
CA ASP B 364 -24.66 12.50 11.02
C ASP B 364 -23.51 12.06 11.92
N LEU B 365 -22.90 10.93 11.58
CA LEU B 365 -21.74 10.39 12.27
C LEU B 365 -20.45 11.04 11.78
N GLU B 366 -19.62 11.48 12.73
CA GLU B 366 -18.31 12.09 12.45
C GLU B 366 -17.41 11.08 11.74
N VAL B 367 -17.21 11.25 10.43
CA VAL B 367 -16.51 10.23 9.63
C VAL B 367 -15.78 10.89 8.46
N PRO B 368 -14.63 10.35 8.04
CA PRO B 368 -13.91 10.91 6.88
C PRO B 368 -14.45 10.43 5.54
N TYR B 369 -15.44 9.55 5.55
CA TYR B 369 -15.95 8.94 4.35
C TYR B 369 -17.16 9.75 3.88
N GLU B 370 -17.13 10.15 2.60
CA GLU B 370 -18.13 11.03 2.04
C GLU B 370 -19.24 10.30 1.27
N HIS B 371 -18.98 9.09 0.81
CA HIS B 371 -19.99 8.34 0.09
C HIS B 371 -19.96 6.87 0.52
N TRP B 372 -21.13 6.35 0.82
CA TRP B 372 -21.32 4.96 1.23
C TRP B 372 -22.12 4.22 0.17
N ALA B 373 -21.91 2.90 0.11
CA ALA B 373 -22.70 2.03 -0.75
C ALA B 373 -24.00 1.64 -0.05
N THR B 374 -25.01 1.25 -0.83
CA THR B 374 -26.27 0.85 -0.19
C THR B 374 -26.14 -0.56 0.32
N GLN B 375 -25.08 -0.81 1.08
CA GLN B 375 -24.80 -2.11 1.68
C GLN B 375 -24.39 -1.80 3.12
N LEU B 376 -25.38 -1.70 4.02
CA LEU B 376 -25.10 -1.54 5.43
C LEU B 376 -25.43 -2.81 6.19
N SER B 377 -24.79 -2.93 7.35
CA SER B 377 -25.09 -3.97 8.32
C SER B 377 -24.92 -3.39 9.71
N ALA B 378 -25.65 -3.93 10.68
CA ALA B 378 -25.55 -3.42 12.03
C ALA B 378 -26.02 -4.49 13.01
N ASP B 379 -25.26 -4.64 14.08
CA ASP B 379 -25.61 -5.49 15.20
C ASP B 379 -25.16 -4.77 16.47
N GLY B 380 -26.10 -4.53 17.39
CA GLY B 380 -25.79 -3.83 18.62
C GLY B 380 -25.46 -2.36 18.46
N THR B 381 -24.22 -1.98 18.74
CA THR B 381 -23.76 -0.61 18.53
C THR B 381 -22.81 -0.47 17.35
N THR B 382 -22.50 -1.56 16.66
CA THR B 382 -21.51 -1.60 15.59
C THR B 382 -22.18 -1.57 14.22
N VAL B 383 -21.78 -0.63 13.38
CA VAL B 383 -22.24 -0.54 12.00
C VAL B 383 -21.08 -0.91 11.07
N VAL B 384 -21.43 -1.49 9.93
CA VAL B 384 -20.45 -1.93 8.95
C VAL B 384 -20.97 -1.52 7.58
N GLY B 385 -20.08 -1.08 6.70
CA GLY B 385 -20.49 -0.69 5.36
C GLY B 385 -19.31 -0.54 4.43
N ILE B 386 -19.59 -0.01 3.24
CA ILE B 386 -18.56 0.26 2.24
C ILE B 386 -18.48 1.75 2.03
N GLY B 387 -17.35 2.35 2.38
CA GLY B 387 -17.20 3.80 2.33
C GLY B 387 -16.00 4.23 1.53
N GLY B 388 -16.02 5.50 1.14
CA GLY B 388 -14.97 6.06 0.32
C GLY B 388 -15.19 7.54 0.14
N GLY B 389 -14.33 8.15 -0.66
CA GLY B 389 -14.43 9.57 -0.92
C GLY B 389 -13.35 10.06 -1.86
N PRO B 390 -13.27 11.38 -2.02
CA PRO B 390 -12.31 11.98 -2.97
C PRO B 390 -10.87 11.52 -2.83
N ASP B 391 -10.37 11.37 -1.60
CA ASP B 391 -9.01 10.90 -1.38
C ASP B 391 -8.95 9.57 -0.65
N LEU B 392 -10.09 8.91 -0.46
CA LEU B 392 -10.16 7.59 0.13
C LEU B 392 -10.74 6.61 -0.86
N PRO B 393 -10.05 5.54 -1.21
CA PRO B 393 -10.66 4.53 -2.07
C PRO B 393 -11.67 3.72 -1.27
N ALA B 394 -12.54 3.03 -2.01
CA ALA B 394 -13.56 2.21 -1.37
C ALA B 394 -12.94 1.23 -0.40
N SER B 395 -13.56 1.09 0.77
CA SER B 395 -13.02 0.16 1.75
C SER B 395 -14.13 -0.23 2.71
N VAL B 396 -14.01 -1.44 3.24
CA VAL B 396 -14.93 -1.89 4.28
C VAL B 396 -14.63 -1.09 5.53
N VAL B 397 -15.65 -0.45 6.09
CA VAL B 397 -15.50 0.42 7.24
C VAL B 397 -16.39 -0.09 8.36
N ARG B 398 -15.87 -0.01 9.58
CA ARG B 398 -16.58 -0.38 10.79
C ARG B 398 -16.68 0.86 11.67
N VAL B 399 -17.90 1.26 11.98
CA VAL B 399 -18.14 2.42 12.84
C VAL B 399 -18.83 1.92 14.10
N ASP B 400 -18.69 2.68 15.18
CA ASP B 400 -19.33 2.35 16.44
C ASP B 400 -20.08 3.59 16.90
N THR B 401 -21.42 3.51 16.95
CA THR B 401 -22.29 4.67 17.16
C THR B 401 -22.21 5.24 18.58
N THR B 402 -21.55 4.55 19.50
CA THR B 402 -21.33 5.04 20.85
C THR B 402 -19.95 5.68 21.02
N THR B 403 -18.88 5.01 20.57
CA THR B 403 -17.53 5.52 20.78
C THR B 403 -17.12 6.52 19.71
N GLY B 404 -17.64 6.39 18.50
CA GLY B 404 -17.18 7.17 17.38
C GLY B 404 -16.06 6.53 16.62
N ARG B 405 -15.31 5.63 17.26
CA ARG B 405 -14.20 4.90 16.67
C ARG B 405 -14.54 4.39 15.27
N VAL B 406 -13.72 4.78 14.29
CA VAL B 406 -13.89 4.39 12.90
C VAL B 406 -12.69 3.58 12.47
N GLU B 407 -12.94 2.51 11.73
CA GLU B 407 -11.89 1.60 11.31
C GLU B 407 -12.03 1.23 9.84
N GLY B 408 -10.92 1.23 9.14
CA GLY B 408 -10.88 0.81 7.76
C GLY B 408 -10.26 -0.56 7.73
N LEU B 409 -11.09 -1.57 7.52
CA LEU B 409 -10.64 -2.94 7.69
C LEU B 409 -9.89 -3.38 6.44
N ARG B 410 -10.45 -3.11 5.27
CA ARG B 410 -9.83 -3.43 3.99
C ARG B 410 -10.21 -2.34 3.03
N ARG B 411 -9.27 -1.89 2.18
CA ARG B 411 -9.61 -0.98 1.10
C ARG B 411 -9.16 -1.54 -0.25
N GLU B 412 -9.69 -0.95 -1.33
CA GLU B 412 -9.55 -1.54 -2.66
C GLU B 412 -8.17 -1.36 -3.28
N LEU B 413 -7.36 -0.43 -2.79
CA LEU B 413 -5.98 -0.36 -3.28
C LEU B 413 -5.05 0.19 -2.21
N ALA B 414 -3.95 -0.52 -1.96
CA ALA B 414 -2.89 0.01 -1.09
C ALA B 414 -1.94 0.86 -1.93
N GLU B 415 -1.14 1.69 -1.26
CA GLU B 415 -0.33 2.67 -1.99
C GLU B 415 -1.03 3.55 -3.02
N LEU B 416 -1.78 4.56 -2.57
CA LEU B 416 -1.88 5.78 -3.36
C LEU B 416 -0.52 6.47 -3.46
N PRO B 417 -0.34 7.38 -4.45
CA PRO B 417 0.97 8.01 -4.65
C PRO B 417 1.35 9.04 -3.60
N ASN B 418 0.52 10.06 -3.54
CA ASN B 418 0.61 11.21 -2.66
C ASN B 418 -0.69 11.93 -2.90
N VAL B 419 -1.42 12.19 -1.83
CA VAL B 419 -2.76 12.75 -1.94
C VAL B 419 -2.73 13.98 -2.86
N ALA B 420 -1.53 14.57 -3.03
CA ALA B 420 -1.37 15.79 -3.83
C ALA B 420 -1.73 15.60 -5.31
N TYR B 421 -1.46 14.42 -5.90
CA TYR B 421 -1.75 14.14 -7.31
C TYR B 421 -3.20 13.81 -7.56
N LEU B 422 -3.95 13.46 -6.52
CA LEU B 422 -5.37 13.16 -6.63
C LEU B 422 -6.14 14.47 -6.77
N SER B 423 -6.92 14.59 -7.83
CA SER B 423 -7.73 15.79 -8.03
C SER B 423 -9.01 15.73 -7.21
N ARG B 424 -9.38 16.87 -6.63
CA ARG B 424 -10.56 16.92 -5.77
C ARG B 424 -11.75 17.35 -6.61
N PRO B 425 -12.80 16.54 -6.68
CA PRO B 425 -13.90 16.82 -7.60
C PRO B 425 -14.73 17.98 -7.11
N ARG B 426 -15.02 18.90 -8.02
CA ARG B 426 -15.82 20.08 -7.74
C ARG B 426 -17.19 19.84 -8.36
N ALA B 427 -18.23 19.85 -7.52
CA ALA B 427 -19.59 19.51 -7.93
C ALA B 427 -20.28 20.74 -8.49
N GLU B 428 -20.92 20.58 -9.65
CA GLU B 428 -21.59 21.72 -10.25
C GLU B 428 -22.95 21.32 -10.81
N ARG B 429 -23.87 22.31 -10.82
CA ARG B 429 -25.19 22.20 -11.42
C ARG B 429 -25.11 23.02 -12.69
N LEU B 430 -24.65 22.40 -13.76
CA LEU B 430 -24.56 23.10 -15.04
C LEU B 430 -25.94 23.50 -15.54
N ASP B 431 -25.99 24.60 -16.26
CA ASP B 431 -27.25 25.03 -16.87
C ASP B 431 -27.41 24.20 -18.13
N GLY B 432 -28.44 23.38 -18.14
CA GLY B 432 -28.67 22.47 -19.22
C GLY B 432 -29.45 23.13 -20.32
N PRO B 433 -29.89 22.33 -21.26
CA PRO B 433 -30.45 22.87 -22.50
C PRO B 433 -31.53 23.91 -22.29
N PHE B 434 -32.62 23.54 -21.64
CA PHE B 434 -33.83 24.36 -21.63
C PHE B 434 -34.02 25.04 -20.29
N GLY B 435 -32.90 25.40 -19.67
CA GLY B 435 -32.82 25.86 -18.30
C GLY B 435 -32.84 24.77 -17.26
N ARG B 436 -32.78 23.51 -17.67
CA ARG B 436 -32.88 22.39 -16.74
C ARG B 436 -31.52 22.08 -16.12
N PRO B 437 -31.46 21.81 -14.81
CA PRO B 437 -30.17 21.51 -14.18
C PRO B 437 -29.57 20.20 -14.67
N VAL B 438 -28.26 20.19 -14.82
CA VAL B 438 -27.53 18.97 -15.20
C VAL B 438 -26.36 18.81 -14.25
N HIS B 439 -26.38 17.75 -13.44
CA HIS B 439 -25.38 17.56 -12.41
C HIS B 439 -24.07 16.97 -12.95
N ALA B 440 -22.95 17.49 -12.48
CA ALA B 440 -21.65 17.00 -12.92
C ALA B 440 -20.61 17.14 -11.81
N TYR B 441 -19.51 16.42 -11.99
CA TYR B 441 -18.31 16.57 -11.16
C TYR B 441 -17.17 16.94 -12.09
N VAL B 442 -16.42 17.98 -11.74
CA VAL B 442 -15.30 18.46 -12.56
C VAL B 442 -14.01 18.17 -11.83
N PHE B 443 -13.11 17.41 -12.46
CA PHE B 443 -11.79 17.17 -11.87
C PHE B 443 -10.76 17.91 -12.71
N PRO B 444 -10.20 19.00 -12.19
CA PRO B 444 -9.25 19.79 -12.95
C PRO B 444 -7.93 19.07 -13.11
N PRO B 445 -7.09 19.50 -14.05
CA PRO B 445 -5.72 18.96 -14.09
C PRO B 445 -4.95 19.37 -12.85
N THR B 446 -4.51 18.39 -12.07
CA THR B 446 -3.83 18.61 -10.80
C THR B 446 -2.56 17.79 -10.80
N ASN B 447 -1.44 18.45 -10.54
CA ASN B 447 -0.14 17.82 -10.41
C ASN B 447 0.80 18.78 -9.69
N PRO B 448 1.40 18.35 -8.58
CA PRO B 448 2.22 19.26 -7.77
C PRO B 448 3.60 19.52 -8.36
N GLU B 449 3.98 18.87 -9.44
CA GLU B 449 5.32 19.05 -9.97
C GLU B 449 5.27 19.45 -11.44
N ALA B 450 4.26 20.23 -11.82
CA ALA B 450 4.15 20.74 -13.18
C ALA B 450 3.00 21.74 -13.26
N ALA B 451 3.12 22.65 -14.22
CA ALA B 451 2.06 23.59 -14.51
C ALA B 451 2.23 24.04 -15.96
N ALA B 452 1.20 24.61 -16.50
CA ALA B 452 1.18 24.97 -17.90
C ALA B 452 1.48 26.45 -18.10
N PRO B 453 1.87 26.85 -19.32
CA PRO B 453 2.02 28.28 -19.62
C PRO B 453 0.70 29.02 -19.42
N GLU B 454 0.77 30.36 -19.41
CA GLU B 454 -0.41 31.14 -19.06
C GLU B 454 -1.51 31.00 -20.11
N GLY B 455 -1.21 31.32 -21.36
CA GLY B 455 -2.29 31.42 -22.32
C GLY B 455 -2.73 30.09 -22.88
N GLU B 456 -2.62 29.02 -22.09
CA GLU B 456 -3.04 27.70 -22.53
C GLU B 456 -4.28 27.30 -21.75
N LEU B 457 -5.17 26.61 -22.42
CA LEU B 457 -6.31 25.99 -21.78
C LEU B 457 -6.14 24.47 -21.85
N PRO B 458 -6.57 23.75 -20.82
CA PRO B 458 -6.31 22.31 -20.80
C PRO B 458 -7.35 21.57 -21.62
N PRO B 459 -6.98 20.45 -22.21
CA PRO B 459 -7.98 19.60 -22.87
C PRO B 459 -8.84 18.91 -21.83
N TYR B 460 -10.14 18.78 -22.11
CA TYR B 460 -11.03 18.05 -21.21
C TYR B 460 -11.75 16.91 -21.91
N VAL B 461 -12.11 15.92 -21.09
CA VAL B 461 -12.83 14.71 -21.49
C VAL B 461 -14.12 14.62 -20.67
N VAL B 462 -15.22 14.35 -21.35
CA VAL B 462 -16.50 14.05 -20.72
C VAL B 462 -16.64 12.55 -20.48
N PHE B 463 -16.83 12.16 -19.22
CA PHE B 463 -17.20 10.78 -18.91
C PHE B 463 -18.72 10.67 -18.88
N VAL B 464 -19.25 9.72 -19.66
CA VAL B 464 -20.67 9.42 -19.67
C VAL B 464 -20.88 8.06 -19.02
N HIS B 465 -21.47 8.04 -17.83
CA HIS B 465 -21.60 6.76 -17.14
C HIS B 465 -22.61 5.85 -17.81
N GLY B 466 -22.32 4.55 -17.83
CA GLY B 466 -23.10 3.58 -18.59
C GLY B 466 -24.36 3.18 -17.83
N GLY B 467 -25.15 2.27 -18.43
CA GLY B 467 -26.31 1.75 -17.73
C GLY B 467 -27.16 2.87 -17.18
N PRO B 468 -27.99 3.46 -18.00
CA PRO B 468 -28.55 4.78 -17.67
C PRO B 468 -28.98 4.98 -16.22
N THR B 469 -29.71 4.05 -15.59
CA THR B 469 -30.31 4.32 -14.28
C THR B 469 -29.32 4.08 -13.15
N GLY B 470 -28.30 4.93 -13.11
CA GLY B 470 -27.33 4.99 -12.03
C GLY B 470 -26.76 6.37 -11.82
N ARG B 471 -25.65 6.49 -11.09
CA ARG B 471 -24.91 7.75 -10.98
C ARG B 471 -23.45 7.47 -10.65
N VAL B 472 -22.63 8.51 -10.83
CA VAL B 472 -21.21 8.52 -10.46
C VAL B 472 -21.01 9.26 -9.14
N SER B 473 -20.07 8.78 -8.32
CA SER B 473 -19.78 9.39 -7.02
C SER B 473 -18.39 10.01 -7.00
N THR B 474 -18.09 10.65 -5.87
CA THR B 474 -16.80 11.28 -5.63
C THR B 474 -15.72 10.28 -5.22
N VAL B 475 -16.10 9.02 -4.98
CA VAL B 475 -15.15 8.02 -4.50
C VAL B 475 -13.99 7.88 -5.48
N LEU B 476 -12.78 7.78 -4.92
CA LEU B 476 -11.56 7.88 -5.71
C LEU B 476 -11.50 6.83 -6.81
N ASP B 477 -11.31 7.29 -8.04
CA ASP B 477 -11.26 6.43 -9.23
C ASP B 477 -9.95 6.68 -9.96
N LEU B 478 -9.01 5.73 -9.86
CA LEU B 478 -7.76 5.91 -10.57
C LEU B 478 -7.92 6.15 -12.06
N GLU B 479 -9.03 5.73 -12.68
CA GLU B 479 -9.15 5.94 -14.11
C GLU B 479 -9.23 7.42 -14.47
N ARG B 480 -9.84 8.23 -13.60
CA ARG B 480 -9.88 9.68 -13.77
C ARG B 480 -8.54 10.33 -13.41
N VAL B 481 -7.93 9.88 -12.32
CA VAL B 481 -6.61 10.40 -11.93
C VAL B 481 -5.59 10.18 -13.04
N TYR B 482 -5.68 9.04 -13.73
CA TYR B 482 -4.74 8.75 -14.81
C TYR B 482 -4.71 9.86 -15.85
N PHE B 483 -5.82 10.57 -16.05
CA PHE B 483 -5.83 11.71 -16.96
C PHE B 483 -5.52 13.02 -16.24
N THR B 484 -6.15 13.27 -15.09
CA THR B 484 -5.95 14.56 -14.42
C THR B 484 -4.49 14.80 -14.05
N SER B 485 -3.83 13.77 -13.53
CA SER B 485 -2.41 13.88 -13.21
C SER B 485 -1.56 14.27 -14.41
N ARG B 486 -2.00 13.91 -15.63
CA ARG B 486 -1.25 14.17 -16.85
C ARG B 486 -1.57 15.51 -17.49
N GLY B 487 -2.39 16.35 -16.87
CA GLY B 487 -2.74 17.63 -17.44
C GLY B 487 -4.00 17.60 -18.27
N ILE B 488 -4.80 16.54 -18.15
CA ILE B 488 -6.01 16.34 -18.91
C ILE B 488 -7.17 16.38 -17.93
N GLY B 489 -8.07 17.35 -18.13
CA GLY B 489 -9.20 17.50 -17.23
C GLY B 489 -10.33 16.52 -17.52
N VAL B 490 -11.13 16.26 -16.49
CA VAL B 490 -12.23 15.33 -16.59
C VAL B 490 -13.51 15.98 -16.08
N ILE B 491 -14.64 15.69 -16.73
CA ILE B 491 -15.94 16.12 -16.24
C ILE B 491 -16.85 14.91 -16.38
N ASP B 492 -17.30 14.38 -15.25
CA ASP B 492 -18.10 13.16 -15.20
C ASP B 492 -19.55 13.58 -14.98
N VAL B 493 -20.43 13.23 -15.93
CA VAL B 493 -21.77 13.84 -16.01
C VAL B 493 -22.83 12.87 -15.48
N ASN B 494 -23.55 13.30 -14.43
CA ASN B 494 -24.73 12.58 -13.91
C ASN B 494 -25.94 13.07 -14.71
N TYR B 495 -26.02 12.62 -15.95
CA TYR B 495 -27.01 13.14 -16.89
C TYR B 495 -28.44 12.80 -16.44
N GLY B 496 -29.41 13.39 -17.13
CA GLY B 496 -30.81 13.08 -16.88
C GLY B 496 -31.10 11.60 -16.88
N GLY B 497 -31.94 11.13 -15.97
CA GLY B 497 -32.11 9.72 -15.74
C GLY B 497 -31.25 9.14 -14.63
N SER B 498 -30.18 9.84 -14.26
CA SER B 498 -29.34 9.44 -13.13
C SER B 498 -30.14 9.37 -11.85
N THR B 499 -29.70 8.51 -10.96
CA THR B 499 -30.33 8.36 -9.67
C THR B 499 -29.67 9.30 -8.67
N GLY B 500 -30.25 9.38 -7.48
CA GLY B 500 -29.64 10.18 -6.44
C GLY B 500 -30.06 11.63 -6.43
N TYR B 501 -30.85 12.07 -7.40
CA TYR B 501 -31.24 13.47 -7.47
C TYR B 501 -32.76 13.65 -7.48
N GLY B 502 -33.52 12.66 -7.04
CA GLY B 502 -34.95 12.76 -6.99
C GLY B 502 -35.62 11.93 -8.08
N ARG B 503 -36.90 11.66 -7.87
CA ARG B 503 -37.62 10.86 -8.85
C ARG B 503 -37.80 11.63 -10.15
N ALA B 504 -38.09 12.93 -10.05
CA ALA B 504 -38.23 13.73 -11.26
C ALA B 504 -36.98 13.66 -12.14
N TYR B 505 -35.81 13.84 -11.53
CA TYR B 505 -34.57 13.84 -12.29
C TYR B 505 -34.39 12.53 -13.02
N ARG B 506 -34.79 11.44 -12.39
CA ARG B 506 -34.64 10.12 -12.99
C ARG B 506 -35.63 9.94 -14.12
N GLU B 507 -36.82 10.52 -13.98
CA GLU B 507 -37.81 10.39 -15.04
C GLU B 507 -37.55 11.33 -16.21
N ARG B 508 -36.60 12.25 -16.06
CA ARG B 508 -36.26 13.12 -17.20
C ARG B 508 -35.79 12.35 -18.43
N LEU B 509 -35.49 11.06 -18.28
CA LEU B 509 -34.90 10.28 -19.35
C LEU B 509 -35.90 9.35 -20.02
N ARG B 510 -37.14 9.30 -19.53
CA ARG B 510 -38.13 8.34 -20.02
C ARG B 510 -38.50 8.57 -21.48
N ARG B 511 -38.31 7.53 -22.28
CA ARG B 511 -38.57 7.57 -23.71
C ARG B 511 -37.87 8.76 -24.36
N GLN B 512 -36.86 9.31 -23.68
CA GLN B 512 -35.94 10.32 -24.19
C GLN B 512 -34.51 9.83 -24.33
N TRP B 513 -34.28 8.53 -24.33
CA TRP B 513 -32.91 8.02 -24.43
C TRP B 513 -32.38 8.23 -25.85
N GLY B 514 -31.14 8.69 -25.95
CA GLY B 514 -30.60 9.19 -27.19
C GLY B 514 -30.96 10.65 -27.46
N VAL B 515 -31.63 11.31 -26.52
CA VAL B 515 -31.98 12.72 -26.63
C VAL B 515 -31.51 13.48 -25.40
N VAL B 516 -32.04 13.11 -24.24
CA VAL B 516 -31.73 13.83 -23.00
C VAL B 516 -30.29 13.62 -22.57
N ASP B 517 -29.79 12.38 -22.60
CA ASP B 517 -28.39 12.12 -22.24
C ASP B 517 -27.42 12.85 -23.17
N VAL B 518 -27.67 12.78 -24.47
CA VAL B 518 -26.80 13.45 -25.44
C VAL B 518 -26.79 14.95 -25.18
N GLU B 519 -27.99 15.54 -25.03
CA GLU B 519 -28.11 16.97 -24.75
C GLU B 519 -27.40 17.39 -23.46
N ASP B 520 -27.56 16.63 -22.38
CA ASP B 520 -26.93 17.02 -21.11
C ASP B 520 -25.41 16.89 -21.17
N ALA B 521 -24.90 15.85 -21.84
CA ALA B 521 -23.45 15.73 -22.01
C ALA B 521 -22.87 16.87 -22.83
N ILE B 522 -23.48 17.15 -23.98
CA ILE B 522 -23.04 18.28 -24.81
C ILE B 522 -23.11 19.58 -24.01
N ALA B 523 -24.15 19.73 -23.18
CA ALA B 523 -24.31 20.94 -22.38
C ALA B 523 -23.19 21.08 -21.35
N ALA B 524 -22.79 19.96 -20.74
CA ALA B 524 -21.68 20.00 -19.80
C ALA B 524 -20.41 20.48 -20.49
N ALA B 525 -20.09 19.89 -21.65
CA ALA B 525 -18.90 20.34 -22.36
C ALA B 525 -19.00 21.81 -22.72
N GLN B 526 -20.19 22.25 -23.16
CA GLN B 526 -20.34 23.64 -23.57
C GLN B 526 -20.22 24.58 -22.37
N ALA B 527 -20.61 24.11 -21.18
CA ALA B 527 -20.43 24.92 -19.97
C ALA B 527 -18.95 25.07 -19.63
N LEU B 528 -18.19 23.98 -19.74
CA LEU B 528 -16.76 24.10 -19.49
C LEU B 528 -16.10 25.03 -20.49
N VAL B 529 -16.58 25.05 -21.73
CA VAL B 529 -16.00 25.95 -22.73
C VAL B 529 -16.40 27.40 -22.46
N ASP B 530 -17.69 27.66 -22.29
CA ASP B 530 -18.15 29.03 -22.08
C ASP B 530 -17.54 29.63 -20.82
N GLY B 531 -17.21 28.80 -19.85
CA GLY B 531 -16.64 29.25 -18.60
C GLY B 531 -15.14 29.41 -18.64
N GLY B 532 -14.53 29.39 -19.82
CA GLY B 532 -13.10 29.61 -19.95
C GLY B 532 -12.23 28.53 -19.35
N ILE B 533 -12.83 27.42 -18.91
CA ILE B 533 -12.10 26.39 -18.20
C ILE B 533 -11.34 25.48 -19.16
N ALA B 534 -12.01 25.04 -20.22
CA ALA B 534 -11.49 24.02 -21.10
C ALA B 534 -11.09 24.61 -22.45
N ASP B 535 -10.15 23.94 -23.10
CA ASP B 535 -9.79 24.30 -24.47
C ASP B 535 -10.93 23.90 -25.40
N PRO B 536 -11.61 24.85 -26.02
CA PRO B 536 -12.78 24.50 -26.85
C PRO B 536 -12.43 23.70 -28.09
N ALA B 537 -11.18 23.76 -28.53
CA ALA B 537 -10.72 23.01 -29.69
C ALA B 537 -10.17 21.64 -29.33
N ARG B 538 -10.11 21.31 -28.02
CA ARG B 538 -9.68 19.99 -27.55
C ARG B 538 -10.69 19.47 -26.51
N LEU B 539 -11.76 18.83 -26.98
CA LEU B 539 -12.74 18.19 -26.10
C LEU B 539 -13.02 16.77 -26.59
N ALA B 540 -13.16 15.83 -25.64
CA ALA B 540 -13.46 14.44 -25.96
C ALA B 540 -14.64 13.89 -25.18
N ILE B 541 -15.19 12.76 -25.64
CA ILE B 541 -16.19 11.99 -24.90
C ILE B 541 -15.75 10.53 -24.80
N ARG B 542 -16.11 9.88 -23.69
CA ARG B 542 -15.88 8.46 -23.54
C ARG B 542 -16.98 7.86 -22.66
N GLY B 543 -17.26 6.57 -22.87
CA GLY B 543 -18.29 5.91 -22.08
C GLY B 543 -18.27 4.41 -22.24
N GLY B 544 -18.93 3.74 -21.29
CA GLY B 544 -19.12 2.29 -21.32
C GLY B 544 -20.40 1.86 -22.03
N SER B 545 -21.06 0.80 -21.56
CA SER B 545 -22.09 0.14 -22.35
C SER B 545 -23.17 1.11 -22.84
N ALA B 546 -23.92 1.66 -21.91
CA ALA B 546 -24.83 2.72 -22.32
C ALA B 546 -24.10 4.04 -22.51
N GLY B 547 -22.95 4.20 -21.85
CA GLY B 547 -22.11 5.37 -22.09
C GLY B 547 -21.58 5.39 -23.50
N GLY B 548 -21.38 4.21 -24.09
CA GLY B 548 -21.03 4.15 -25.50
C GLY B 548 -22.19 4.54 -26.39
N TRP B 549 -23.39 4.09 -26.05
CA TRP B 549 -24.57 4.60 -26.74
C TRP B 549 -24.56 6.11 -26.76
N THR B 550 -24.36 6.70 -25.59
CA THR B 550 -24.40 8.15 -25.46
C THR B 550 -23.27 8.82 -26.26
N THR B 551 -22.06 8.26 -26.21
CA THR B 551 -20.94 8.84 -26.95
C THR B 551 -21.15 8.76 -28.47
N LEU B 552 -21.63 7.63 -28.97
CA LEU B 552 -21.85 7.49 -30.41
C LEU B 552 -23.01 8.36 -30.88
N ALA B 553 -24.07 8.47 -30.08
CA ALA B 553 -25.15 9.39 -30.39
C ALA B 553 -24.64 10.83 -30.48
N ALA B 554 -23.87 11.25 -29.48
CA ALA B 554 -23.29 12.59 -29.51
C ALA B 554 -22.43 12.80 -30.75
N ILE B 555 -21.50 11.86 -31.00
CA ILE B 555 -20.64 11.96 -32.18
C ILE B 555 -21.48 12.24 -33.42
N THR B 556 -22.56 11.48 -33.60
CA THR B 556 -23.32 11.62 -34.84
C THR B 556 -24.28 12.81 -34.83
N GLN B 557 -24.38 13.56 -33.72
CA GLN B 557 -25.28 14.71 -33.69
C GLN B 557 -24.62 16.09 -33.54
N THR B 558 -23.32 16.19 -33.26
CA THR B 558 -22.69 17.51 -33.03
C THR B 558 -21.20 17.49 -33.37
N ASP B 559 -20.56 18.69 -33.29
CA ASP B 559 -19.14 18.84 -33.58
C ASP B 559 -18.40 19.58 -32.45
N VAL B 560 -19.00 19.67 -31.27
CA VAL B 560 -18.32 20.31 -30.15
C VAL B 560 -17.14 19.46 -29.70
N PHE B 561 -17.23 18.14 -29.84
CA PHE B 561 -16.17 17.23 -29.43
C PHE B 561 -15.26 16.94 -30.61
N LYS B 562 -13.96 16.91 -30.34
CA LYS B 562 -12.96 16.67 -31.37
C LYS B 562 -12.34 15.27 -31.31
N ALA B 563 -12.79 14.39 -30.41
CA ALA B 563 -12.30 13.02 -30.27
C ALA B 563 -13.25 12.22 -29.37
N ALA B 564 -13.31 10.90 -29.60
CA ALA B 564 -14.25 10.06 -28.86
C ALA B 564 -13.76 8.62 -28.70
N THR B 565 -14.07 8.02 -27.54
CA THR B 565 -13.75 6.62 -27.22
C THR B 565 -15.03 5.89 -26.82
N SER B 566 -15.31 4.76 -27.47
CA SER B 566 -16.46 3.93 -27.14
C SER B 566 -15.96 2.58 -26.66
N TYR B 567 -16.13 2.32 -25.36
CA TYR B 567 -15.86 0.99 -24.81
C TYR B 567 -17.10 0.16 -25.04
N PHE B 568 -17.07 -0.67 -26.07
CA PHE B 568 -18.16 -1.60 -26.37
C PHE B 568 -19.51 -0.93 -26.11
N GLY B 569 -19.77 0.11 -26.88
CA GLY B 569 -21.03 0.80 -26.76
C GLY B 569 -22.12 0.15 -27.57
N ILE B 570 -23.33 0.64 -27.40
CA ILE B 570 -24.47 0.14 -28.15
C ILE B 570 -24.64 0.99 -29.40
N SER B 571 -24.88 0.32 -30.53
CA SER B 571 -25.05 1.04 -31.79
C SER B 571 -26.33 0.69 -32.52
N ASP B 572 -26.86 -0.53 -32.35
CA ASP B 572 -28.14 -0.92 -32.94
C ASP B 572 -29.09 -1.48 -31.88
N LEU B 573 -30.25 -0.85 -31.75
CA LEU B 573 -31.20 -1.17 -30.68
C LEU B 573 -32.07 -2.39 -30.99
N GLN B 574 -32.53 -2.51 -32.24
CA GLN B 574 -33.46 -3.57 -32.58
C GLN B 574 -32.79 -4.94 -32.48
N SER B 575 -31.63 -5.11 -33.11
CA SER B 575 -30.86 -6.34 -32.96
C SER B 575 -30.47 -6.59 -31.50
N PHE B 576 -30.31 -5.52 -30.73
CA PHE B 576 -29.93 -5.59 -29.31
C PHE B 576 -31.00 -6.26 -28.46
N ALA B 577 -32.28 -5.89 -28.65
CA ALA B 577 -33.36 -6.39 -27.80
C ALA B 577 -33.44 -7.91 -27.81
N GLU B 578 -33.13 -8.55 -28.93
CA GLU B 578 -33.20 -10.00 -29.05
C GLU B 578 -32.06 -10.72 -28.36
N ALA B 579 -30.99 -10.01 -28.01
CA ALA B 579 -29.84 -10.64 -27.39
C ALA B 579 -29.75 -10.40 -25.88
N THR B 580 -30.46 -9.41 -25.34
CA THR B 580 -30.25 -9.10 -23.92
C THR B 580 -30.98 -10.11 -23.03
N HIS B 581 -30.64 -10.07 -21.73
CA HIS B 581 -31.20 -10.99 -20.74
C HIS B 581 -32.54 -10.45 -20.20
N ASP B 582 -33.16 -11.21 -19.28
CA ASP B 582 -34.55 -11.00 -18.92
C ASP B 582 -34.75 -9.71 -18.12
N PHE B 583 -33.98 -9.52 -17.04
CA PHE B 583 -34.19 -8.40 -16.14
C PHE B 583 -34.25 -7.06 -16.89
N GLU B 584 -33.61 -7.00 -18.06
CA GLU B 584 -33.56 -5.80 -18.87
C GLU B 584 -34.28 -5.96 -20.21
N SER B 585 -35.09 -7.00 -20.37
CA SER B 585 -35.66 -7.32 -21.67
C SER B 585 -36.80 -6.38 -22.05
N GLN B 586 -37.27 -5.57 -21.11
CA GLN B 586 -38.24 -4.51 -21.37
C GLN B 586 -37.72 -3.17 -20.87
N TYR B 587 -36.43 -3.07 -20.59
CA TYR B 587 -35.86 -1.79 -20.24
C TYR B 587 -36.06 -0.75 -21.35
N LEU B 588 -35.85 -1.15 -22.62
CA LEU B 588 -36.05 -0.23 -23.73
C LEU B 588 -37.50 0.22 -23.85
N PHE B 589 -38.44 -0.66 -23.49
CA PHE B 589 -39.85 -0.35 -23.32
C PHE B 589 -39.99 1.00 -22.63
N GLY B 590 -39.10 1.29 -21.68
CA GLY B 590 -39.14 2.54 -20.96
C GLY B 590 -38.11 3.59 -21.36
N LEU B 591 -36.97 3.16 -21.92
CA LEU B 591 -35.95 4.14 -22.31
C LEU B 591 -36.30 4.82 -23.63
N ILE B 592 -36.88 4.09 -24.58
CA ILE B 592 -37.31 4.65 -25.85
C ILE B 592 -38.82 4.55 -26.02
N GLY B 593 -39.39 3.38 -25.72
CA GLY B 593 -40.83 3.26 -25.72
C GLY B 593 -41.40 1.90 -26.05
N PRO B 594 -42.69 1.72 -25.74
CA PRO B 594 -43.36 0.44 -26.01
C PRO B 594 -43.25 0.12 -27.49
N LEU B 595 -43.13 -1.19 -27.78
CA LEU B 595 -42.46 -1.64 -29.00
C LEU B 595 -43.23 -1.67 -30.32
N PRO B 596 -44.44 -2.24 -30.41
CA PRO B 596 -45.14 -2.14 -31.71
C PRO B 596 -45.13 -0.70 -32.23
N GLY B 597 -45.32 0.27 -31.34
CA GLY B 597 -45.48 1.66 -31.74
C GLY B 597 -44.22 2.42 -32.09
N PHE B 598 -43.10 2.05 -31.49
CA PHE B 598 -41.85 2.79 -31.67
C PHE B 598 -40.83 2.06 -32.54
N GLU B 599 -41.27 1.16 -33.42
CA GLU B 599 -40.31 0.52 -34.32
C GLU B 599 -39.40 1.59 -34.85
N ARG B 600 -40.02 2.66 -35.35
CA ARG B 600 -39.27 3.70 -36.04
C ARG B 600 -38.35 4.46 -35.10
N ALA B 601 -38.67 4.51 -33.79
CA ALA B 601 -37.74 5.16 -32.86
C ALA B 601 -36.53 4.27 -32.60
N TYR B 602 -36.75 2.97 -32.38
CA TYR B 602 -35.61 2.06 -32.26
C TYR B 602 -34.73 2.13 -33.49
N GLU B 603 -35.33 2.25 -34.67
CA GLU B 603 -34.52 2.33 -35.89
C GLU B 603 -33.76 3.65 -35.96
N GLU B 604 -34.47 4.77 -35.79
CA GLU B 604 -33.89 6.08 -36.02
C GLU B 604 -32.87 6.52 -34.97
N ARG B 605 -33.05 6.14 -33.71
CA ARG B 605 -32.15 6.69 -32.70
C ARG B 605 -30.79 6.02 -32.68
N SER B 606 -30.65 4.87 -33.32
CA SER B 606 -29.40 4.12 -33.28
C SER B 606 -28.29 4.91 -33.93
N PRO B 607 -27.17 5.15 -33.26
CA PRO B 607 -26.07 5.89 -33.91
C PRO B 607 -25.61 5.19 -35.17
N LEU B 608 -25.70 3.86 -35.17
CA LEU B 608 -25.30 3.08 -36.33
C LEU B 608 -26.04 3.52 -37.59
N ARG B 609 -27.31 3.93 -37.46
CA ARG B 609 -28.08 4.29 -38.65
C ARG B 609 -27.62 5.60 -39.25
N HIS B 610 -26.97 6.47 -38.46
CA HIS B 610 -26.50 7.75 -38.93
C HIS B 610 -24.99 7.88 -38.84
N ALA B 611 -24.29 6.75 -38.86
CA ALA B 611 -22.84 6.75 -38.65
C ALA B 611 -22.13 7.78 -39.51
N ASP B 612 -22.66 8.08 -40.69
CA ASP B 612 -21.97 8.95 -41.64
C ASP B 612 -21.86 10.40 -41.18
N ARG B 613 -22.70 10.84 -40.23
CA ARG B 613 -22.62 12.19 -39.65
C ARG B 613 -21.48 12.36 -38.65
N THR B 614 -20.69 11.32 -38.38
CA THR B 614 -19.64 11.39 -37.37
C THR B 614 -18.65 12.51 -37.63
N ALA B 615 -18.40 13.31 -36.58
CA ALA B 615 -17.69 14.57 -36.68
C ALA B 615 -16.20 14.46 -36.38
N CYS B 616 -15.76 13.42 -35.68
CA CYS B 616 -14.41 13.40 -35.14
C CYS B 616 -13.88 11.98 -35.18
N PRO B 617 -12.57 11.81 -35.01
CA PRO B 617 -12.02 10.45 -34.95
C PRO B 617 -12.65 9.66 -33.81
N VAL B 618 -12.70 8.36 -34.00
CA VAL B 618 -13.34 7.45 -33.06
C VAL B 618 -12.38 6.32 -32.70
N LEU B 619 -12.40 5.94 -31.42
CA LEU B 619 -11.63 4.80 -30.90
C LEU B 619 -12.63 3.81 -30.33
N LEU B 620 -12.78 2.68 -30.98
CA LEU B 620 -13.73 1.66 -30.56
C LEU B 620 -12.95 0.54 -29.88
N LEU B 621 -13.46 0.04 -28.77
CA LEU B 621 -12.81 -1.06 -28.06
C LEU B 621 -13.82 -2.18 -27.90
N GLN B 622 -13.43 -3.39 -28.29
CA GLN B 622 -14.41 -4.47 -28.37
C GLN B 622 -13.84 -5.79 -27.89
N GLY B 623 -14.57 -6.44 -26.99
CA GLY B 623 -14.30 -7.82 -26.63
C GLY B 623 -14.91 -8.78 -27.64
N LEU B 624 -14.12 -9.77 -28.07
CA LEU B 624 -14.55 -10.71 -29.10
C LEU B 624 -15.49 -11.79 -28.58
N ASN B 625 -15.68 -11.88 -27.27
CA ASN B 625 -16.63 -12.81 -26.68
C ASN B 625 -17.80 -12.05 -26.05
N ASP B 626 -18.13 -10.90 -26.64
CA ASP B 626 -19.16 -9.98 -26.14
C ASP B 626 -20.54 -10.46 -26.56
N PRO B 627 -21.41 -10.83 -25.61
CA PRO B 627 -22.78 -11.21 -25.99
C PRO B 627 -23.74 -10.03 -26.14
N VAL B 628 -23.36 -8.83 -25.71
CA VAL B 628 -24.27 -7.68 -25.80
C VAL B 628 -23.96 -6.92 -27.08
N VAL B 629 -22.73 -6.42 -27.22
CA VAL B 629 -22.37 -5.72 -28.45
C VAL B 629 -21.48 -6.60 -29.32
N PRO B 630 -22.06 -7.38 -30.24
CA PRO B 630 -21.23 -8.19 -31.12
C PRO B 630 -20.28 -7.31 -31.89
N PRO B 631 -19.04 -7.73 -32.14
CA PRO B 631 -18.12 -6.85 -32.87
C PRO B 631 -18.62 -6.50 -34.26
N ASP B 632 -19.65 -7.19 -34.78
CA ASP B 632 -20.26 -6.76 -36.03
C ASP B 632 -20.82 -5.36 -35.91
N GLN B 633 -21.49 -5.06 -34.80
CA GLN B 633 -22.05 -3.74 -34.58
C GLN B 633 -20.94 -2.69 -34.71
N SER B 634 -19.84 -2.91 -33.99
CA SER B 634 -18.70 -2.00 -34.04
C SER B 634 -18.04 -1.99 -35.42
N GLU B 635 -18.03 -3.11 -36.14
CA GLU B 635 -17.37 -3.12 -37.44
C GLU B 635 -18.22 -2.40 -38.50
N ARG B 636 -19.55 -2.55 -38.45
CA ARG B 636 -20.41 -1.68 -39.25
C ARG B 636 -19.96 -0.23 -39.09
N PHE B 637 -19.71 0.17 -37.84
CA PHE B 637 -19.47 1.57 -37.54
C PHE B 637 -18.10 1.99 -38.07
N ALA B 638 -17.11 1.10 -37.93
CA ALA B 638 -15.79 1.36 -38.48
C ALA B 638 -15.85 1.46 -40.00
N LEU B 639 -16.66 0.61 -40.64
CA LEU B 639 -16.79 0.68 -42.09
C LEU B 639 -17.42 1.99 -42.52
N ALA B 640 -18.34 2.52 -41.72
CA ALA B 640 -18.94 3.80 -42.09
C ALA B 640 -17.95 4.94 -41.93
N LEU B 641 -17.10 4.89 -40.90
CA LEU B 641 -16.07 5.93 -40.79
C LEU B 641 -14.96 5.76 -41.82
N ALA B 642 -14.79 4.55 -42.38
CA ALA B 642 -13.76 4.33 -43.38
C ALA B 642 -14.24 4.75 -44.78
N ASP B 643 -15.51 4.46 -45.11
CA ASP B 643 -16.05 4.93 -46.38
C ASP B 643 -16.37 6.42 -46.34
N LYS B 644 -16.61 6.98 -45.16
CA LYS B 644 -16.56 8.43 -44.97
C LYS B 644 -15.16 8.95 -44.71
N LYS B 645 -14.14 8.09 -44.91
CA LYS B 645 -12.73 8.46 -44.86
C LYS B 645 -12.37 9.20 -43.56
N MET B 646 -13.06 8.84 -42.47
CA MET B 646 -12.74 9.37 -41.15
C MET B 646 -11.72 8.49 -40.45
N PRO B 647 -10.75 9.14 -39.80
CA PRO B 647 -9.67 8.39 -39.17
C PRO B 647 -10.26 7.73 -37.94
N TYR B 648 -10.22 6.40 -37.92
CA TYR B 648 -10.76 5.67 -36.81
C TYR B 648 -9.71 4.69 -36.34
N ALA B 649 -9.98 4.05 -35.21
CA ALA B 649 -9.15 2.95 -34.76
C ALA B 649 -10.03 1.98 -34.00
N TYR B 650 -9.98 0.72 -34.42
CA TYR B 650 -10.89 -0.30 -33.91
C TYR B 650 -10.01 -1.39 -33.32
N LEU B 651 -10.05 -1.52 -32.00
CA LEU B 651 -9.19 -2.43 -31.26
C LEU B 651 -10.03 -3.59 -30.74
N THR B 652 -9.55 -4.79 -31.01
CA THR B 652 -10.21 -6.02 -30.64
C THR B 652 -9.39 -6.74 -29.59
N PHE B 653 -10.06 -7.31 -28.59
CA PHE B 653 -9.38 -8.00 -27.51
C PHE B 653 -9.93 -9.41 -27.41
N GLU B 654 -9.04 -10.41 -27.50
CA GLU B 654 -9.44 -11.80 -27.49
C GLU B 654 -9.69 -12.28 -26.07
N GLY B 655 -10.68 -13.16 -25.93
CA GLY B 655 -11.02 -13.73 -24.65
C GLY B 655 -11.67 -12.76 -23.70
N GLU B 656 -12.29 -11.70 -24.23
CA GLU B 656 -12.89 -10.65 -23.40
C GLU B 656 -14.36 -10.52 -23.78
N SER B 657 -15.24 -10.52 -22.79
CA SER B 657 -16.67 -10.36 -23.03
C SER B 657 -17.08 -8.88 -22.88
N HIS B 658 -18.37 -8.63 -22.71
CA HIS B 658 -18.91 -7.29 -22.45
C HIS B 658 -18.43 -6.80 -21.08
N GLY B 659 -17.50 -5.84 -21.09
CA GLY B 659 -16.84 -5.35 -19.89
C GLY B 659 -15.52 -6.05 -19.68
N PHE B 660 -14.44 -5.27 -19.51
CA PHE B 660 -13.09 -5.83 -19.56
C PHE B 660 -12.65 -6.35 -18.21
N ARG B 661 -12.02 -7.52 -18.23
CA ARG B 661 -11.68 -8.26 -17.03
C ARG B 661 -10.19 -8.61 -16.93
N LYS B 662 -9.45 -8.57 -18.03
CA LYS B 662 -8.03 -8.87 -18.03
C LYS B 662 -7.25 -7.59 -17.73
N ALA B 663 -6.33 -7.66 -16.77
CA ALA B 663 -5.52 -6.48 -16.46
C ALA B 663 -4.78 -5.98 -17.69
N GLY B 664 -4.26 -6.91 -18.49
CA GLY B 664 -3.56 -6.53 -19.71
C GLY B 664 -4.47 -5.83 -20.70
N THR B 665 -5.71 -6.30 -20.81
CA THR B 665 -6.68 -5.63 -21.69
C THR B 665 -6.88 -4.19 -21.23
N VAL B 666 -7.07 -4.00 -19.92
CA VAL B 666 -7.25 -2.66 -19.37
C VAL B 666 -6.04 -1.79 -19.69
N VAL B 667 -4.84 -2.33 -19.50
CA VAL B 667 -3.63 -1.57 -19.77
C VAL B 667 -3.57 -1.15 -21.23
N ARG B 668 -3.69 -2.13 -22.12
CA ARG B 668 -3.56 -1.87 -23.55
C ARG B 668 -4.55 -0.79 -23.96
N SER B 669 -5.82 -0.93 -23.56
CA SER B 669 -6.85 0.01 -23.99
C SER B 669 -6.69 1.38 -23.34
N LEU B 670 -6.23 1.46 -22.09
CA LEU B 670 -6.07 2.75 -21.43
C LEU B 670 -4.93 3.55 -22.03
N GLU B 671 -3.79 2.90 -22.28
CA GLU B 671 -2.69 3.55 -23.00
C GLU B 671 -3.10 3.91 -24.43
N ALA B 672 -3.89 3.05 -25.07
CA ALA B 672 -4.41 3.39 -26.39
C ALA B 672 -5.22 4.66 -26.33
N GLU B 673 -6.09 4.77 -25.32
CA GLU B 673 -6.95 5.93 -25.21
C GLU B 673 -6.13 7.19 -24.99
N LEU B 674 -5.11 7.11 -24.13
CA LEU B 674 -4.26 8.28 -23.90
C LEU B 674 -3.55 8.70 -25.18
N ALA B 675 -2.89 7.77 -25.85
CA ALA B 675 -2.17 8.13 -27.07
C ALA B 675 -3.12 8.66 -28.14
N PHE B 676 -4.32 8.09 -28.22
CA PHE B 676 -5.29 8.53 -29.21
C PHE B 676 -5.71 9.97 -28.97
N TYR B 677 -6.02 10.31 -27.71
CA TYR B 677 -6.26 11.71 -27.40
C TYR B 677 -5.04 12.55 -27.77
N GLY B 678 -3.85 11.99 -27.60
CA GLY B 678 -2.65 12.70 -27.98
C GLY B 678 -2.63 13.11 -29.45
N GLN B 679 -2.94 12.17 -30.36
CA GLN B 679 -2.78 12.55 -31.76
C GLN B 679 -3.89 13.47 -32.23
N THR B 680 -5.11 13.22 -31.78
CA THR B 680 -6.28 13.98 -32.22
C THR B 680 -6.33 15.34 -31.54
N LEU B 681 -6.09 16.42 -32.33
CA LEU B 681 -6.13 17.78 -31.83
C LEU B 681 -5.50 17.79 -30.43
N GLY B 682 -4.22 17.47 -30.38
CA GLY B 682 -3.67 16.86 -29.22
C GLY B 682 -2.40 17.52 -28.69
N PHE B 683 -1.63 16.66 -28.05
CA PHE B 683 -0.38 16.91 -27.37
C PHE B 683 0.47 15.64 -27.47
N GLU B 684 1.64 15.67 -26.85
CA GLU B 684 2.53 14.52 -26.84
C GLU B 684 2.58 13.94 -25.44
N PRO B 685 1.86 12.85 -25.17
CA PRO B 685 1.77 12.34 -23.80
C PRO B 685 2.98 11.48 -23.47
N ARG B 686 3.58 11.75 -22.32
CA ARG B 686 4.78 11.03 -21.92
C ARG B 686 4.49 9.53 -21.80
N GLY B 687 5.36 8.72 -22.39
CA GLY B 687 5.38 7.29 -22.12
C GLY B 687 4.46 6.40 -22.92
N VAL B 688 3.96 6.84 -24.08
CA VAL B 688 3.11 5.97 -24.90
C VAL B 688 3.24 6.36 -26.36
N GLU B 689 3.34 5.33 -27.26
CA GLU B 689 3.38 5.79 -28.65
C GLU B 689 2.02 5.68 -29.31
N PRO B 690 1.80 6.55 -30.28
CA PRO B 690 0.49 6.64 -30.94
C PRO B 690 0.23 5.46 -31.86
N ILE B 691 -1.05 5.26 -32.17
CA ILE B 691 -1.49 4.14 -33.01
C ILE B 691 -1.78 4.64 -34.43
N ASN B 692 -1.55 3.76 -35.41
CA ASN B 692 -1.91 4.11 -36.78
C ASN B 692 -3.40 4.37 -36.90
N LEU B 693 -3.76 5.63 -37.14
CA LEU B 693 -5.11 5.96 -37.51
C LEU B 693 -5.39 5.43 -38.92
N THR B 694 -6.63 4.98 -39.15
CA THR B 694 -6.96 4.26 -40.36
C THR B 694 -7.72 5.19 -41.31
N VAL B 695 -7.62 4.92 -42.60
CA VAL B 695 -8.35 5.71 -43.59
C VAL B 695 -8.70 4.87 -44.84
#